data_8F6Z
#
_entry.id   8F6Z
#
_cell.length_a   1.00
_cell.length_b   1.00
_cell.length_c   1.00
_cell.angle_alpha   90.00
_cell.angle_beta   90.00
_cell.angle_gamma   90.00
#
_symmetry.space_group_name_H-M   'P 1'
#
loop_
_entity.id
_entity.type
_entity.pdbx_description
1 polymer 'Acetylcholine receptor subunit alpha'
2 polymer 'Acetylcholine receptor subunit delta'
3 polymer 'Acetylcholine receptor subunit beta'
4 polymer 'Acetylcholine receptor subunit gamma'
5 branched alpha-D-mannopyranose-(1-6)-alpha-D-mannopyranose-(1-6)-beta-D-mannopyranose-(1-4)-2-acetamido-2-deoxy-beta-D-glucopyranose-(1-4)-2-acetamido-2-deoxy-beta-D-glucopyranose
6 branched alpha-D-mannopyranose-(1-6)-beta-D-mannopyranose-(1-4)-2-acetamido-2-deoxy-beta-D-glucopyranose-(1-4)-2-acetamido-2-deoxy-beta-D-glucopyranose
7 branched 2-acetamido-2-deoxy-beta-D-glucopyranose-(1-4)-2-acetamido-2-deoxy-beta-D-glucopyranose
8 branched beta-D-mannopyranose-(1-4)-2-acetamido-2-deoxy-beta-D-glucopyranose-(1-4)-2-acetamido-2-deoxy-beta-D-glucopyranose
9 non-polymer "2,2'-[(1,4-DIOXOBUTANE-1,4-DIYL)BIS(OXY)]BIS(N,N,N-TRIMETHYLETHANAMINIUM)"
10 non-polymer CHOLESTEROL
11 non-polymer 2-acetamido-2-deoxy-beta-D-glucopyranose
12 non-polymer '(2S)-3-(hexadecanoyloxy)-2-[(9Z)-octadec-9-enoyloxy]propyl 2-(trimethylammonio)ethyl phosphate'
13 non-polymer nonane
14 water water
#
loop_
_entity_poly.entity_id
_entity_poly.type
_entity_poly.pdbx_seq_one_letter_code
_entity_poly.pdbx_strand_id
1 'polypeptide(L)'
;SEHETRLVANLLENYNKVIRPVEHHTHFVDITVGLQLIQLISVDEVNQIVETNVRLRQQWIDVRLRWNPADYGGIKKIRL
PSDDVWLPDLVLYNNADGDFAIVHMTKLLLDYTGKIMWTPPAIFKSYCEIIVTHFPFDQQNCTMKLGIWTYDGTKVSISP
ESDRPDLSTFMESGEWVMKDYRGWKHWVYYTCCPDTPYLDITYHFIMQRIPLYFVVNVIIPCLLFSFLTGLVFYLPTDSG
EKMTLSISVLLSLTVFLLVIVELIPSTSSAVPLIGKYMLFTMIFVISSIIITVVVINTHHRSPSTHTMPQWVRKIFIDTI
PNVMFFSTMKRASKEKQENKIFADDIDISDISGKQVTGEVIFQTPLIKNPDVKSAIEGVKYIAEHMKSDEESSNAAEEWK
YVAMVIDHILLCVFMLICIIGTVSVFAGRLIEL
;
A,D
2 'polypeptide(L)'
;VNEEERLINDLLIVNKYNKHVRPVKHNNEVVNIALSLTLSNLISLKETDETLTSNVWMDHAWYDHRLTWNASEYSDISIL
RLPPELVWIPDIVLQNNNDGQYHVAYFCNVLVRPNGYVTWLPPAIFRSSCPINVLYFPFDWQNCSLKFTALNYDANEITM
DLMTDTIDGKDYPIEWIIIDPEAFTENGEWEIIHKPAKKNIYPDKFPNGTNYQDVTFYLIIRRKPLFYVINFITPCVLIS
FLASLAFYLPAESGEKMSTAISVLLAQAVFLLLTSQRLPETALAVPLIGKYLMFIMSLVTGVIVNCGIVLNFHFRTPSTH
VLSTRVKQIFLEKLPRILHMSRADESEQPDWQNDLKLRRSSSVGYISKAQEYFNIKSRSELMFEKQSERHGLVPRVTPRI
GFGNNNENIAASDQLHDEIKSGIDSTNYIVKQIKEKNAYDEEVGNWNLVGQTIDRLSMFIITPVMVLGTIFIFVMGNFNH
PPAKPFEGDPFDYSSDHPRC
;
B
3 'polypeptide(L)'
;SVMEDTLLSVLFETYNPKVRPAQTVGDKVTVRVGLTLTNLLILNEKIEEMTTNVFLNLAWTDYRLQWDPAAYEGIKDLRI
PSSDVWQPDIVLMNNNDGSFEITLHVNVLVQHTGAVSWQPSAIYRSSCTIKVMYFPFDWQNCTMVFKSYTYDTSEVTLQH
ALDAKGEREVKEIVINKDAFTENGQWSIEHKPSRKNWRSDDPSYEDVTFYLIIQRKPLFYIVYTIIPCILISILAILVFY
LPPDAGEKMSLSISALLAVTVFLLLLADKVPETSLSVPIIIRYLMFIMILVAFSVILSVVVLNLHHRSPNTHTMPNWIRQ
IFIETLPPFLWIQRPVTTPSPDSKPTIISRANDEYFIRKPAGDFVCPVDNARVAVQPERLFSEMKWHLNGLTQPVTLPQD
LKEAVEAIKYIAEQLESASEFDDLKKDWQYVAMVADRLFLYVFFVICSIGTFSIFLDASHNVPPDNPFA
;
C
4 'polypeptide(L)'
;ENEEGRLIEKLLGDYDKRIIPAKTLDHIIDVTLKLTLTNLISLNEKEEALTTNVWIEIQWNDYRLSWNTSEYEGIDLVRI
PSELLWLPDVVLENNVDGQFEVAYYANVLVYNDGSMYWLPPAIYRSTCPIAVTYFPFDWQNCSLVFRSQTYNAHEVNLQL
SAEEGEAVEWIHIDPEDFTENGEWTIRHRPAKKNYNWQLTKDDTDFQEIIFFLIIQRKPLFYIINIIAPCVLISSLVVLV
YFLPAQAGGQKCTLSISVLLAQTIFLFLIAQKVPETSLNVPLIGKYLIFVMFVSMLIVMNCVIVLNVSLRTPNTHSLSEK
IKHLFLGFLPKYLGMQLEPSEETPEKPQPRRRSSFGIMIKAEEYILKKPRSELMFEEQKDRHGLKRVNKMTSDIDIGTTV
DLYKDLANFAPEIKSCVEACNFIAKSTKEQNDSGSENENWVLIGKVIDKACFWIALLLFSIGTLAIFLTGHFNQVPEFPF
PGDPRKYVP
;
E
#
loop_
_chem_comp.id
_chem_comp.type
_chem_comp.name
_chem_comp.formula
BMA D-saccharide, beta linking beta-D-mannopyranose 'C6 H12 O6'
CLR non-polymer CHOLESTEROL 'C27 H46 O'
DD9 non-polymer nonane 'C9 H20'
MAN D-saccharide, alpha linking alpha-D-mannopyranose 'C6 H12 O6'
NAG D-saccharide, beta linking 2-acetamido-2-deoxy-beta-D-glucopyranose 'C8 H15 N O6'
POV non-polymer '(2S)-3-(hexadecanoyloxy)-2-[(9Z)-octadec-9-enoyloxy]propyl 2-(trimethylammonio)ethyl phosphate' 'C42 H82 N O8 P'
SCK non-polymer 2,2'-[(1,4-DIOXOBUTANE-1,4-DIYL)BIS(OXY)]BIS(N,N,N-TRIMETHYLETHANAMINIUM) 'C14 H30 N2 O4 2'
#
# COMPACT_ATOMS: atom_id res chain seq x y z
N SER A 1 45.04 -27.64 -13.55
CA SER A 1 46.27 -27.99 -14.34
C SER A 1 47.52 -27.56 -13.59
N GLU A 2 48.57 -28.37 -13.66
CA GLU A 2 49.84 -27.96 -13.09
C GLU A 2 50.39 -26.72 -13.80
N HIS A 3 50.29 -26.71 -15.13
CA HIS A 3 50.79 -25.57 -15.89
C HIS A 3 50.04 -24.30 -15.51
N GLU A 4 48.72 -24.37 -15.44
CA GLU A 4 47.94 -23.17 -15.12
C GLU A 4 48.16 -22.75 -13.67
N THR A 5 48.30 -23.72 -12.76
CA THR A 5 48.60 -23.36 -11.38
C THR A 5 49.91 -22.62 -11.28
N ARG A 6 50.95 -23.13 -11.94
CA ARG A 6 52.25 -22.46 -11.93
C ARG A 6 52.16 -21.10 -12.59
N LEU A 7 51.40 -20.99 -13.69
CA LEU A 7 51.24 -19.72 -14.36
C LEU A 7 50.61 -18.69 -13.44
N VAL A 8 49.54 -19.06 -12.75
CA VAL A 8 48.85 -18.12 -11.89
C VAL A 8 49.74 -17.74 -10.71
N ALA A 9 50.49 -18.71 -10.19
CA ALA A 9 51.44 -18.39 -9.13
C ALA A 9 52.49 -17.39 -9.61
N ASN A 10 52.94 -17.53 -10.86
CA ASN A 10 53.98 -16.64 -11.37
C ASN A 10 53.43 -15.24 -11.63
N LEU A 11 52.26 -15.14 -12.26
CA LEU A 11 51.72 -13.83 -12.61
C LEU A 11 51.48 -13.00 -11.36
N LEU A 12 50.83 -13.57 -10.37
CA LEU A 12 50.42 -12.83 -9.18
C LEU A 12 51.48 -12.81 -8.09
N GLU A 13 52.69 -13.27 -8.40
CA GLU A 13 53.75 -13.30 -7.39
C GLU A 13 54.12 -11.90 -6.93
N ASN A 14 54.61 -11.07 -7.84
CA ASN A 14 55.02 -9.71 -7.53
C ASN A 14 53.97 -8.69 -7.92
N TYR A 15 52.77 -9.14 -8.27
CA TYR A 15 51.73 -8.26 -8.77
C TYR A 15 51.13 -7.46 -7.64
N ASN A 16 51.02 -6.15 -7.83
CA ASN A 16 50.41 -5.23 -6.87
C ASN A 16 49.16 -4.65 -7.51
N LYS A 17 47.99 -5.13 -7.10
CA LYS A 17 46.76 -4.66 -7.70
C LYS A 17 46.42 -3.25 -7.32
N VAL A 18 47.28 -2.55 -6.59
CA VAL A 18 47.05 -1.14 -6.29
C VAL A 18 47.58 -0.22 -7.39
N ILE A 19 48.51 -0.69 -8.20
CA ILE A 19 49.15 0.12 -9.23
C ILE A 19 48.36 -0.01 -10.52
N ARG A 20 48.33 1.07 -11.29
CA ARG A 20 47.73 1.00 -12.62
C ARG A 20 48.56 0.11 -13.53
N PRO A 21 47.93 -0.56 -14.48
CA PRO A 21 48.68 -1.39 -15.44
C PRO A 21 49.26 -0.58 -16.59
N VAL A 22 50.30 0.19 -16.29
CA VAL A 22 50.99 1.00 -17.30
C VAL A 22 52.48 0.82 -17.11
N GLU A 23 53.21 0.73 -18.22
CA GLU A 23 54.65 0.60 -18.15
C GLU A 23 55.28 1.83 -17.51
N HIS A 24 54.82 3.01 -17.92
CA HIS A 24 55.31 4.28 -17.39
C HIS A 24 54.13 5.03 -16.78
N HIS A 25 54.37 5.67 -15.63
CA HIS A 25 53.27 6.27 -14.89
C HIS A 25 52.61 7.42 -15.66
N THR A 26 53.26 7.93 -16.70
CA THR A 26 52.65 8.98 -17.52
C THR A 26 51.73 8.43 -18.60
N HIS A 27 51.74 7.13 -18.83
CA HIS A 27 50.78 6.52 -19.73
C HIS A 27 49.42 6.41 -19.06
N PHE A 28 48.41 6.13 -19.88
CA PHE A 28 47.07 5.87 -19.38
C PHE A 28 46.62 4.51 -19.87
N VAL A 29 45.94 3.77 -19.00
CA VAL A 29 45.34 2.49 -19.38
C VAL A 29 44.01 2.77 -20.07
N ASP A 30 43.90 2.35 -21.32
CA ASP A 30 42.70 2.55 -22.11
C ASP A 30 41.75 1.39 -21.83
N ILE A 31 40.53 1.71 -21.43
CA ILE A 31 39.52 0.71 -21.10
C ILE A 31 38.36 0.85 -22.08
N THR A 32 38.01 -0.26 -22.71
CA THR A 32 36.86 -0.30 -23.60
C THR A 32 35.65 -0.74 -22.78
N VAL A 33 34.68 0.14 -22.63
CA VAL A 33 33.52 -0.09 -21.78
C VAL A 33 32.32 -0.31 -22.68
N GLY A 34 31.68 -1.46 -22.53
CA GLY A 34 30.44 -1.76 -23.21
C GLY A 34 29.38 -2.11 -22.19
N LEU A 35 28.17 -1.60 -22.41
CA LEU A 35 27.04 -1.88 -21.53
C LEU A 35 26.11 -2.84 -22.25
N GLN A 36 25.85 -3.98 -21.63
CA GLN A 36 24.91 -4.96 -22.14
C GLN A 36 23.69 -4.95 -21.23
N LEU A 37 22.54 -4.59 -21.78
CA LEU A 37 21.30 -4.52 -21.01
C LEU A 37 20.62 -5.88 -21.07
N ILE A 38 20.59 -6.58 -19.94
CA ILE A 38 19.97 -7.89 -19.91
C ILE A 38 18.47 -7.78 -19.70
N GLN A 39 18.02 -6.78 -18.95
CA GLN A 39 16.61 -6.67 -18.61
C GLN A 39 16.33 -5.30 -18.03
N LEU A 40 15.23 -4.70 -18.45
CA LEU A 40 14.68 -3.52 -17.80
C LEU A 40 13.72 -4.01 -16.72
N ILE A 41 14.25 -4.16 -15.51
CA ILE A 41 13.47 -4.79 -14.45
C ILE A 41 12.25 -3.94 -14.09
N SER A 42 12.46 -2.65 -13.87
CA SER A 42 11.39 -1.82 -13.34
C SER A 42 11.63 -0.38 -13.74
N VAL A 43 10.54 0.38 -13.86
CA VAL A 43 10.59 1.81 -14.07
C VAL A 43 9.67 2.42 -13.02
N ASP A 44 10.23 2.85 -11.90
CA ASP A 44 9.46 3.41 -10.80
C ASP A 44 9.18 4.88 -11.12
N GLU A 45 8.04 5.13 -11.75
CA GLU A 45 7.70 6.49 -12.14
C GLU A 45 7.54 7.38 -10.92
N VAL A 46 6.86 6.88 -9.89
CA VAL A 46 6.60 7.72 -8.71
C VAL A 46 7.90 8.13 -8.05
N ASN A 47 8.86 7.20 -7.98
CA ASN A 47 10.16 7.48 -7.38
C ASN A 47 11.22 7.86 -8.40
N GLN A 48 10.92 7.77 -9.69
CA GLN A 48 11.84 8.18 -10.74
C GLN A 48 13.15 7.41 -10.67
N ILE A 49 13.03 6.10 -10.49
CA ILE A 49 14.17 5.18 -10.44
C ILE A 49 13.92 4.07 -11.44
N VAL A 50 14.92 3.80 -12.28
CA VAL A 50 14.84 2.73 -13.27
C VAL A 50 15.82 1.64 -12.87
N GLU A 51 15.30 0.45 -12.60
CA GLU A 51 16.10 -0.70 -12.20
C GLU A 51 16.34 -1.57 -13.43
N THR A 52 17.61 -1.82 -13.75
CA THR A 52 17.98 -2.57 -14.92
C THR A 52 19.03 -3.62 -14.58
N ASN A 53 18.97 -4.74 -15.29
CA ASN A 53 19.95 -5.80 -15.18
C ASN A 53 20.91 -5.68 -16.35
N VAL A 54 22.18 -5.47 -16.05
CA VAL A 54 23.18 -5.16 -17.06
C VAL A 54 24.42 -6.00 -16.80
N ARG A 55 25.25 -6.13 -17.82
CA ARG A 55 26.63 -6.57 -17.67
C ARG A 55 27.55 -5.45 -18.15
N LEU A 56 28.49 -5.06 -17.30
CA LEU A 56 29.38 -3.95 -17.58
C LEU A 56 30.65 -4.50 -18.19
N ARG A 57 30.62 -4.68 -19.51
CA ARG A 57 31.78 -5.22 -20.20
C ARG A 57 32.91 -4.21 -20.16
N GLN A 58 34.07 -4.63 -19.70
CA GLN A 58 35.25 -3.79 -19.58
C GLN A 58 36.45 -4.56 -20.11
N GLN A 59 37.21 -3.92 -20.98
CA GLN A 59 38.36 -4.55 -21.61
C GLN A 59 39.56 -3.62 -21.47
N TRP A 60 40.70 -4.18 -21.07
CA TRP A 60 41.92 -3.39 -21.01
C TRP A 60 43.11 -4.33 -21.04
N ILE A 61 44.28 -3.75 -21.25
CA ILE A 61 45.53 -4.49 -21.35
C ILE A 61 46.32 -4.27 -20.07
N ASP A 62 46.66 -5.34 -19.39
CA ASP A 62 47.50 -5.30 -18.21
C ASP A 62 48.84 -5.91 -18.58
N VAL A 63 49.83 -5.04 -18.82
CA VAL A 63 51.12 -5.49 -19.31
C VAL A 63 51.81 -6.41 -18.32
N ARG A 64 51.53 -6.29 -17.02
CA ARG A 64 52.18 -7.12 -16.02
C ARG A 64 51.71 -8.57 -16.07
N LEU A 65 50.56 -8.84 -16.68
CA LEU A 65 49.99 -10.19 -16.71
C LEU A 65 50.22 -10.85 -18.07
N ARG A 66 51.36 -10.58 -18.67
CA ARG A 66 51.76 -11.26 -19.90
C ARG A 66 52.46 -12.57 -19.56
N TRP A 67 52.35 -13.55 -20.45
CA TRP A 67 53.14 -14.76 -20.31
C TRP A 67 53.37 -15.35 -21.69
N ASN A 68 54.30 -16.31 -21.76
CA ASN A 68 54.59 -17.02 -22.99
C ASN A 68 53.85 -18.34 -22.98
N PRO A 69 52.90 -18.59 -23.89
CA PRO A 69 52.17 -19.86 -23.85
C PRO A 69 53.08 -21.07 -23.93
N ALA A 70 54.15 -21.00 -24.72
CA ALA A 70 55.04 -22.14 -24.88
C ALA A 70 55.68 -22.56 -23.56
N ASP A 71 55.77 -21.65 -22.60
CA ASP A 71 56.35 -21.96 -21.30
C ASP A 71 55.35 -22.58 -20.32
N TYR A 72 54.07 -22.62 -20.67
CA TYR A 72 53.03 -23.10 -19.77
C TYR A 72 52.10 -24.06 -20.50
N GLY A 73 52.69 -24.98 -21.26
CA GLY A 73 51.89 -25.98 -21.94
C GLY A 73 50.91 -25.42 -22.93
N GLY A 74 51.23 -24.30 -23.56
CA GLY A 74 50.37 -23.73 -24.57
C GLY A 74 49.15 -23.02 -24.05
N ILE A 75 49.09 -22.75 -22.75
CA ILE A 75 47.94 -22.03 -22.20
C ILE A 75 47.90 -20.63 -22.78
N LYS A 76 46.78 -20.27 -23.39
CA LYS A 76 46.61 -18.97 -24.00
C LYS A 76 45.61 -18.09 -23.27
N LYS A 77 44.72 -18.67 -22.48
CA LYS A 77 43.74 -17.92 -21.72
C LYS A 77 43.61 -18.55 -20.34
N ILE A 78 43.29 -17.71 -19.36
CA ILE A 78 42.96 -18.18 -18.02
C ILE A 78 41.86 -17.30 -17.46
N ARG A 79 41.20 -17.80 -16.42
CA ARG A 79 40.19 -17.05 -15.70
C ARG A 79 40.73 -16.70 -14.34
N LEU A 80 40.77 -15.41 -14.03
CA LEU A 80 41.27 -14.96 -12.75
C LEU A 80 40.16 -14.26 -11.98
N PRO A 81 40.13 -14.38 -10.65
CA PRO A 81 39.19 -13.58 -9.88
C PRO A 81 39.46 -12.10 -10.05
N SER A 82 38.38 -11.32 -10.14
CA SER A 82 38.52 -9.88 -10.30
C SER A 82 39.32 -9.28 -9.16
N ASP A 83 39.14 -9.79 -7.94
CA ASP A 83 39.80 -9.23 -6.78
C ASP A 83 41.30 -9.43 -6.79
N ASP A 84 41.82 -10.26 -7.68
CA ASP A 84 43.26 -10.54 -7.71
C ASP A 84 44.05 -9.53 -8.52
N VAL A 85 43.42 -8.79 -9.42
CA VAL A 85 44.12 -7.89 -10.32
C VAL A 85 43.58 -6.48 -10.14
N TRP A 86 44.30 -5.51 -10.70
CA TRP A 86 43.83 -4.14 -10.71
C TRP A 86 42.59 -4.03 -11.58
N LEU A 87 41.57 -3.37 -11.07
CA LEU A 87 40.35 -3.16 -11.82
C LEU A 87 40.05 -1.67 -11.91
N PRO A 88 39.39 -1.23 -12.97
CA PRO A 88 38.95 0.15 -13.01
C PRO A 88 37.74 0.37 -12.14
N ASP A 89 37.66 1.57 -11.56
CA ASP A 89 36.56 1.93 -10.66
C ASP A 89 35.51 2.70 -11.44
N LEU A 90 34.72 1.96 -12.21
CA LEU A 90 33.59 2.53 -12.93
C LEU A 90 32.44 2.76 -11.96
N VAL A 91 31.98 3.99 -11.86
CA VAL A 91 30.95 4.39 -10.91
C VAL A 91 29.77 4.94 -11.68
N LEU A 92 28.58 4.41 -11.41
CA LEU A 92 27.35 4.93 -11.98
C LEU A 92 27.04 6.24 -11.29
N TYR A 93 27.27 7.36 -11.98
CA TYR A 93 27.11 8.67 -11.35
C TYR A 93 25.70 8.87 -10.85
N ASN A 94 24.70 8.54 -11.67
CA ASN A 94 23.31 8.82 -11.33
C ASN A 94 22.66 7.68 -10.57
N ASN A 95 23.45 6.92 -9.81
CA ASN A 95 22.88 5.95 -8.90
C ASN A 95 21.87 6.61 -7.99
N ALA A 96 20.78 5.93 -7.72
CA ALA A 96 19.74 6.48 -6.88
C ALA A 96 19.39 5.60 -5.69
N ASP A 97 19.37 4.28 -5.88
CA ASP A 97 18.92 3.39 -4.82
C ASP A 97 19.73 2.10 -4.78
N GLY A 98 20.98 2.13 -5.24
CA GLY A 98 21.76 0.91 -5.27
C GLY A 98 23.24 1.13 -4.97
N ASP A 99 24.09 0.45 -5.72
CA ASP A 99 25.53 0.53 -5.56
C ASP A 99 26.12 1.43 -6.63
N PHE A 100 27.10 2.23 -6.23
CA PHE A 100 27.73 3.13 -7.19
C PHE A 100 28.63 2.38 -8.15
N ALA A 101 29.34 1.37 -7.66
CA ALA A 101 30.28 0.60 -8.45
C ALA A 101 29.80 -0.84 -8.57
N ILE A 102 30.60 -1.66 -9.20
CA ILE A 102 30.32 -3.08 -9.34
C ILE A 102 30.58 -3.77 -8.01
N VAL A 103 29.68 -4.65 -7.61
CA VAL A 103 29.85 -5.45 -6.41
C VAL A 103 29.93 -6.93 -6.67
N HIS A 104 29.43 -7.41 -7.81
CA HIS A 104 29.58 -8.80 -8.21
C HIS A 104 30.96 -8.97 -8.81
N MET A 105 31.92 -9.43 -8.00
CA MET A 105 33.31 -9.51 -8.42
C MET A 105 33.54 -10.88 -9.05
N THR A 106 33.12 -10.99 -10.31
CA THR A 106 33.18 -12.26 -11.02
C THR A 106 34.57 -12.46 -11.63
N LYS A 107 34.88 -13.71 -11.96
CA LYS A 107 36.16 -14.02 -12.57
C LYS A 107 36.26 -13.36 -13.94
N LEU A 108 37.45 -12.87 -14.25
CA LEU A 108 37.71 -12.18 -15.51
C LEU A 108 38.62 -13.03 -16.39
N LEU A 109 38.49 -12.82 -17.70
CA LEU A 109 39.29 -13.54 -18.67
C LEU A 109 40.56 -12.77 -18.96
N LEU A 110 41.69 -13.48 -19.05
CA LEU A 110 42.99 -12.89 -19.27
C LEU A 110 43.71 -13.65 -20.37
N ASP A 111 44.02 -12.97 -21.47
CA ASP A 111 44.80 -13.58 -22.53
C ASP A 111 46.28 -13.58 -22.17
N TYR A 112 47.05 -14.33 -22.94
CA TYR A 112 48.49 -14.38 -22.74
C TYR A 112 49.18 -13.07 -23.11
N THR A 113 48.50 -12.17 -23.79
CA THR A 113 49.04 -10.86 -24.11
C THR A 113 48.77 -9.83 -23.03
N GLY A 114 48.09 -10.21 -21.96
CA GLY A 114 47.67 -9.26 -20.95
C GLY A 114 46.35 -8.60 -21.22
N LYS A 115 45.59 -9.08 -22.21
CA LYS A 115 44.33 -8.46 -22.59
C LYS A 115 43.24 -9.03 -21.70
N ILE A 116 42.61 -8.16 -20.91
CA ILE A 116 41.65 -8.57 -19.89
C ILE A 116 40.24 -8.30 -20.40
N MET A 117 39.35 -9.27 -20.17
CA MET A 117 37.93 -9.15 -20.46
C MET A 117 37.18 -9.42 -19.17
N TRP A 118 36.52 -8.39 -18.64
CA TRP A 118 35.76 -8.52 -17.40
C TRP A 118 34.37 -8.00 -17.64
N THR A 119 33.35 -8.83 -17.41
CA THR A 119 31.97 -8.51 -17.72
C THR A 119 31.09 -8.81 -16.51
N PRO A 120 31.29 -8.08 -15.42
CA PRO A 120 30.53 -8.37 -14.21
C PRO A 120 29.07 -8.00 -14.37
N PRO A 121 28.18 -8.70 -13.68
CA PRO A 121 26.77 -8.29 -13.70
C PRO A 121 26.53 -7.14 -12.74
N ALA A 122 25.40 -6.46 -12.94
CA ALA A 122 25.04 -5.36 -12.07
C ALA A 122 23.55 -5.10 -12.19
N ILE A 123 22.95 -4.70 -11.07
CA ILE A 123 21.58 -4.21 -11.03
C ILE A 123 21.68 -2.71 -10.83
N PHE A 124 21.59 -1.95 -11.92
CA PHE A 124 21.69 -0.50 -11.82
C PHE A 124 20.33 0.08 -11.48
N LYS A 125 20.23 0.73 -10.33
CA LYS A 125 19.04 1.48 -9.94
C LYS A 125 19.40 2.95 -10.10
N SER A 126 19.28 3.44 -11.33
CA SER A 126 19.69 4.78 -11.67
C SER A 126 18.51 5.74 -11.65
N TYR A 127 18.81 7.00 -11.40
CA TYR A 127 17.79 8.04 -11.38
C TYR A 127 17.32 8.32 -12.80
N CYS A 128 16.00 8.41 -12.95
CA CYS A 128 15.35 8.53 -14.25
C CYS A 128 14.35 9.67 -14.17
N GLU A 129 14.66 10.79 -14.83
CA GLU A 129 13.73 11.92 -14.85
C GLU A 129 12.54 11.55 -15.73
N ILE A 130 11.38 11.43 -15.11
CA ILE A 130 10.18 10.98 -15.80
C ILE A 130 9.44 12.18 -16.35
N ILE A 131 9.12 12.14 -17.64
CA ILE A 131 8.28 13.14 -18.28
C ILE A 131 6.87 12.59 -18.33
N VAL A 132 5.95 13.24 -17.62
CA VAL A 132 4.59 12.73 -17.47
C VAL A 132 3.62 13.42 -18.43
N THR A 133 4.13 14.20 -19.38
CA THR A 133 3.25 15.00 -20.22
C THR A 133 2.28 14.12 -20.99
N HIS A 134 2.78 13.05 -21.61
CA HIS A 134 1.97 12.22 -22.49
C HIS A 134 1.63 10.87 -21.85
N PHE A 135 1.67 10.78 -20.53
CA PHE A 135 1.25 9.57 -19.85
C PHE A 135 -0.21 9.29 -20.18
N PRO A 136 -0.60 8.03 -20.42
CA PRO A 136 0.27 6.85 -20.39
C PRO A 136 0.86 6.51 -21.75
N PHE A 137 0.82 7.44 -22.69
CA PHE A 137 1.40 7.23 -24.02
C PHE A 137 2.78 7.84 -24.13
N ASP A 138 3.49 7.94 -23.02
CA ASP A 138 4.76 8.64 -22.96
C ASP A 138 5.92 7.71 -23.33
N GLN A 139 7.00 8.32 -23.79
CA GLN A 139 8.28 7.66 -23.95
C GLN A 139 9.28 8.30 -23.02
N GLN A 140 10.14 7.51 -22.41
CA GLN A 140 11.06 8.00 -21.39
C GLN A 140 12.48 7.96 -21.93
N ASN A 141 13.25 9.00 -21.61
CA ASN A 141 14.66 9.07 -21.92
C ASN A 141 15.40 9.20 -20.60
N CYS A 142 16.01 8.12 -20.14
CA CYS A 142 16.90 8.23 -19.00
C CYS A 142 18.04 7.23 -19.13
N THR A 143 19.14 7.57 -18.48
CA THR A 143 20.46 7.14 -18.88
C THR A 143 21.19 6.47 -17.72
N MET A 144 22.38 5.98 -18.03
CA MET A 144 23.32 5.48 -17.04
C MET A 144 24.65 6.16 -17.30
N LYS A 145 25.05 7.04 -16.39
CA LYS A 145 26.29 7.80 -16.51
C LYS A 145 27.41 7.02 -15.83
N LEU A 146 28.24 6.38 -16.62
CA LEU A 146 29.34 5.57 -16.12
C LEU A 146 30.66 6.28 -16.38
N GLY A 147 31.51 6.35 -15.37
CA GLY A 147 32.80 6.98 -15.53
C GLY A 147 33.76 6.51 -14.47
N ILE A 148 35.05 6.62 -14.78
CA ILE A 148 36.08 6.32 -13.81
C ILE A 148 36.06 7.39 -12.72
N TRP A 149 36.08 7.00 -11.50
CA TRP A 149 35.81 7.92 -10.39
C TRP A 149 37.06 8.71 -10.00
N THR A 150 38.13 8.02 -9.63
CA THR A 150 39.29 8.68 -9.03
C THR A 150 40.42 8.94 -10.01
N TYR A 151 40.38 8.39 -11.21
CA TYR A 151 41.41 8.61 -12.22
C TYR A 151 40.86 9.55 -13.28
N ASP A 152 41.60 10.62 -13.57
CA ASP A 152 41.23 11.52 -14.63
C ASP A 152 41.57 10.90 -15.99
N GLY A 153 41.37 11.68 -17.05
CA GLY A 153 41.58 11.16 -18.39
C GLY A 153 43.03 10.88 -18.73
N THR A 154 43.96 11.52 -18.04
CA THR A 154 45.37 11.31 -18.30
C THR A 154 45.91 10.04 -17.68
N LYS A 155 45.16 9.41 -16.79
CA LYS A 155 45.60 8.20 -16.10
C LYS A 155 44.80 6.97 -16.48
N VAL A 156 43.50 7.10 -16.69
CA VAL A 156 42.64 6.00 -17.08
C VAL A 156 41.61 6.55 -18.05
N SER A 157 41.66 6.11 -19.30
CA SER A 157 40.75 6.56 -20.33
C SER A 157 39.77 5.44 -20.66
N ILE A 158 38.48 5.77 -20.70
CA ILE A 158 37.45 4.83 -21.09
C ILE A 158 36.92 5.23 -22.45
N SER A 159 36.73 4.24 -23.32
CA SER A 159 36.15 4.46 -24.62
C SER A 159 34.98 3.50 -24.80
N PRO A 160 33.87 3.95 -25.38
CA PRO A 160 32.75 3.02 -25.61
C PRO A 160 33.16 1.90 -26.55
N GLU A 161 32.68 0.70 -26.24
CA GLU A 161 32.93 -0.44 -27.11
C GLU A 161 32.20 -0.28 -28.45
N SER A 162 30.99 0.27 -28.40
CA SER A 162 30.19 0.51 -29.59
C SER A 162 29.41 1.80 -29.38
N ASP A 163 28.81 2.30 -30.47
CA ASP A 163 28.00 3.50 -30.36
C ASP A 163 26.77 3.28 -29.49
N ARG A 164 26.34 2.04 -29.32
CA ARG A 164 25.10 1.75 -28.63
C ARG A 164 25.32 0.67 -27.57
N PRO A 165 24.48 0.64 -26.53
CA PRO A 165 24.45 -0.54 -25.66
C PRO A 165 24.17 -1.79 -26.47
N ASP A 166 24.44 -2.93 -25.86
CA ASP A 166 24.19 -4.22 -26.48
C ASP A 166 22.90 -4.79 -25.92
N LEU A 167 21.86 -4.86 -26.76
CA LEU A 167 20.57 -5.40 -26.38
C LEU A 167 20.29 -6.72 -27.07
N SER A 168 21.33 -7.41 -27.54
CA SER A 168 21.15 -8.67 -28.24
C SER A 168 20.49 -9.72 -27.36
N THR A 169 20.77 -9.69 -26.05
CA THR A 169 20.18 -10.63 -25.10
C THR A 169 19.11 -9.97 -24.24
N PHE A 170 18.60 -8.82 -24.66
CA PHE A 170 17.62 -8.10 -23.87
C PHE A 170 16.32 -8.89 -23.80
N MET A 171 15.82 -9.11 -22.58
CA MET A 171 14.55 -9.79 -22.40
C MET A 171 13.42 -8.78 -22.52
N GLU A 172 12.46 -9.07 -23.38
CA GLU A 172 11.41 -8.10 -23.67
C GLU A 172 10.64 -7.75 -22.41
N SER A 173 10.27 -6.48 -22.30
CA SER A 173 9.72 -5.98 -21.04
C SER A 173 8.28 -6.42 -20.84
N GLY A 174 7.40 -6.07 -21.78
CA GLY A 174 5.98 -6.20 -21.57
C GLY A 174 5.34 -4.94 -20.99
N GLU A 175 6.16 -3.97 -20.58
CA GLU A 175 5.68 -2.64 -20.21
C GLU A 175 6.31 -1.55 -21.04
N TRP A 176 7.44 -1.80 -21.70
CA TRP A 176 8.18 -0.78 -22.43
C TRP A 176 8.75 -1.37 -23.70
N VAL A 177 8.93 -0.52 -24.69
CA VAL A 177 9.57 -0.88 -25.95
C VAL A 177 10.81 -0.02 -26.10
N MET A 178 11.94 -0.66 -26.37
CA MET A 178 13.21 0.04 -26.55
C MET A 178 13.20 0.67 -27.94
N LYS A 179 12.73 1.91 -28.02
CA LYS A 179 12.69 2.59 -29.31
C LYS A 179 14.09 2.85 -29.84
N ASP A 180 14.98 3.34 -28.98
CA ASP A 180 16.32 3.69 -29.39
C ASP A 180 17.22 3.69 -28.16
N TYR A 181 18.50 3.49 -28.39
CA TYR A 181 19.47 3.45 -27.30
C TYR A 181 20.84 3.74 -27.89
N ARG A 182 21.62 4.55 -27.17
CA ARG A 182 22.91 4.97 -27.68
C ARG A 182 23.80 5.33 -26.49
N GLY A 183 25.10 5.36 -26.74
CA GLY A 183 26.06 5.68 -25.72
C GLY A 183 27.02 6.77 -26.14
N TRP A 184 27.17 7.80 -25.32
CA TRP A 184 27.97 8.96 -25.65
C TRP A 184 29.06 9.17 -24.60
N LYS A 185 30.29 9.35 -25.07
CA LYS A 185 31.41 9.67 -24.20
C LYS A 185 31.54 11.18 -24.05
N HIS A 186 31.77 11.63 -22.82
CA HIS A 186 31.89 13.04 -22.52
C HIS A 186 33.18 13.32 -21.76
N TRP A 187 33.79 14.46 -22.05
CA TRP A 187 34.89 14.99 -21.26
C TRP A 187 34.31 16.09 -20.38
N VAL A 188 34.21 15.81 -19.08
CA VAL A 188 33.52 16.67 -18.13
C VAL A 188 34.54 17.31 -17.21
N TYR A 189 34.45 18.63 -17.05
CA TYR A 189 35.27 19.37 -16.10
C TYR A 189 34.41 19.72 -14.90
N TYR A 190 34.82 19.25 -13.73
CA TYR A 190 34.05 19.46 -12.51
C TYR A 190 34.65 20.59 -11.69
N THR A 191 33.84 21.13 -10.78
CA THR A 191 34.35 22.14 -9.87
C THR A 191 35.44 21.57 -8.98
N CYS A 192 35.28 20.33 -8.53
CA CYS A 192 36.34 19.66 -7.80
C CYS A 192 37.64 19.68 -8.58
N CYS A 193 37.56 19.58 -9.89
CA CYS A 193 38.64 19.04 -10.68
C CYS A 193 38.76 19.84 -11.97
N PRO A 194 38.98 21.16 -11.87
CA PRO A 194 38.88 22.00 -13.07
C PRO A 194 40.05 21.87 -14.02
N ASP A 195 41.19 21.37 -13.56
CA ASP A 195 42.40 21.37 -14.39
C ASP A 195 42.37 20.28 -15.46
N THR A 196 41.79 19.12 -15.15
CA THR A 196 41.90 17.95 -16.00
C THR A 196 40.52 17.37 -16.28
N PRO A 197 40.31 16.77 -17.44
CA PRO A 197 38.98 16.25 -17.77
C PRO A 197 38.75 14.84 -17.23
N TYR A 198 37.56 14.63 -16.68
CA TYR A 198 37.13 13.32 -16.26
C TYR A 198 36.19 12.74 -17.31
N LEU A 199 36.45 11.50 -17.69
CA LEU A 199 35.75 10.85 -18.79
C LEU A 199 34.60 10.01 -18.26
N ASP A 200 33.47 10.06 -18.96
CA ASP A 200 32.37 9.17 -18.65
C ASP A 200 31.67 8.82 -19.95
N ILE A 201 30.95 7.71 -19.94
CA ILE A 201 30.13 7.29 -21.06
C ILE A 201 28.69 7.23 -20.58
N THR A 202 27.85 8.07 -21.15
CA THR A 202 26.44 8.14 -20.76
C THR A 202 25.62 7.33 -21.75
N TYR A 203 25.24 6.13 -21.33
CA TYR A 203 24.28 5.34 -22.09
C TYR A 203 22.88 5.83 -21.78
N HIS A 204 22.05 5.92 -22.82
CA HIS A 204 20.67 6.34 -22.65
C HIS A 204 19.78 5.44 -23.49
N PHE A 205 18.57 5.21 -23.00
CA PHE A 205 17.61 4.34 -23.66
C PHE A 205 16.31 5.10 -23.83
N ILE A 206 15.85 5.21 -25.07
CA ILE A 206 14.56 5.81 -25.36
C ILE A 206 13.55 4.67 -25.35
N MET A 207 12.78 4.56 -24.28
CA MET A 207 11.85 3.45 -24.08
C MET A 207 10.43 3.99 -24.14
N GLN A 208 9.62 3.37 -24.98
CA GLN A 208 8.23 3.77 -25.18
C GLN A 208 7.34 2.87 -24.33
N ARG A 209 6.44 3.47 -23.56
CA ARG A 209 5.52 2.68 -22.76
C ARG A 209 4.49 2.02 -23.65
N ILE A 210 4.17 0.77 -23.35
CA ILE A 210 3.11 0.06 -24.05
C ILE A 210 1.80 0.45 -23.37
N PRO A 211 0.98 1.29 -23.99
CA PRO A 211 -0.21 1.82 -23.30
C PRO A 211 -1.45 0.95 -23.50
N LEU A 212 -1.46 -0.21 -22.85
CA LEU A 212 -2.65 -1.05 -22.84
C LEU A 212 -3.14 -1.32 -21.44
N TYR A 213 -2.24 -1.59 -20.49
CA TYR A 213 -2.67 -1.74 -19.11
C TYR A 213 -3.38 -0.48 -18.64
N PHE A 214 -2.75 0.68 -18.83
CA PHE A 214 -3.33 1.92 -18.34
C PHE A 214 -4.53 2.33 -19.17
N VAL A 215 -4.51 2.09 -20.47
CA VAL A 215 -5.71 2.33 -21.27
C VAL A 215 -6.89 1.60 -20.65
N VAL A 216 -6.81 0.28 -20.59
CA VAL A 216 -7.93 -0.53 -20.12
C VAL A 216 -8.30 -0.19 -18.69
N ASN A 217 -7.32 0.09 -17.83
CA ASN A 217 -7.59 0.24 -16.41
C ASN A 217 -7.96 1.65 -16.00
N VAL A 218 -7.70 2.66 -16.82
CA VAL A 218 -7.98 4.04 -16.45
C VAL A 218 -8.80 4.74 -17.53
N ILE A 219 -8.29 4.75 -18.76
CA ILE A 219 -8.87 5.63 -19.78
C ILE A 219 -10.28 5.18 -20.12
N ILE A 220 -10.44 3.89 -20.43
CA ILE A 220 -11.77 3.40 -20.81
C ILE A 220 -12.79 3.64 -19.71
N PRO A 221 -12.55 3.30 -18.45
CA PRO A 221 -13.50 3.70 -17.40
C PRO A 221 -13.73 5.20 -17.36
N CYS A 222 -12.68 6.00 -17.52
CA CYS A 222 -12.85 7.44 -17.54
C CYS A 222 -13.72 7.88 -18.69
N LEU A 223 -13.50 7.31 -19.87
CA LEU A 223 -14.34 7.67 -21.02
C LEU A 223 -15.79 7.28 -20.79
N LEU A 224 -16.03 6.09 -20.23
CA LEU A 224 -17.40 5.68 -19.97
C LEU A 224 -18.09 6.65 -19.01
N PHE A 225 -17.42 6.96 -17.90
CA PHE A 225 -18.05 7.80 -16.89
C PHE A 225 -18.21 9.24 -17.39
N SER A 226 -17.30 9.72 -18.22
CA SER A 226 -17.44 11.04 -18.81
C SER A 226 -18.52 11.08 -19.86
N PHE A 227 -18.73 10.00 -20.60
CA PHE A 227 -19.81 9.93 -21.57
C PHE A 227 -21.17 9.86 -20.89
N LEU A 228 -21.23 9.31 -19.69
CA LEU A 228 -22.48 9.40 -18.96
C LEU A 228 -22.87 10.83 -18.60
N THR A 229 -22.12 11.87 -18.99
CA THR A 229 -22.46 13.23 -18.61
C THR A 229 -23.61 13.79 -19.44
N GLY A 230 -23.70 13.44 -20.72
CA GLY A 230 -24.79 13.96 -21.54
C GLY A 230 -26.12 13.32 -21.23
N LEU A 231 -26.09 12.12 -20.66
CA LEU A 231 -27.33 11.44 -20.28
C LEU A 231 -28.13 12.27 -19.28
N VAL A 232 -27.45 12.87 -18.29
CA VAL A 232 -28.16 13.65 -17.30
C VAL A 232 -28.86 14.80 -18.02
N PHE A 233 -28.31 15.23 -19.14
CA PHE A 233 -28.94 16.27 -19.94
C PHE A 233 -30.14 15.76 -20.70
N TYR A 234 -30.09 14.53 -21.19
CA TYR A 234 -31.25 13.92 -21.83
C TYR A 234 -32.26 13.39 -20.82
N LEU A 235 -31.92 13.38 -19.54
CA LEU A 235 -32.76 12.78 -18.53
C LEU A 235 -33.77 13.78 -18.00
N PRO A 236 -35.07 13.48 -18.03
CA PRO A 236 -36.06 14.49 -17.64
C PRO A 236 -35.97 14.81 -16.16
N THR A 237 -36.36 16.05 -15.82
CA THR A 237 -36.35 16.49 -14.44
C THR A 237 -37.35 15.68 -13.62
N ASP A 238 -38.48 15.31 -14.22
CA ASP A 238 -39.52 14.59 -13.48
C ASP A 238 -39.02 13.27 -12.92
N SER A 239 -37.95 12.70 -13.48
CA SER A 239 -37.44 11.43 -13.01
C SER A 239 -36.79 11.53 -11.63
N GLY A 240 -36.42 12.73 -11.19
CA GLY A 240 -35.77 12.87 -9.91
C GLY A 240 -34.48 12.08 -9.80
N GLU A 241 -33.71 12.01 -10.89
CA GLU A 241 -32.47 11.24 -10.91
C GLU A 241 -31.35 11.98 -11.63
N LYS A 242 -31.53 13.27 -11.92
CA LYS A 242 -30.48 14.01 -12.62
C LYS A 242 -29.27 14.21 -11.72
N MET A 243 -29.50 14.66 -10.47
CA MET A 243 -28.39 14.81 -9.53
C MET A 243 -27.72 13.47 -9.27
N THR A 244 -28.50 12.40 -9.09
CA THR A 244 -27.88 11.11 -8.83
C THR A 244 -26.88 10.76 -9.93
N LEU A 245 -27.33 10.83 -11.19
CA LEU A 245 -26.46 10.46 -12.30
C LEU A 245 -25.25 11.37 -12.40
N SER A 246 -25.48 12.69 -12.40
CA SER A 246 -24.38 13.62 -12.58
C SER A 246 -23.38 13.53 -11.44
N ILE A 247 -23.86 13.41 -10.21
CA ILE A 247 -22.96 13.33 -9.06
C ILE A 247 -22.20 12.01 -9.05
N SER A 248 -22.85 10.92 -9.46
CA SER A 248 -22.12 9.67 -9.55
C SER A 248 -21.00 9.78 -10.57
N VAL A 249 -21.28 10.41 -11.71
CA VAL A 249 -20.23 10.63 -12.70
C VAL A 249 -19.10 11.46 -12.10
N LEU A 250 -19.45 12.54 -11.39
CA LEU A 250 -18.43 13.41 -10.82
C LEU A 250 -17.56 12.66 -9.81
N LEU A 251 -18.18 11.89 -8.92
CA LEU A 251 -17.41 11.18 -7.90
C LEU A 251 -16.51 10.12 -8.53
N SER A 252 -17.02 9.39 -9.51
CA SER A 252 -16.17 8.41 -10.19
C SER A 252 -15.00 9.09 -10.89
N LEU A 253 -15.26 10.22 -11.52
CA LEU A 253 -14.18 10.94 -12.21
C LEU A 253 -13.13 11.42 -11.21
N THR A 254 -13.57 11.91 -10.05
CA THR A 254 -12.61 12.29 -9.01
C THR A 254 -11.78 11.09 -8.57
N VAL A 255 -12.44 9.96 -8.36
CA VAL A 255 -11.71 8.76 -7.96
C VAL A 255 -10.64 8.41 -8.99
N PHE A 256 -10.98 8.52 -10.28
CA PHE A 256 -10.02 8.14 -11.30
C PHE A 256 -8.89 9.16 -11.42
N LEU A 257 -9.20 10.44 -11.22
CA LEU A 257 -8.13 11.43 -11.18
C LEU A 257 -7.16 11.14 -10.05
N LEU A 258 -7.69 10.77 -8.88
CA LEU A 258 -6.81 10.43 -7.76
C LEU A 258 -6.01 9.16 -8.03
N VAL A 259 -6.63 8.17 -8.68
CA VAL A 259 -5.90 6.97 -9.06
C VAL A 259 -4.73 7.33 -9.97
N ILE A 260 -4.98 8.20 -10.96
CA ILE A 260 -3.89 8.66 -11.82
C ILE A 260 -2.83 9.36 -10.99
N VAL A 261 -3.25 10.19 -10.05
CA VAL A 261 -2.30 10.88 -9.18
C VAL A 261 -1.38 9.87 -8.52
N GLU A 262 -1.91 8.72 -8.10
CA GLU A 262 -1.07 7.71 -7.46
C GLU A 262 -0.07 7.08 -8.42
N LEU A 263 -0.20 7.28 -9.73
CA LEU A 263 0.65 6.59 -10.70
C LEU A 263 1.80 7.42 -11.21
N ILE A 264 1.80 8.73 -10.97
CA ILE A 264 2.83 9.61 -11.54
C ILE A 264 3.57 10.30 -10.41
N PRO A 265 4.82 10.72 -10.63
CA PRO A 265 5.54 11.45 -9.58
C PRO A 265 4.88 12.77 -9.24
N SER A 266 5.05 13.20 -8.02
CA SER A 266 4.52 14.47 -7.55
C SER A 266 5.28 15.65 -8.07
N THR A 267 6.18 15.46 -9.03
CA THR A 267 6.94 16.58 -9.58
C THR A 267 6.02 17.51 -10.36
N SER A 268 6.38 18.79 -10.36
CA SER A 268 5.66 19.82 -11.09
C SER A 268 6.39 20.23 -12.37
N SER A 269 7.36 19.42 -12.82
CA SER A 269 8.10 19.78 -14.02
C SER A 269 7.17 19.99 -15.21
N ALA A 270 6.07 19.24 -15.25
CA ALA A 270 5.10 19.39 -16.32
C ALA A 270 3.77 18.81 -15.84
N VAL A 271 2.70 19.19 -16.53
CA VAL A 271 1.35 18.72 -16.22
C VAL A 271 1.02 17.59 -17.16
N PRO A 272 0.68 16.39 -16.67
CA PRO A 272 0.29 15.31 -17.58
C PRO A 272 -0.93 15.72 -18.40
N LEU A 273 -0.90 15.35 -19.68
CA LEU A 273 -2.06 15.64 -20.52
C LEU A 273 -3.27 14.83 -20.08
N ILE A 274 -3.07 13.64 -19.53
CA ILE A 274 -4.20 12.86 -19.06
C ILE A 274 -4.80 13.52 -17.82
N GLY A 275 -3.95 13.97 -16.91
CA GLY A 275 -4.44 14.70 -15.75
C GLY A 275 -5.10 16.01 -16.12
N LYS A 276 -4.51 16.73 -17.06
CA LYS A 276 -5.10 18.00 -17.51
C LYS A 276 -6.45 17.76 -18.17
N TYR A 277 -6.54 16.75 -19.03
CA TYR A 277 -7.80 16.45 -19.69
C TYR A 277 -8.86 16.01 -18.69
N MET A 278 -8.47 15.21 -17.70
CA MET A 278 -9.48 14.80 -16.73
C MET A 278 -9.87 15.93 -15.80
N LEU A 279 -8.96 16.86 -15.50
CA LEU A 279 -9.35 18.05 -14.76
C LEU A 279 -10.32 18.90 -15.57
N PHE A 280 -10.07 19.05 -16.87
CA PHE A 280 -11.01 19.78 -17.72
C PHE A 280 -12.35 19.06 -17.77
N THR A 281 -12.34 17.73 -17.82
CA THR A 281 -13.58 16.98 -17.86
C THR A 281 -14.34 17.10 -16.54
N MET A 282 -13.62 17.13 -15.42
CA MET A 282 -14.26 17.41 -14.14
C MET A 282 -14.85 18.81 -14.11
N ILE A 283 -14.14 19.79 -14.65
CA ILE A 283 -14.70 21.14 -14.71
C ILE A 283 -15.95 21.16 -15.56
N PHE A 284 -15.93 20.44 -16.68
CA PHE A 284 -17.13 20.38 -17.52
C PHE A 284 -18.28 19.69 -16.80
N VAL A 285 -18.00 18.59 -16.10
CA VAL A 285 -19.06 17.89 -15.39
C VAL A 285 -19.62 18.76 -14.27
N ILE A 286 -18.76 19.55 -13.63
CA ILE A 286 -19.24 20.42 -12.56
C ILE A 286 -20.06 21.56 -13.15
N SER A 287 -19.66 22.09 -14.30
CA SER A 287 -20.50 23.07 -14.98
C SER A 287 -21.82 22.46 -15.40
N SER A 288 -21.81 21.20 -15.83
CA SER A 288 -23.03 20.51 -16.20
C SER A 288 -23.92 20.32 -14.98
N ILE A 289 -23.33 20.07 -13.82
CA ILE A 289 -24.12 19.96 -12.59
C ILE A 289 -24.69 21.31 -12.20
N ILE A 290 -23.94 22.39 -12.40
CA ILE A 290 -24.46 23.71 -12.13
C ILE A 290 -25.65 24.00 -13.03
N ILE A 291 -25.50 23.72 -14.31
CA ILE A 291 -26.59 23.96 -15.25
C ILE A 291 -27.74 23.00 -14.99
N THR A 292 -27.47 21.80 -14.49
CA THR A 292 -28.54 20.87 -14.17
C THR A 292 -29.31 21.34 -12.95
N VAL A 293 -28.62 21.91 -11.97
CA VAL A 293 -29.31 22.47 -10.82
C VAL A 293 -30.17 23.64 -11.26
N VAL A 294 -29.64 24.47 -12.17
CA VAL A 294 -30.44 25.58 -12.70
C VAL A 294 -31.65 25.06 -13.45
N VAL A 295 -31.48 24.01 -14.24
CA VAL A 295 -32.59 23.42 -14.99
C VAL A 295 -33.63 22.84 -14.05
N ILE A 296 -33.19 22.15 -12.99
CA ILE A 296 -34.13 21.56 -12.06
C ILE A 296 -34.90 22.66 -11.33
N ASN A 297 -34.20 23.73 -10.96
CA ASN A 297 -34.88 24.85 -10.32
C ASN A 297 -35.89 25.47 -11.28
N THR A 298 -35.52 25.64 -12.55
CA THR A 298 -36.43 26.19 -13.54
C THR A 298 -37.66 25.31 -13.72
N HIS A 299 -37.46 24.00 -13.77
CA HIS A 299 -38.56 23.08 -13.96
C HIS A 299 -39.60 23.21 -12.85
N HIS A 300 -39.16 23.54 -11.64
CA HIS A 300 -40.03 23.61 -10.48
C HIS A 300 -40.39 25.04 -10.09
N ARG A 301 -40.15 26.01 -10.96
CA ARG A 301 -40.55 27.38 -10.68
C ARG A 301 -42.04 27.44 -10.43
N SER A 302 -42.43 27.75 -9.20
CA SER A 302 -43.84 27.98 -8.91
C SER A 302 -44.27 29.26 -9.61
N PRO A 303 -45.34 29.21 -10.42
CA PRO A 303 -45.75 30.44 -11.13
C PRO A 303 -46.27 31.52 -10.22
N SER A 304 -46.66 31.19 -9.00
CA SER A 304 -47.13 32.22 -8.07
C SER A 304 -46.06 33.24 -7.79
N THR A 305 -44.87 32.76 -7.39
CA THR A 305 -43.79 33.65 -6.97
C THR A 305 -42.81 33.99 -8.08
N HIS A 306 -42.77 33.20 -9.14
CA HIS A 306 -41.88 33.44 -10.27
C HIS A 306 -42.71 33.71 -11.50
N THR A 307 -42.48 34.86 -12.13
CA THR A 307 -43.08 35.22 -13.40
C THR A 307 -42.01 35.21 -14.46
N MET A 308 -42.25 34.48 -15.54
CA MET A 308 -41.23 34.30 -16.56
C MET A 308 -40.92 35.65 -17.20
N PRO A 309 -39.68 36.14 -17.12
CA PRO A 309 -39.35 37.41 -17.78
C PRO A 309 -39.43 37.27 -19.29
N GLN A 310 -39.70 38.40 -19.95
CA GLN A 310 -39.87 38.38 -21.40
C GLN A 310 -38.59 37.95 -22.10
N TRP A 311 -37.42 38.30 -21.56
CA TRP A 311 -36.18 37.85 -22.18
C TRP A 311 -36.06 36.33 -22.12
N VAL A 312 -36.72 35.68 -21.17
CA VAL A 312 -36.79 34.23 -21.13
C VAL A 312 -37.83 33.71 -22.11
N ARG A 313 -39.01 34.33 -22.12
CA ARG A 313 -40.09 33.87 -23.00
C ARG A 313 -39.63 33.92 -24.46
N LYS A 314 -39.27 35.10 -24.94
CA LYS A 314 -38.96 35.27 -26.36
C LYS A 314 -37.83 34.35 -26.79
N ILE A 315 -36.87 34.08 -25.91
CA ILE A 315 -35.69 33.33 -26.31
C ILE A 315 -35.95 31.83 -26.23
N PHE A 316 -36.40 31.32 -25.09
CA PHE A 316 -36.51 29.89 -24.89
C PHE A 316 -37.84 29.30 -25.38
N ILE A 317 -38.82 30.13 -25.73
CA ILE A 317 -40.11 29.62 -26.16
C ILE A 317 -40.28 29.86 -27.66
N ASP A 318 -39.77 30.98 -28.15
CA ASP A 318 -40.05 31.43 -29.50
C ASP A 318 -38.85 31.41 -30.43
N THR A 319 -37.63 31.23 -29.92
CA THR A 319 -36.43 31.40 -30.72
C THR A 319 -35.71 30.09 -30.99
N ILE A 320 -35.28 29.37 -29.95
CA ILE A 320 -34.50 28.15 -30.13
C ILE A 320 -35.37 26.98 -30.57
N PRO A 321 -36.56 26.77 -30.00
CA PRO A 321 -37.30 25.53 -30.30
C PRO A 321 -37.47 25.27 -31.79
N ASN A 322 -37.73 26.31 -32.59
CA ASN A 322 -37.82 26.10 -34.03
C ASN A 322 -36.49 25.72 -34.65
N VAL A 323 -35.37 26.01 -33.96
CA VAL A 323 -34.05 25.65 -34.46
C VAL A 323 -33.72 24.18 -34.19
N MET A 324 -34.41 23.54 -33.24
CA MET A 324 -34.09 22.16 -32.89
C MET A 324 -34.63 21.22 -33.95
N PHE A 325 -33.86 21.00 -35.01
CA PHE A 325 -34.35 20.22 -36.15
C PHE A 325 -34.58 18.76 -35.78
N PHE A 326 -33.59 18.12 -35.17
CA PHE A 326 -33.61 16.68 -34.95
C PHE A 326 -34.49 16.27 -33.78
N SER A 327 -34.99 17.22 -33.00
CA SER A 327 -35.85 16.91 -31.87
C SER A 327 -37.32 17.09 -32.26
N THR A 328 -38.18 16.32 -31.61
CA THR A 328 -39.62 16.33 -31.88
C THR A 328 -40.40 17.07 -30.79
N MET A 329 -39.84 18.16 -30.27
CA MET A 329 -40.53 18.95 -29.27
C MET A 329 -41.64 19.77 -29.92
N LYS A 330 -42.32 20.58 -29.11
CA LYS A 330 -43.39 21.44 -29.60
C LYS A 330 -42.85 22.81 -29.97
N PRO A 370 -82.49 31.08 -0.24
CA PRO A 370 -82.22 30.59 1.11
C PRO A 370 -80.86 29.90 1.23
N ASP A 371 -80.82 28.58 1.09
CA ASP A 371 -79.58 27.82 1.12
C ASP A 371 -79.09 27.45 -0.27
N VAL A 372 -79.96 27.51 -1.28
CA VAL A 372 -79.54 27.21 -2.64
C VAL A 372 -78.54 28.26 -3.14
N LYS A 373 -78.73 29.52 -2.73
CA LYS A 373 -77.81 30.57 -3.16
C LYS A 373 -76.38 30.23 -2.75
N SER A 374 -76.21 29.62 -1.58
CA SER A 374 -74.86 29.19 -1.18
C SER A 374 -74.32 28.16 -2.15
N ALA A 375 -75.16 27.22 -2.59
CA ALA A 375 -74.71 26.21 -3.55
C ALA A 375 -74.32 26.84 -4.88
N ILE A 376 -75.11 27.82 -5.35
CA ILE A 376 -74.79 28.49 -6.60
C ILE A 376 -73.45 29.21 -6.49
N GLU A 377 -73.27 29.96 -5.40
CA GLU A 377 -71.98 30.62 -5.19
C GLU A 377 -70.86 29.60 -5.09
N GLY A 378 -71.13 28.44 -4.51
CA GLY A 378 -70.10 27.42 -4.41
C GLY A 378 -69.68 26.86 -5.75
N VAL A 379 -70.65 26.59 -6.63
CA VAL A 379 -70.31 26.13 -7.96
C VAL A 379 -69.53 27.21 -8.72
N LYS A 380 -69.96 28.46 -8.58
CA LYS A 380 -69.23 29.55 -9.22
C LYS A 380 -67.80 29.62 -8.71
N TYR A 381 -67.62 29.49 -7.40
CA TYR A 381 -66.29 29.52 -6.82
C TYR A 381 -65.44 28.37 -7.31
N ILE A 382 -66.03 27.17 -7.41
CA ILE A 382 -65.29 26.02 -7.90
C ILE A 382 -64.81 26.29 -9.32
N ALA A 383 -65.70 26.81 -10.17
CA ALA A 383 -65.30 27.09 -11.54
C ALA A 383 -64.20 28.13 -11.60
N GLU A 384 -64.33 29.18 -10.80
CA GLU A 384 -63.30 30.23 -10.79
C GLU A 384 -61.97 29.66 -10.37
N HIS A 385 -61.96 28.82 -9.32
CA HIS A 385 -60.71 28.28 -8.84
C HIS A 385 -60.11 27.28 -9.83
N MET A 386 -60.95 26.52 -10.53
CA MET A 386 -60.44 25.65 -11.57
C MET A 386 -59.80 26.45 -12.69
N LYS A 387 -60.41 27.58 -13.05
CA LYS A 387 -59.80 28.45 -14.06
C LYS A 387 -58.46 28.97 -13.59
N SER A 388 -58.38 29.42 -12.34
CA SER A 388 -57.12 29.94 -11.82
C SER A 388 -56.06 28.84 -11.79
N ASP A 389 -56.46 27.62 -11.41
CA ASP A 389 -55.53 26.49 -11.40
C ASP A 389 -55.05 26.18 -12.81
N GLU A 390 -55.94 26.26 -13.80
CA GLU A 390 -55.52 26.05 -15.17
C GLU A 390 -54.48 27.07 -15.59
N GLU A 391 -54.69 28.34 -15.25
CA GLU A 391 -53.73 29.37 -15.61
C GLU A 391 -52.38 29.13 -14.92
N SER A 392 -52.42 28.81 -13.62
CA SER A 392 -51.18 28.55 -12.90
C SER A 392 -50.45 27.34 -13.48
N SER A 393 -51.19 26.29 -13.81
CA SER A 393 -50.57 25.15 -14.48
C SER A 393 -49.90 25.61 -15.77
N ASN A 394 -50.65 26.28 -16.64
CA ASN A 394 -50.09 26.71 -17.91
C ASN A 394 -48.77 27.44 -17.71
N ALA A 395 -48.69 28.28 -16.68
CA ALA A 395 -47.42 28.94 -16.37
C ALA A 395 -46.35 27.92 -15.96
N ALA A 396 -46.73 26.94 -15.14
CA ALA A 396 -45.76 25.95 -14.68
C ALA A 396 -45.22 25.13 -15.85
N GLU A 397 -46.10 24.73 -16.77
CA GLU A 397 -45.66 24.04 -17.98
C GLU A 397 -44.84 24.94 -18.90
N GLU A 398 -45.08 26.25 -18.88
CA GLU A 398 -44.17 27.15 -19.59
C GLU A 398 -42.77 27.05 -19.00
N TRP A 399 -42.67 27.05 -17.68
CA TRP A 399 -41.37 26.90 -17.03
C TRP A 399 -40.75 25.55 -17.39
N LYS A 400 -41.56 24.49 -17.39
CA LYS A 400 -41.05 23.17 -17.71
C LYS A 400 -40.54 23.11 -19.15
N TYR A 401 -41.24 23.77 -20.06
CA TYR A 401 -40.77 23.87 -21.44
C TYR A 401 -39.44 24.60 -21.50
N VAL A 402 -39.29 25.67 -20.74
CA VAL A 402 -38.02 26.40 -20.73
C VAL A 402 -36.90 25.48 -20.26
N ALA A 403 -37.16 24.73 -19.19
CA ALA A 403 -36.15 23.79 -18.69
C ALA A 403 -35.81 22.73 -19.73
N MET A 404 -36.84 22.21 -20.40
CA MET A 404 -36.61 21.18 -21.41
C MET A 404 -35.74 21.72 -22.56
N VAL A 405 -36.00 22.94 -23.01
CA VAL A 405 -35.21 23.46 -24.12
C VAL A 405 -33.80 23.76 -23.66
N ILE A 406 -33.64 24.25 -22.42
CA ILE A 406 -32.28 24.47 -21.91
C ILE A 406 -31.50 23.16 -21.92
N ASP A 407 -32.13 22.08 -21.44
CA ASP A 407 -31.39 20.83 -21.32
C ASP A 407 -31.17 20.19 -22.68
N HIS A 408 -32.06 20.43 -23.65
CA HIS A 408 -31.79 19.98 -25.02
C HIS A 408 -30.63 20.74 -25.64
N ILE A 409 -30.53 22.04 -25.37
CA ILE A 409 -29.38 22.80 -25.85
C ILE A 409 -28.11 22.23 -25.27
N LEU A 410 -28.11 21.95 -23.96
CA LEU A 410 -26.93 21.35 -23.34
C LEU A 410 -26.62 19.98 -23.92
N LEU A 411 -27.65 19.19 -24.20
CA LEU A 411 -27.42 17.86 -24.75
C LEU A 411 -26.78 17.95 -26.13
N CYS A 412 -27.25 18.88 -26.96
CA CYS A 412 -26.66 19.04 -28.28
C CYS A 412 -25.24 19.58 -28.20
N VAL A 413 -24.98 20.47 -27.24
CA VAL A 413 -23.61 20.94 -27.05
C VAL A 413 -22.70 19.78 -26.68
N PHE A 414 -23.14 18.94 -25.75
CA PHE A 414 -22.32 17.80 -25.34
C PHE A 414 -22.12 16.83 -26.50
N MET A 415 -23.17 16.57 -27.27
CA MET A 415 -23.03 15.67 -28.40
C MET A 415 -22.07 16.23 -29.44
N LEU A 416 -22.13 17.53 -29.69
CA LEU A 416 -21.20 18.14 -30.63
C LEU A 416 -19.77 18.03 -30.13
N ILE A 417 -19.56 18.27 -28.83
CA ILE A 417 -18.22 18.11 -28.26
C ILE A 417 -17.74 16.67 -28.46
N CYS A 418 -18.62 15.70 -28.22
CA CYS A 418 -18.24 14.30 -28.36
C CYS A 418 -17.86 13.98 -29.80
N ILE A 419 -18.64 14.48 -30.76
CA ILE A 419 -18.34 14.20 -32.17
C ILE A 419 -17.00 14.83 -32.56
N ILE A 420 -16.77 16.08 -32.17
CA ILE A 420 -15.51 16.72 -32.56
C ILE A 420 -14.34 16.02 -31.89
N GLY A 421 -14.52 15.57 -30.64
CA GLY A 421 -13.45 14.86 -29.97
C GLY A 421 -13.11 13.54 -30.64
N THR A 422 -14.14 12.75 -30.96
CA THR A 422 -13.88 11.47 -31.60
C THR A 422 -13.28 11.65 -32.99
N VAL A 423 -13.69 12.69 -33.71
CA VAL A 423 -13.06 13.00 -34.99
C VAL A 423 -11.61 13.37 -34.80
N SER A 424 -11.33 14.20 -33.79
CA SER A 424 -9.96 14.69 -33.59
C SER A 424 -9.02 13.54 -33.23
N VAL A 425 -9.44 12.66 -32.33
CA VAL A 425 -8.56 11.57 -31.93
C VAL A 425 -8.33 10.60 -33.08
N PHE A 426 -9.16 10.65 -34.12
CA PHE A 426 -9.00 9.76 -35.26
C PHE A 426 -8.27 10.47 -36.40
N ASN B 2 57.10 1.50 -14.32
CA ASN B 2 56.16 2.17 -13.43
C ASN B 2 56.77 2.36 -12.06
N GLU B 3 57.12 3.60 -11.73
CA GLU B 3 57.67 3.92 -10.42
C GLU B 3 56.60 4.18 -9.38
N GLU B 4 55.32 4.13 -9.75
CA GLU B 4 54.27 4.10 -8.75
C GLU B 4 54.43 2.89 -7.85
N GLU B 5 54.82 1.76 -8.42
CA GLU B 5 55.12 0.57 -7.63
C GLU B 5 56.15 0.89 -6.55
N ARG B 6 57.28 1.46 -6.95
CA ARG B 6 58.35 1.71 -5.99
C ARG B 6 57.93 2.76 -4.98
N LEU B 7 57.24 3.81 -5.42
CA LEU B 7 56.81 4.85 -4.50
C LEU B 7 55.84 4.31 -3.46
N ILE B 8 54.84 3.54 -3.89
CA ILE B 8 53.86 3.02 -2.95
C ILE B 8 54.49 2.02 -2.02
N ASN B 9 55.41 1.19 -2.53
CA ASN B 9 56.14 0.30 -1.65
C ASN B 9 56.89 1.09 -0.59
N ASP B 10 57.62 2.12 -1.00
CA ASP B 10 58.40 2.91 -0.04
C ASP B 10 57.48 3.56 0.99
N LEU B 11 56.34 4.06 0.56
CA LEU B 11 55.47 4.81 1.45
C LEU B 11 54.79 3.88 2.46
N LEU B 12 54.38 2.69 2.01
CA LEU B 12 53.54 1.83 2.85
C LEU B 12 54.33 0.74 3.56
N ILE B 13 55.13 -0.03 2.83
CA ILE B 13 55.79 -1.20 3.41
C ILE B 13 57.12 -0.82 4.04
N VAL B 14 57.96 -0.08 3.30
CA VAL B 14 59.29 0.26 3.81
C VAL B 14 59.16 1.12 5.06
N ASN B 15 58.27 2.11 5.03
CA ASN B 15 58.11 3.03 6.15
C ASN B 15 57.18 2.49 7.23
N LYS B 16 56.74 1.24 7.13
CA LYS B 16 55.92 0.62 8.16
C LYS B 16 54.70 1.47 8.46
N TYR B 17 54.09 2.02 7.42
CA TYR B 17 52.94 2.88 7.60
C TYR B 17 51.84 2.15 8.34
N ASN B 18 51.34 2.74 9.42
CA ASN B 18 50.30 2.15 10.24
C ASN B 18 48.98 2.82 9.91
N LYS B 19 48.07 2.05 9.32
CA LYS B 19 46.77 2.57 8.91
C LYS B 19 45.94 3.03 10.10
N HIS B 20 46.28 2.60 11.30
CA HIS B 20 45.45 2.80 12.48
C HIS B 20 46.01 3.85 13.43
N VAL B 21 46.90 4.70 12.95
CA VAL B 21 47.49 5.76 13.75
C VAL B 21 47.22 7.08 13.05
N ARG B 22 46.80 8.07 13.83
CA ARG B 22 46.53 9.39 13.28
C ARG B 22 47.79 9.94 12.61
N PRO B 23 47.66 10.62 11.48
CA PRO B 23 48.83 11.21 10.83
C PRO B 23 49.34 12.47 11.51
N VAL B 24 49.88 12.30 12.71
CA VAL B 24 50.48 13.39 13.47
C VAL B 24 51.89 12.98 13.86
N LYS B 25 52.79 13.96 13.92
CA LYS B 25 54.14 13.69 14.38
C LYS B 25 54.17 13.49 15.89
N HIS B 26 53.42 14.29 16.63
CA HIS B 26 53.33 14.19 18.08
C HIS B 26 51.88 13.97 18.49
N ASN B 27 51.68 13.21 19.56
CA ASN B 27 50.34 12.80 19.94
C ASN B 27 49.44 13.99 20.20
N ASN B 28 49.98 15.06 20.80
CA ASN B 28 49.16 16.21 21.14
C ASN B 28 48.76 17.03 19.92
N GLU B 29 49.32 16.76 18.75
CA GLU B 29 48.92 17.46 17.54
C GLU B 29 47.50 17.06 17.16
N VAL B 30 46.92 17.83 16.25
CA VAL B 30 45.53 17.66 15.84
C VAL B 30 45.49 17.56 14.33
N VAL B 31 44.79 16.55 13.82
CA VAL B 31 44.60 16.40 12.38
C VAL B 31 43.42 17.26 11.96
N ASN B 32 43.64 18.10 10.96
CA ASN B 32 42.59 18.98 10.44
C ASN B 32 41.97 18.31 9.23
N ILE B 33 40.70 17.93 9.36
CA ILE B 33 39.95 17.31 8.28
C ILE B 33 39.06 18.38 7.66
N ALA B 34 39.37 18.78 6.44
CA ALA B 34 38.51 19.70 5.71
C ALA B 34 37.39 18.89 5.06
N LEU B 35 36.17 19.39 5.17
CA LEU B 35 35.00 18.63 4.76
C LEU B 35 34.05 19.52 3.97
N SER B 36 33.68 19.07 2.78
CA SER B 36 32.64 19.73 2.00
C SER B 36 31.70 18.68 1.45
N LEU B 37 30.53 19.12 1.03
CA LEU B 37 29.51 18.24 0.47
C LEU B 37 29.09 18.77 -0.89
N THR B 38 29.08 17.88 -1.88
CA THR B 38 28.57 18.18 -3.21
C THR B 38 27.27 17.41 -3.38
N LEU B 39 26.20 18.13 -3.69
CA LEU B 39 24.90 17.52 -3.92
C LEU B 39 24.72 17.31 -5.42
N SER B 40 24.57 16.06 -5.83
CA SER B 40 24.37 15.75 -7.24
C SER B 40 22.92 15.42 -7.58
N ASN B 41 22.15 14.93 -6.61
CA ASN B 41 20.74 14.68 -6.85
C ASN B 41 20.04 14.55 -5.51
N LEU B 42 19.04 15.38 -5.28
CA LEU B 42 18.14 15.21 -4.14
C LEU B 42 17.12 14.16 -4.56
N ILE B 43 17.42 12.90 -4.23
CA ILE B 43 16.65 11.78 -4.78
C ILE B 43 15.20 11.86 -4.36
N SER B 44 14.95 12.04 -3.07
CA SER B 44 13.57 12.14 -2.61
C SER B 44 13.56 12.74 -1.22
N LEU B 45 12.39 13.24 -0.84
CA LEU B 45 12.07 13.64 0.53
C LEU B 45 10.74 12.99 0.84
N LYS B 46 10.79 11.79 1.41
CA LYS B 46 9.57 11.08 1.78
C LYS B 46 9.02 11.69 3.06
N GLU B 47 7.93 12.44 2.93
CA GLU B 47 7.36 13.11 4.09
C GLU B 47 6.78 12.11 5.08
N THR B 48 6.20 11.02 4.58
CA THR B 48 5.61 10.03 5.47
C THR B 48 6.68 9.43 6.39
N ASP B 49 7.84 9.11 5.85
CA ASP B 49 8.95 8.58 6.64
C ASP B 49 9.91 9.66 7.10
N GLU B 50 9.67 10.92 6.76
CA GLU B 50 10.49 12.02 7.23
C GLU B 50 11.96 11.76 6.93
N THR B 51 12.23 11.30 5.70
CA THR B 51 13.55 10.90 5.27
C THR B 51 13.95 11.70 4.05
N LEU B 52 15.20 12.16 4.03
CA LEU B 52 15.78 12.81 2.88
C LEU B 52 16.81 11.87 2.28
N THR B 53 16.60 11.46 1.03
CA THR B 53 17.56 10.64 0.31
C THR B 53 18.34 11.53 -0.64
N SER B 54 19.66 11.54 -0.49
CA SER B 54 20.53 12.45 -1.21
C SER B 54 21.64 11.67 -1.89
N ASN B 55 21.97 12.07 -3.11
CA ASN B 55 23.13 11.57 -3.83
C ASN B 55 24.20 12.65 -3.72
N VAL B 56 25.20 12.42 -2.87
CA VAL B 56 26.20 13.43 -2.56
C VAL B 56 27.59 12.85 -2.77
N TRP B 57 28.53 13.75 -3.02
CA TRP B 57 29.96 13.44 -3.01
C TRP B 57 30.55 14.15 -1.80
N MET B 58 30.96 13.37 -0.81
CA MET B 58 31.44 13.92 0.46
C MET B 58 32.96 14.06 0.37
N ASP B 59 33.43 15.29 0.32
CA ASP B 59 34.83 15.60 0.05
C ASP B 59 35.59 15.74 1.36
N HIS B 60 36.67 14.99 1.51
CA HIS B 60 37.56 15.09 2.66
C HIS B 60 38.94 15.50 2.18
N ALA B 61 39.61 16.33 2.98
CA ALA B 61 40.97 16.73 2.69
C ALA B 61 41.72 16.87 4.00
N TRP B 62 42.79 16.10 4.16
CA TRP B 62 43.64 16.20 5.33
C TRP B 62 45.07 16.06 4.88
N TYR B 63 46.00 16.22 5.83
CA TYR B 63 47.42 16.10 5.57
C TYR B 63 47.95 14.87 6.28
N ASP B 64 48.67 14.04 5.55
CA ASP B 64 49.31 12.85 6.12
C ASP B 64 50.80 12.99 5.84
N HIS B 65 51.57 13.37 6.87
CA HIS B 65 52.99 13.58 6.67
C HIS B 65 53.72 12.29 6.32
N ARG B 66 53.13 11.13 6.62
CA ARG B 66 53.76 9.87 6.28
C ARG B 66 53.69 9.58 4.78
N LEU B 67 52.71 10.15 4.08
CA LEU B 67 52.55 9.95 2.65
C LEU B 67 53.19 11.04 1.83
N THR B 68 54.27 11.65 2.36
CA THR B 68 55.04 12.62 1.62
C THR B 68 56.19 11.92 0.90
N TRP B 69 56.60 12.49 -0.23
CA TRP B 69 57.74 11.99 -0.96
C TRP B 69 58.32 13.12 -1.79
N ASN B 70 59.60 12.98 -2.12
CA ASN B 70 60.26 13.94 -3.00
C ASN B 70 59.93 13.56 -4.43
N ALA B 71 59.12 14.39 -5.10
CA ALA B 71 58.68 14.04 -6.44
C ALA B 71 59.86 13.83 -7.39
N SER B 72 60.99 14.47 -7.13
CA SER B 72 62.14 14.34 -8.00
C SER B 72 62.87 13.02 -7.82
N GLU B 73 62.98 12.53 -6.58
CA GLU B 73 63.66 11.27 -6.35
C GLU B 73 63.06 10.16 -7.20
N TYR B 74 61.75 10.21 -7.40
CA TYR B 74 61.06 9.34 -8.33
C TYR B 74 60.84 10.10 -9.62
N SER B 75 60.70 9.38 -10.73
CA SER B 75 60.18 10.01 -11.93
C SER B 75 59.03 10.90 -11.52
N ASP B 76 59.04 12.15 -11.98
CA ASP B 76 58.22 13.16 -11.32
C ASP B 76 56.79 12.68 -11.21
N ILE B 77 56.37 12.36 -9.99
CA ILE B 77 55.02 11.86 -9.70
C ILE B 77 54.35 12.91 -8.82
N SER B 78 53.41 13.64 -9.40
CA SER B 78 52.76 14.73 -8.71
C SER B 78 51.50 14.31 -7.96
N ILE B 79 51.05 13.07 -8.13
CA ILE B 79 49.81 12.61 -7.50
C ILE B 79 49.83 11.10 -7.51
N LEU B 80 49.02 10.51 -6.63
CA LEU B 80 49.05 9.07 -6.41
C LEU B 80 47.70 8.65 -5.88
N ARG B 81 47.18 7.54 -6.38
CA ARG B 81 45.89 7.01 -5.96
C ARG B 81 46.12 5.77 -5.09
N LEU B 82 45.65 5.82 -3.86
CA LEU B 82 45.73 4.69 -2.97
C LEU B 82 44.34 4.31 -2.48
N PRO B 83 44.06 3.02 -2.28
CA PRO B 83 42.78 2.63 -1.72
C PRO B 83 42.66 3.08 -0.27
N PRO B 84 41.48 3.49 0.18
CA PRO B 84 41.32 3.92 1.56
C PRO B 84 41.57 2.82 2.58
N GLU B 85 41.57 1.57 2.16
CA GLU B 85 41.83 0.46 3.08
C GLU B 85 43.31 0.29 3.38
N LEU B 86 44.19 1.05 2.73
CA LEU B 86 45.60 1.02 3.01
C LEU B 86 46.10 2.24 3.77
N VAL B 87 45.36 3.35 3.73
CA VAL B 87 45.78 4.59 4.37
C VAL B 87 44.81 4.91 5.49
N TRP B 88 45.25 5.81 6.38
CA TRP B 88 44.39 6.31 7.44
C TRP B 88 43.38 7.27 6.84
N ILE B 89 42.09 6.98 7.04
CA ILE B 89 41.04 7.90 6.61
C ILE B 89 40.26 8.32 7.84
N PRO B 90 39.75 9.55 7.88
CA PRO B 90 38.89 9.95 9.00
C PRO B 90 37.48 9.38 8.80
N ASP B 91 36.96 8.71 9.83
CA ASP B 91 35.63 8.12 9.76
C ASP B 91 34.62 9.18 10.13
N ILE B 92 34.30 10.02 9.15
CA ILE B 92 33.26 11.02 9.30
C ILE B 92 31.93 10.34 8.98
N VAL B 93 31.02 10.31 9.95
CA VAL B 93 29.80 9.54 9.87
C VAL B 93 28.61 10.48 9.91
N LEU B 94 27.60 10.18 9.10
CA LEU B 94 26.34 10.90 9.16
C LEU B 94 25.59 10.46 10.41
N GLN B 95 25.53 11.33 11.41
CA GLN B 95 24.93 10.92 12.68
C GLN B 95 23.42 10.76 12.57
N ASN B 96 22.77 11.61 11.79
CA ASN B 96 21.30 11.63 11.73
C ASN B 96 20.77 10.82 10.57
N ASN B 97 21.41 9.71 10.25
CA ASN B 97 20.88 8.83 9.22
C ASN B 97 19.66 8.08 9.72
N ASN B 98 18.81 7.66 8.78
CA ASN B 98 17.62 6.89 9.08
C ASN B 98 17.88 5.40 9.10
N ASP B 99 18.56 4.91 8.07
CA ASP B 99 18.96 3.51 8.01
C ASP B 99 20.30 3.35 8.73
N GLY B 100 20.90 2.18 8.61
CA GLY B 100 22.15 1.93 9.28
C GLY B 100 23.37 2.35 8.48
N GLN B 101 23.16 3.18 7.47
CA GLN B 101 24.25 3.59 6.59
C GLN B 101 24.88 4.86 7.14
N TYR B 102 25.90 4.69 7.98
CA TYR B 102 26.61 5.82 8.55
C TYR B 102 27.65 6.36 7.59
N HIS B 103 28.46 5.47 7.02
CA HIS B 103 29.57 5.87 6.17
C HIS B 103 29.11 6.12 4.75
N VAL B 104 30.07 6.25 3.85
CA VAL B 104 29.78 6.39 2.43
C VAL B 104 29.58 5.01 1.82
N ALA B 105 28.99 5.01 0.62
CA ALA B 105 28.69 3.76 -0.06
C ALA B 105 29.94 3.15 -0.69
N TYR B 106 30.59 3.91 -1.55
CA TYR B 106 31.73 3.43 -2.32
C TYR B 106 33.00 4.01 -1.74
N PHE B 107 33.93 3.13 -1.34
CA PHE B 107 35.22 3.56 -0.79
C PHE B 107 36.23 3.68 -1.93
N CYS B 108 36.20 4.82 -2.59
CA CYS B 108 37.07 5.06 -3.74
C CYS B 108 38.48 5.39 -3.26
N ASN B 109 39.42 5.40 -4.21
CA ASN B 109 40.80 5.72 -3.91
C ASN B 109 40.92 7.14 -3.36
N VAL B 110 41.88 7.33 -2.47
CA VAL B 110 42.27 8.66 -2.04
C VAL B 110 43.31 9.16 -3.03
N LEU B 111 43.43 10.48 -3.15
CA LEU B 111 44.45 11.12 -3.97
C LEU B 111 45.47 11.74 -3.04
N VAL B 112 46.75 11.45 -3.27
CA VAL B 112 47.83 11.91 -2.42
C VAL B 112 48.81 12.69 -3.28
N ARG B 113 49.15 13.89 -2.83
CA ARG B 113 50.18 14.70 -3.46
C ARG B 113 51.48 14.57 -2.69
N PRO B 114 52.61 14.91 -3.31
CA PRO B 114 53.91 14.70 -2.64
C PRO B 114 54.05 15.47 -1.34
N ASN B 115 53.24 16.48 -1.09
CA ASN B 115 53.28 17.20 0.17
C ASN B 115 52.45 16.54 1.26
N GLY B 116 51.88 15.36 0.99
CA GLY B 116 51.08 14.66 1.96
C GLY B 116 49.63 15.07 2.00
N TYR B 117 49.18 15.87 1.04
CA TYR B 117 47.80 16.34 1.02
C TYR B 117 46.93 15.23 0.44
N VAL B 118 46.06 14.68 1.28
CA VAL B 118 45.20 13.58 0.88
C VAL B 118 43.80 14.13 0.64
N THR B 119 43.22 13.79 -0.50
CA THR B 119 41.85 14.17 -0.82
C THR B 119 41.06 12.91 -1.10
N TRP B 120 39.87 12.82 -0.52
CA TRP B 120 39.01 11.67 -0.67
C TRP B 120 37.61 12.16 -0.99
N LEU B 121 37.08 11.77 -2.14
CA LEU B 121 35.80 12.28 -2.64
C LEU B 121 34.89 11.12 -3.02
N PRO B 122 34.50 10.31 -2.05
CA PRO B 122 33.63 9.18 -2.34
C PRO B 122 32.20 9.62 -2.56
N PRO B 123 31.44 8.89 -3.36
CA PRO B 123 30.01 9.14 -3.47
C PRO B 123 29.23 8.40 -2.39
N ALA B 124 28.06 8.93 -2.08
CA ALA B 124 27.24 8.35 -1.04
C ALA B 124 25.78 8.61 -1.33
N ILE B 125 24.94 7.66 -0.96
CA ILE B 125 23.49 7.85 -0.89
C ILE B 125 23.15 7.92 0.58
N PHE B 126 22.78 9.11 1.05
CA PHE B 126 22.50 9.33 2.46
C PHE B 126 21.01 9.44 2.66
N ARG B 127 20.50 8.70 3.65
CA ARG B 127 19.11 8.75 4.04
C ARG B 127 19.08 9.32 5.45
N SER B 128 18.96 10.63 5.56
CA SER B 128 18.99 11.32 6.82
C SER B 128 17.59 11.60 7.31
N SER B 129 17.48 11.88 8.60
CA SER B 129 16.20 12.20 9.22
C SER B 129 15.91 13.68 9.02
N CYS B 130 14.79 13.98 8.36
CA CYS B 130 14.35 15.35 8.14
C CYS B 130 12.97 15.53 8.76
N PRO B 131 12.87 16.09 9.96
CA PRO B 131 11.53 16.39 10.50
C PRO B 131 10.78 17.29 9.55
N ILE B 132 9.51 16.96 9.33
CA ILE B 132 8.68 17.63 8.33
C ILE B 132 7.75 18.60 9.02
N ASN B 133 7.70 19.83 8.51
CA ASN B 133 6.73 20.84 8.93
C ASN B 133 5.59 20.81 7.92
N VAL B 134 4.50 20.12 8.27
CA VAL B 134 3.35 20.01 7.38
C VAL B 134 2.43 21.21 7.47
N LEU B 135 2.75 22.20 8.31
CA LEU B 135 1.80 23.26 8.61
C LEU B 135 1.23 23.91 7.35
N TYR B 136 2.08 24.16 6.35
CA TYR B 136 1.66 24.86 5.14
C TYR B 136 1.60 23.93 3.93
N PHE B 137 1.59 22.62 4.15
CA PHE B 137 1.50 21.71 3.02
C PHE B 137 0.23 21.98 2.22
N PRO B 138 0.28 21.97 0.89
CA PRO B 138 1.40 21.67 -0.01
C PRO B 138 2.21 22.89 -0.43
N PHE B 139 2.05 24.01 0.29
CA PHE B 139 2.81 25.22 0.02
C PHE B 139 3.97 25.37 1.00
N ASP B 140 4.59 24.26 1.37
CA ASP B 140 5.55 24.23 2.45
C ASP B 140 6.98 24.19 1.93
N TRP B 141 7.89 24.62 2.79
CA TRP B 141 9.32 24.48 2.58
C TRP B 141 9.90 23.75 3.78
N GLN B 142 10.81 22.83 3.54
CA GLN B 142 11.40 22.03 4.59
C GLN B 142 12.84 22.48 4.84
N ASN B 143 13.35 22.08 5.99
CA ASN B 143 14.69 22.47 6.45
C ASN B 143 15.41 21.19 6.84
N CYS B 144 16.01 20.53 5.86
CA CYS B 144 16.70 19.27 6.07
C CYS B 144 18.19 19.52 6.28
N SER B 145 18.77 18.76 7.20
CA SER B 145 20.18 18.91 7.54
C SER B 145 20.85 17.55 7.53
N LEU B 146 22.12 17.55 7.16
CA LEU B 146 22.98 16.36 7.22
C LEU B 146 24.10 16.67 8.21
N LYS B 147 23.97 16.13 9.42
CA LYS B 147 24.93 16.39 10.48
C LYS B 147 26.01 15.31 10.47
N PHE B 148 27.24 15.70 10.19
CA PHE B 148 28.36 14.79 10.11
C PHE B 148 29.25 14.97 11.33
N THR B 149 29.52 13.88 12.03
CA THR B 149 30.36 13.90 13.22
C THR B 149 31.58 13.03 12.98
N ALA B 150 32.54 13.14 13.90
CA ALA B 150 33.75 12.34 13.90
C ALA B 150 33.77 11.57 15.21
N LEU B 151 33.27 10.34 15.18
CA LEU B 151 33.15 9.53 16.38
C LEU B 151 34.37 8.67 16.65
N ASN B 152 35.32 8.61 15.71
CA ASN B 152 36.50 7.79 15.89
C ASN B 152 37.61 8.52 16.64
N TYR B 153 37.54 9.84 16.72
CA TYR B 153 38.52 10.63 17.45
C TYR B 153 37.82 11.83 18.04
N ASP B 154 38.23 12.23 19.23
CA ASP B 154 37.65 13.39 19.87
C ASP B 154 38.24 14.67 19.28
N ALA B 155 37.68 15.81 19.70
CA ALA B 155 38.04 17.08 19.09
C ALA B 155 39.48 17.49 19.38
N ASN B 156 40.09 16.95 20.43
CA ASN B 156 41.50 17.21 20.66
C ASN B 156 42.39 16.51 19.66
N GLU B 157 41.87 15.47 19.00
CA GLU B 157 42.68 14.64 18.11
C GLU B 157 42.47 14.99 16.64
N ILE B 158 41.25 15.25 16.21
CA ILE B 158 40.99 15.71 14.85
C ILE B 158 39.94 16.80 14.88
N THR B 159 40.13 17.83 14.07
CA THR B 159 39.24 18.98 14.00
C THR B 159 38.54 18.98 12.66
N MET B 160 37.23 18.75 12.66
CA MET B 160 36.45 18.92 11.45
C MET B 160 36.41 20.40 11.07
N ASP B 161 36.50 20.68 9.78
CA ASP B 161 36.40 22.03 9.29
C ASP B 161 35.73 22.01 7.93
N LEU B 162 35.13 23.14 7.57
CA LEU B 162 34.67 23.30 6.20
C LEU B 162 35.87 23.49 5.28
N MET B 163 35.79 22.88 4.10
CA MET B 163 36.85 23.07 3.13
C MET B 163 36.91 24.53 2.70
N THR B 164 38.12 25.04 2.52
CA THR B 164 38.34 26.39 2.07
C THR B 164 38.71 26.39 0.60
N ASP B 165 38.44 27.50 -0.05
CA ASP B 165 38.72 27.68 -1.47
C ASP B 165 39.39 29.02 -1.69
N THR B 166 40.16 29.11 -2.76
CA THR B 166 40.92 30.31 -3.10
C THR B 166 40.36 30.90 -4.38
N ILE B 167 40.13 32.21 -4.38
CA ILE B 167 39.58 32.92 -5.53
C ILE B 167 40.60 33.86 -6.15
N ASP B 168 41.21 34.73 -5.35
CA ASP B 168 42.23 35.65 -5.82
C ASP B 168 43.36 35.75 -4.81
N GLY B 169 43.79 34.63 -4.27
CA GLY B 169 44.88 34.58 -3.32
C GLY B 169 44.46 34.46 -1.88
N LYS B 170 43.25 34.90 -1.54
CA LYS B 170 42.72 34.76 -0.19
C LYS B 170 41.80 33.55 -0.12
N ASP B 171 41.90 32.79 0.96
CA ASP B 171 41.16 31.55 1.13
C ASP B 171 39.90 31.82 1.92
N TYR B 172 38.76 31.37 1.39
CA TYR B 172 37.48 31.54 2.05
C TYR B 172 36.82 30.18 2.29
N PRO B 173 36.18 29.98 3.44
CA PRO B 173 35.57 28.69 3.70
C PRO B 173 34.37 28.44 2.81
N ILE B 174 34.28 27.23 2.28
CA ILE B 174 33.11 26.84 1.50
C ILE B 174 31.99 26.57 2.51
N GLU B 175 31.13 27.56 2.72
CA GLU B 175 30.11 27.52 3.76
C GLU B 175 28.75 27.13 3.20
N TRP B 176 28.73 26.27 2.18
CA TRP B 176 27.49 25.88 1.55
C TRP B 176 27.68 24.50 0.94
N ILE B 177 26.57 23.86 0.61
CA ILE B 177 26.63 22.66 -0.19
C ILE B 177 27.00 23.03 -1.62
N ILE B 178 28.05 22.41 -2.15
CA ILE B 178 28.42 22.66 -3.53
C ILE B 178 27.40 22.00 -4.45
N ILE B 179 26.97 22.73 -5.45
CA ILE B 179 26.12 22.20 -6.51
C ILE B 179 26.83 22.43 -7.83
N ASP B 180 27.15 21.36 -8.52
CA ASP B 180 27.88 21.44 -9.77
C ASP B 180 26.90 21.47 -10.93
N PRO B 181 26.86 22.53 -11.73
CA PRO B 181 25.92 22.53 -12.87
C PRO B 181 26.14 21.39 -13.83
N GLU B 182 27.36 20.88 -13.93
CA GLU B 182 27.65 19.76 -14.81
C GLU B 182 27.27 18.42 -14.19
N ALA B 183 26.88 18.39 -12.91
CA ALA B 183 26.58 17.11 -12.27
C ALA B 183 25.39 17.20 -11.32
N PHE B 184 24.53 18.21 -11.44
CA PHE B 184 23.38 18.35 -10.57
C PHE B 184 22.10 18.16 -11.37
N THR B 185 21.22 17.31 -10.86
CA THR B 185 19.92 17.06 -11.46
C THR B 185 18.86 17.77 -10.63
N GLU B 186 18.09 18.64 -11.28
CA GLU B 186 17.03 19.35 -10.58
C GLU B 186 15.94 18.39 -10.14
N ASN B 187 15.44 18.58 -8.93
CA ASN B 187 14.28 17.83 -8.48
C ASN B 187 13.02 18.49 -9.03
N GLY B 188 12.15 17.69 -9.61
CA GLY B 188 10.93 18.23 -10.17
C GLY B 188 9.91 18.65 -9.13
N GLU B 189 10.12 18.29 -7.87
CA GLU B 189 9.18 18.63 -6.80
C GLU B 189 9.76 19.59 -5.78
N TRP B 190 11.08 19.63 -5.61
CA TRP B 190 11.71 20.39 -4.56
C TRP B 190 12.74 21.33 -5.15
N GLU B 191 12.62 22.61 -4.83
CA GLU B 191 13.55 23.64 -5.29
C GLU B 191 14.44 24.04 -4.13
N ILE B 192 15.75 24.04 -4.35
CA ILE B 192 16.70 24.40 -3.31
C ILE B 192 16.74 25.91 -3.20
N ILE B 193 16.42 26.43 -2.02
CA ILE B 193 16.45 27.86 -1.76
C ILE B 193 17.77 28.22 -1.09
N HIS B 194 18.05 27.58 0.04
CA HIS B 194 19.29 27.78 0.76
C HIS B 194 19.98 26.44 0.96
N LYS B 195 21.29 26.50 1.10
CA LYS B 195 22.08 25.29 1.28
C LYS B 195 23.35 25.63 2.06
N PRO B 196 23.21 26.12 3.29
CA PRO B 196 24.40 26.49 4.07
C PRO B 196 25.07 25.28 4.70
N ALA B 197 26.34 25.47 5.01
CA ALA B 197 27.12 24.50 5.76
C ALA B 197 27.75 25.22 6.95
N LYS B 198 27.71 24.57 8.12
CA LYS B 198 28.27 25.15 9.32
C LYS B 198 29.12 24.14 10.06
N LYS B 199 30.16 24.64 10.70
CA LYS B 199 30.93 23.87 11.66
C LYS B 199 30.44 24.28 13.04
N ASN B 200 29.70 23.39 13.69
CA ASN B 200 29.12 23.69 14.99
C ASN B 200 30.01 23.13 16.08
N ILE B 201 30.23 23.94 17.11
CA ILE B 201 30.91 23.52 18.32
C ILE B 201 29.92 23.65 19.47
N TYR B 202 29.90 22.65 20.34
CA TYR B 202 28.98 22.64 21.47
C TYR B 202 29.74 22.91 22.76
N PRO B 203 29.76 24.16 23.24
CA PRO B 203 30.60 24.47 24.40
C PRO B 203 30.22 23.72 25.66
N ASP B 204 28.97 23.28 25.79
CA ASP B 204 28.60 22.52 26.97
C ASP B 204 29.25 21.14 27.00
N LYS B 205 29.89 20.73 25.92
CA LYS B 205 30.63 19.47 25.86
C LYS B 205 32.12 19.77 25.81
N PHE B 206 32.91 18.78 26.12
CA PHE B 206 34.34 18.98 26.18
C PHE B 206 35.01 18.45 24.93
N PRO B 207 36.17 19.00 24.55
CA PRO B 207 36.92 18.42 23.43
C PRO B 207 37.37 17.00 23.69
N ASN B 208 37.26 16.53 24.92
CA ASN B 208 37.62 15.14 25.24
C ASN B 208 36.71 14.16 24.52
N GLY B 209 35.47 14.54 24.26
CA GLY B 209 34.48 13.63 23.71
C GLY B 209 34.28 13.82 22.21
N THR B 210 33.50 12.92 21.64
CA THR B 210 33.21 12.92 20.21
C THR B 210 31.97 13.71 19.87
N ASN B 211 31.26 14.25 20.86
CA ASN B 211 30.05 15.03 20.63
C ASN B 211 30.28 16.52 20.80
N TYR B 212 31.53 16.96 20.69
CA TYR B 212 31.88 18.36 20.90
C TYR B 212 31.78 19.20 19.64
N GLN B 213 31.73 18.58 18.47
CA GLN B 213 31.90 19.31 17.23
C GLN B 213 31.49 18.47 16.04
N ASP B 214 30.67 19.06 15.17
CA ASP B 214 30.19 18.40 13.96
C ASP B 214 30.20 19.41 12.83
N VAL B 215 30.04 18.91 11.61
CA VAL B 215 29.81 19.74 10.44
C VAL B 215 28.44 19.37 9.90
N THR B 216 27.56 20.37 9.78
CA THR B 216 26.19 20.16 9.36
C THR B 216 25.95 20.91 8.07
N PHE B 217 25.34 20.22 7.10
CA PHE B 217 24.96 20.81 5.83
C PHE B 217 23.45 20.92 5.80
N TYR B 218 22.95 22.14 5.76
CA TYR B 218 21.51 22.37 5.76
C TYR B 218 21.01 22.51 4.34
N LEU B 219 19.73 22.21 4.16
CA LEU B 219 19.16 22.18 2.82
C LEU B 219 17.71 22.64 2.96
N ILE B 220 17.48 23.94 2.79
CA ILE B 220 16.15 24.50 2.81
C ILE B 220 15.59 24.40 1.41
N ILE B 221 14.48 23.66 1.27
CA ILE B 221 13.92 23.35 -0.03
C ILE B 221 12.45 23.71 0.01
N ARG B 222 12.00 24.44 -1.01
CA ARG B 222 10.61 24.83 -1.16
C ARG B 222 9.93 23.86 -2.10
N ARG B 223 8.79 23.31 -1.68
CA ARG B 223 8.03 22.44 -2.56
C ARG B 223 7.43 23.24 -3.70
N LYS B 224 7.38 22.64 -4.87
CA LYS B 224 6.70 23.23 -6.01
C LYS B 224 5.28 22.70 -6.02
N PRO B 225 4.27 23.52 -5.73
CA PRO B 225 2.93 23.00 -5.42
C PRO B 225 2.01 22.80 -6.62
N LEU B 226 2.45 23.09 -7.84
CA LEU B 226 1.54 23.00 -8.98
C LEU B 226 0.88 21.63 -9.05
N PHE B 227 1.62 20.57 -8.71
CA PHE B 227 1.06 19.22 -8.77
C PHE B 227 -0.11 19.09 -7.80
N TYR B 228 0.11 19.48 -6.55
CA TYR B 228 -0.93 19.34 -5.53
C TYR B 228 -2.06 20.32 -5.77
N VAL B 229 -1.76 21.51 -6.26
CA VAL B 229 -2.81 22.49 -6.55
C VAL B 229 -3.71 21.96 -7.66
N ILE B 230 -3.11 21.42 -8.72
CA ILE B 230 -3.88 20.97 -9.87
C ILE B 230 -4.68 19.72 -9.53
N ASN B 231 -4.07 18.78 -8.80
CA ASN B 231 -4.68 17.46 -8.65
C ASN B 231 -5.39 17.25 -7.32
N PHE B 232 -5.14 18.07 -6.31
CA PHE B 232 -5.80 17.93 -5.02
C PHE B 232 -6.68 19.13 -4.69
N ILE B 233 -6.12 20.33 -4.70
CA ILE B 233 -6.85 21.49 -4.19
C ILE B 233 -7.98 21.87 -5.14
N THR B 234 -7.72 21.90 -6.44
CA THR B 234 -8.76 22.34 -7.38
C THR B 234 -9.97 21.43 -7.36
N PRO B 235 -9.84 20.10 -7.49
CA PRO B 235 -11.02 19.25 -7.40
C PRO B 235 -11.78 19.42 -6.10
N CYS B 236 -11.08 19.52 -4.98
CA CYS B 236 -11.74 19.67 -3.70
C CYS B 236 -12.53 20.97 -3.64
N VAL B 237 -11.95 22.06 -4.13
CA VAL B 237 -12.62 23.35 -4.11
C VAL B 237 -13.88 23.32 -4.96
N LEU B 238 -13.80 22.75 -6.16
CA LEU B 238 -14.98 22.71 -7.02
C LEU B 238 -16.07 21.83 -6.39
N ILE B 239 -15.71 20.63 -5.96
CA ILE B 239 -16.69 19.75 -5.33
C ILE B 239 -17.30 20.42 -4.12
N SER B 240 -16.53 21.24 -3.40
CA SER B 240 -17.07 21.98 -2.27
C SER B 240 -18.10 23.00 -2.73
N PHE B 241 -17.80 23.74 -3.78
CA PHE B 241 -18.74 24.74 -4.27
C PHE B 241 -20.06 24.13 -4.69
N LEU B 242 -20.03 22.86 -5.13
CA LEU B 242 -21.31 22.17 -5.35
C LEU B 242 -22.16 22.12 -4.09
N ALA B 243 -21.54 22.11 -2.90
CA ALA B 243 -22.35 22.12 -1.68
C ALA B 243 -23.20 23.38 -1.60
N SER B 244 -22.59 24.54 -1.87
CA SER B 244 -23.36 25.77 -1.91
C SER B 244 -24.41 25.71 -2.99
N LEU B 245 -24.06 25.12 -4.14
CA LEU B 245 -25.05 24.93 -5.20
C LEU B 245 -26.26 24.16 -4.69
N ALA B 246 -26.06 23.25 -3.74
CA ALA B 246 -27.15 22.41 -3.26
C ALA B 246 -28.31 23.22 -2.68
N PHE B 247 -28.09 24.47 -2.27
CA PHE B 247 -29.17 25.29 -1.75
C PHE B 247 -30.14 25.73 -2.82
N TYR B 248 -29.72 25.72 -4.08
CA TYR B 248 -30.56 26.16 -5.17
C TYR B 248 -31.52 25.10 -5.65
N LEU B 249 -31.32 23.84 -5.27
CA LEU B 249 -32.26 22.79 -5.66
C LEU B 249 -33.57 22.97 -4.92
N PRO B 250 -34.71 22.86 -5.59
CA PRO B 250 -35.99 22.89 -4.87
C PRO B 250 -36.15 21.67 -3.99
N ALA B 251 -36.89 21.85 -2.90
CA ALA B 251 -37.13 20.73 -2.00
C ALA B 251 -37.91 19.61 -2.68
N GLU B 252 -38.71 19.94 -3.69
CA GLU B 252 -39.45 18.90 -4.40
C GLU B 252 -38.60 18.21 -5.46
N SER B 253 -37.35 18.64 -5.65
CA SER B 253 -36.44 17.92 -6.51
C SER B 253 -36.21 16.50 -6.01
N GLY B 254 -36.13 16.34 -4.70
CA GLY B 254 -35.84 15.05 -4.12
C GLY B 254 -34.38 14.69 -4.11
N GLU B 255 -33.48 15.66 -4.33
CA GLU B 255 -32.07 15.35 -4.41
C GLU B 255 -31.19 16.38 -3.70
N LYS B 256 -31.77 17.21 -2.84
CA LYS B 256 -30.99 18.19 -2.10
C LYS B 256 -30.01 17.51 -1.14
N MET B 257 -30.52 16.63 -0.29
CA MET B 257 -29.67 15.95 0.68
C MET B 257 -28.66 15.06 -0.02
N SER B 258 -29.06 14.40 -1.10
CA SER B 258 -28.12 13.54 -1.82
C SER B 258 -26.94 14.35 -2.34
N THR B 259 -27.22 15.53 -2.91
CA THR B 259 -26.14 16.38 -3.39
C THR B 259 -25.22 16.79 -2.25
N ALA B 260 -25.78 17.29 -1.16
CA ALA B 260 -24.93 17.75 -0.07
C ALA B 260 -24.10 16.61 0.50
N ILE B 261 -24.73 15.45 0.69
CA ILE B 261 -24.03 14.30 1.24
C ILE B 261 -22.91 13.86 0.32
N SER B 262 -23.17 13.83 -0.99
CA SER B 262 -22.13 13.44 -1.93
C SER B 262 -20.94 14.39 -1.86
N VAL B 263 -21.21 15.69 -1.74
CA VAL B 263 -20.11 16.63 -1.58
C VAL B 263 -19.32 16.32 -0.32
N LEU B 264 -20.02 16.02 0.78
CA LEU B 264 -19.33 15.71 2.02
C LEU B 264 -18.47 14.46 1.87
N LEU B 265 -18.98 13.43 1.20
CA LEU B 265 -18.19 12.21 1.01
C LEU B 265 -16.99 12.45 0.12
N ALA B 266 -17.13 13.27 -0.92
CA ALA B 266 -15.97 13.61 -1.75
C ALA B 266 -14.91 14.33 -0.93
N GLN B 267 -15.34 15.26 -0.08
CA GLN B 267 -14.39 15.96 0.77
C GLN B 267 -13.73 15.00 1.75
N ALA B 268 -14.48 14.04 2.28
CA ALA B 268 -13.88 13.05 3.18
C ALA B 268 -12.85 12.21 2.44
N VAL B 269 -13.14 11.82 1.20
CA VAL B 269 -12.18 11.06 0.42
C VAL B 269 -10.91 11.87 0.22
N PHE B 270 -11.05 13.15 -0.10
CA PHE B 270 -9.86 13.97 -0.28
C PHE B 270 -9.10 14.11 1.02
N LEU B 271 -9.82 14.23 2.14
CA LEU B 271 -9.16 14.31 3.44
C LEU B 271 -8.36 13.05 3.73
N LEU B 272 -8.91 11.88 3.43
CA LEU B 272 -8.20 10.65 3.73
C LEU B 272 -7.00 10.45 2.81
N LEU B 273 -7.13 10.80 1.54
CA LEU B 273 -5.99 10.69 0.63
C LEU B 273 -4.90 11.70 0.99
N THR B 274 -5.28 12.88 1.48
CA THR B 274 -4.29 13.81 2.00
C THR B 274 -3.66 13.30 3.28
N SER B 275 -4.46 12.63 4.12
CA SER B 275 -3.94 12.05 5.35
C SER B 275 -2.88 11.01 5.06
N GLN B 276 -3.08 10.20 4.02
CA GLN B 276 -2.10 9.19 3.66
C GLN B 276 -0.79 9.75 3.13
N ARG B 277 -0.74 11.03 2.76
CA ARG B 277 0.45 11.59 2.12
C ARG B 277 1.33 12.40 3.06
N LEU B 278 1.08 12.37 4.36
CA LEU B 278 1.83 13.14 5.32
C LEU B 278 2.16 12.28 6.52
N PRO B 279 3.19 12.64 7.28
CA PRO B 279 3.52 11.89 8.49
C PRO B 279 2.48 12.09 9.57
N GLU B 280 2.38 11.09 10.43
CA GLU B 280 1.35 11.09 11.48
C GLU B 280 1.83 11.83 12.73
N THR B 281 2.33 13.04 12.54
CA THR B 281 2.81 13.86 13.64
C THR B 281 1.68 14.72 14.19
N ALA B 282 1.99 15.42 15.28
CA ALA B 282 1.03 16.25 15.98
C ALA B 282 1.51 17.68 16.12
N LEU B 283 2.53 18.06 15.37
CA LEU B 283 3.04 19.42 15.46
C LEU B 283 2.04 20.43 14.91
N ALA B 284 1.29 20.06 13.88
CA ALA B 284 0.34 20.98 13.28
C ALA B 284 -0.57 20.22 12.33
N VAL B 285 -1.73 20.79 12.08
CA VAL B 285 -2.65 20.32 11.05
C VAL B 285 -2.26 21.01 9.74
N PRO B 286 -1.97 20.29 8.67
CA PRO B 286 -1.53 20.95 7.44
C PRO B 286 -2.56 21.97 6.95
N LEU B 287 -2.09 22.88 6.10
CA LEU B 287 -2.98 23.89 5.54
C LEU B 287 -4.13 23.23 4.79
N ILE B 288 -3.82 22.24 3.96
CA ILE B 288 -4.87 21.53 3.25
C ILE B 288 -5.76 20.79 4.23
N GLY B 289 -5.19 20.24 5.30
CA GLY B 289 -6.00 19.60 6.31
C GLY B 289 -6.90 20.58 7.03
N LYS B 290 -6.40 21.76 7.35
CA LYS B 290 -7.23 22.78 7.95
C LYS B 290 -8.38 23.16 7.02
N TYR B 291 -8.07 23.36 5.74
CA TYR B 291 -9.11 23.73 4.79
C TYR B 291 -10.14 22.63 4.67
N LEU B 292 -9.71 21.37 4.66
CA LEU B 292 -10.65 20.27 4.52
C LEU B 292 -11.52 20.14 5.76
N MET B 293 -10.95 20.32 6.95
CA MET B 293 -11.77 20.31 8.16
C MET B 293 -12.79 21.43 8.11
N PHE B 294 -12.37 22.63 7.73
CA PHE B 294 -13.28 23.77 7.66
C PHE B 294 -14.39 23.52 6.66
N ILE B 295 -14.04 23.01 5.48
CA ILE B 295 -15.03 22.82 4.43
C ILE B 295 -15.95 21.66 4.75
N MET B 296 -15.45 20.62 5.41
CA MET B 296 -16.31 19.51 5.82
C MET B 296 -17.28 19.95 6.91
N SER B 297 -16.82 20.76 7.86
CA SER B 297 -17.73 21.30 8.85
C SER B 297 -18.77 22.19 8.20
N LEU B 298 -18.36 23.03 7.24
CA LEU B 298 -19.29 23.91 6.58
C LEU B 298 -20.31 23.13 5.77
N VAL B 299 -19.88 22.05 5.11
CA VAL B 299 -20.80 21.25 4.32
C VAL B 299 -21.70 20.42 5.21
N THR B 300 -21.24 19.99 6.38
CA THR B 300 -22.14 19.37 7.35
C THR B 300 -23.20 20.37 7.81
N GLY B 301 -22.80 21.62 8.04
CA GLY B 301 -23.79 22.65 8.31
C GLY B 301 -24.77 22.81 7.17
N VAL B 302 -24.27 22.71 5.93
CA VAL B 302 -25.14 22.78 4.76
C VAL B 302 -26.12 21.62 4.75
N ILE B 303 -25.65 20.42 5.11
CA ILE B 303 -26.53 19.26 5.13
C ILE B 303 -27.60 19.43 6.19
N VAL B 304 -27.21 19.94 7.37
CA VAL B 304 -28.19 20.19 8.42
C VAL B 304 -29.19 21.24 7.96
N ASN B 305 -28.74 22.29 7.29
CA ASN B 305 -29.65 23.33 6.84
C ASN B 305 -30.57 22.82 5.74
N CYS B 306 -30.07 21.93 4.89
CA CYS B 306 -30.93 21.29 3.90
C CYS B 306 -31.98 20.42 4.57
N GLY B 307 -31.59 19.70 5.62
CA GLY B 307 -32.56 18.94 6.38
C GLY B 307 -33.62 19.82 7.00
N ILE B 308 -33.22 20.98 7.53
CA ILE B 308 -34.18 21.92 8.11
C ILE B 308 -35.11 22.46 7.04
N VAL B 309 -34.57 22.82 5.88
CA VAL B 309 -35.40 23.32 4.80
C VAL B 309 -36.40 22.27 4.37
N LEU B 310 -35.97 21.01 4.25
CA LEU B 310 -36.89 19.95 3.90
C LEU B 310 -37.94 19.75 4.98
N ASN B 311 -37.56 19.81 6.25
CA ASN B 311 -38.52 19.67 7.33
C ASN B 311 -39.58 20.75 7.25
N PHE B 312 -39.17 21.98 6.94
CA PHE B 312 -40.13 23.08 6.83
C PHE B 312 -41.00 22.92 5.59
N HIS B 313 -40.42 22.52 4.47
CA HIS B 313 -41.15 22.44 3.22
C HIS B 313 -42.30 21.45 3.31
N PHE B 314 -42.14 20.36 4.04
CA PHE B 314 -43.10 19.26 4.04
C PHE B 314 -44.07 19.34 5.21
N ARG B 315 -44.10 20.46 5.91
CA ARG B 315 -45.08 20.66 6.95
C ARG B 315 -46.46 20.89 6.32
N THR B 316 -47.49 20.55 7.08
CA THR B 316 -48.86 20.73 6.64
C THR B 316 -49.68 21.20 7.82
N PRO B 317 -50.86 21.79 7.57
CA PRO B 317 -51.70 22.25 8.69
C PRO B 317 -52.11 21.14 9.63
N SER B 318 -52.09 19.90 9.18
CA SER B 318 -52.50 18.77 9.99
C SER B 318 -51.45 18.32 10.99
N THR B 319 -50.23 18.84 10.91
CA THR B 319 -49.17 18.43 11.82
C THR B 319 -48.51 19.62 12.49
N HIS B 320 -48.45 20.76 11.79
CA HIS B 320 -47.84 21.96 12.33
C HIS B 320 -48.71 23.16 12.01
N VAL B 321 -48.58 24.19 12.84
CA VAL B 321 -49.27 25.45 12.64
C VAL B 321 -48.25 26.49 12.20
N LEU B 322 -48.52 27.14 11.08
CA LEU B 322 -47.65 28.18 10.56
C LEU B 322 -47.86 29.44 11.38
N SER B 323 -46.98 29.66 12.35
CA SER B 323 -47.16 30.75 13.29
C SER B 323 -47.05 32.09 12.57
N THR B 324 -47.74 33.09 13.14
CA THR B 324 -47.69 34.43 12.57
C THR B 324 -46.29 35.02 12.61
N ARG B 325 -45.52 34.72 13.65
CA ARG B 325 -44.12 35.16 13.69
C ARG B 325 -43.34 34.55 12.52
N VAL B 326 -43.53 33.26 12.27
CA VAL B 326 -42.84 32.60 11.16
C VAL B 326 -43.27 33.23 9.83
N LYS B 327 -44.57 33.48 9.66
CA LYS B 327 -45.01 34.14 8.45
C LYS B 327 -44.35 35.50 8.29
N GLN B 328 -44.44 36.34 9.33
CA GLN B 328 -43.90 37.69 9.23
C GLN B 328 -42.42 37.67 8.90
N ILE B 329 -41.67 36.71 9.43
CA ILE B 329 -40.23 36.70 9.19
C ILE B 329 -39.91 36.11 7.82
N PHE B 330 -40.40 34.91 7.52
CA PHE B 330 -39.94 34.15 6.37
C PHE B 330 -40.78 34.34 5.12
N LEU B 331 -41.84 35.16 5.17
CA LEU B 331 -42.65 35.42 3.98
C LEU B 331 -42.80 36.89 3.68
N GLU B 332 -42.50 37.78 4.62
CA GLU B 332 -42.66 39.22 4.43
C GLU B 332 -41.34 39.97 4.56
N LYS B 333 -40.52 39.64 5.57
CA LYS B 333 -39.36 40.47 5.87
C LYS B 333 -38.12 39.97 5.16
N LEU B 334 -37.72 38.73 5.42
CA LEU B 334 -36.50 38.19 4.83
C LEU B 334 -36.56 38.19 3.31
N PRO B 335 -37.65 37.70 2.69
CA PRO B 335 -37.76 37.72 1.23
C PRO B 335 -37.29 39.07 0.68
N ARG B 336 -37.79 40.18 1.20
CA ARG B 336 -37.46 41.51 0.70
C ARG B 336 -35.99 41.84 0.93
N ILE B 337 -35.47 41.54 2.12
CA ILE B 337 -34.07 41.79 2.40
C ILE B 337 -33.18 41.00 1.45
N LEU B 338 -33.49 39.72 1.24
CA LEU B 338 -32.74 38.86 0.35
C LEU B 338 -33.07 39.11 -1.11
N HIS B 339 -33.95 40.07 -1.41
CA HIS B 339 -34.28 40.45 -2.77
C HIS B 339 -34.82 39.26 -3.56
N MET B 340 -35.56 38.40 -2.86
CA MET B 340 -36.20 37.27 -3.51
C MET B 340 -37.34 37.77 -4.39
N SER B 341 -37.58 37.07 -5.49
CA SER B 341 -38.66 37.46 -6.39
C SER B 341 -39.98 37.49 -5.63
N ARG B 342 -40.61 38.66 -5.60
CA ARG B 342 -41.84 38.85 -4.85
C ARG B 342 -41.59 38.66 -3.35
N HIS B 416 -89.23 16.50 -4.49
CA HIS B 416 -88.58 17.59 -3.78
C HIS B 416 -87.65 17.04 -2.71
N ASP B 417 -87.85 15.77 -2.37
CA ASP B 417 -86.89 15.06 -1.53
C ASP B 417 -85.55 14.95 -2.24
N GLU B 418 -85.58 14.79 -3.56
CA GLU B 418 -84.40 14.94 -4.39
C GLU B 418 -83.67 16.24 -4.12
N ILE B 419 -84.32 17.37 -4.40
CA ILE B 419 -83.59 18.57 -4.77
C ILE B 419 -82.82 19.11 -3.57
N LYS B 420 -83.39 19.02 -2.37
CA LYS B 420 -82.65 19.44 -1.19
C LYS B 420 -81.45 18.52 -0.94
N SER B 421 -81.61 17.22 -1.20
CA SER B 421 -80.47 16.32 -1.04
C SER B 421 -79.35 16.68 -2.01
N GLY B 422 -79.70 16.96 -3.26
CA GLY B 422 -78.69 17.40 -4.22
C GLY B 422 -78.02 18.69 -3.80
N ILE B 423 -78.81 19.63 -3.27
CA ILE B 423 -78.26 20.90 -2.82
C ILE B 423 -77.30 20.67 -1.67
N ASP B 424 -77.67 19.79 -0.73
CA ASP B 424 -76.79 19.47 0.39
C ASP B 424 -75.50 18.86 -0.11
N SER B 425 -75.60 17.93 -1.07
CA SER B 425 -74.39 17.30 -1.60
C SER B 425 -73.48 18.32 -2.26
N THR B 426 -74.05 19.25 -3.03
CA THR B 426 -73.19 20.24 -3.68
C THR B 426 -72.59 21.23 -2.69
N ASN B 427 -73.34 21.61 -1.66
CA ASN B 427 -72.75 22.45 -0.62
C ASN B 427 -71.62 21.73 0.09
N TYR B 428 -71.79 20.43 0.36
CA TYR B 428 -70.73 19.68 1.02
C TYR B 428 -69.51 19.57 0.11
N ILE B 429 -69.74 19.33 -1.22
CA ILE B 429 -68.63 19.27 -2.16
C ILE B 429 -67.87 20.59 -2.16
N VAL B 430 -68.61 21.69 -2.17
CA VAL B 430 -67.97 23.00 -2.17
C VAL B 430 -67.15 23.20 -0.91
N LYS B 431 -67.71 22.82 0.25
CA LYS B 431 -66.99 23.01 1.50
C LYS B 431 -65.71 22.18 1.53
N GLN B 432 -65.78 20.94 1.05
CA GLN B 432 -64.61 20.09 1.02
C GLN B 432 -63.54 20.67 0.10
N ILE B 433 -63.94 21.11 -1.09
CA ILE B 433 -62.97 21.69 -2.02
C ILE B 433 -62.39 22.97 -1.45
N LYS B 434 -63.19 23.73 -0.73
CA LYS B 434 -62.72 25.00 -0.17
C LYS B 434 -61.70 24.77 0.92
N GLU B 435 -61.97 23.82 1.82
CA GLU B 435 -61.00 23.51 2.85
C GLU B 435 -59.74 22.88 2.25
N LYS B 436 -59.90 22.13 1.17
CA LYS B 436 -58.74 21.61 0.45
C LYS B 436 -57.90 22.74 -0.12
N ASN B 437 -58.56 23.75 -0.68
CA ASN B 437 -57.82 24.90 -1.20
C ASN B 437 -57.09 25.63 -0.08
N ALA B 438 -57.72 25.79 1.08
CA ALA B 438 -57.03 26.43 2.21
C ALA B 438 -55.83 25.60 2.66
N TYR B 439 -55.99 24.28 2.72
CA TYR B 439 -54.89 23.40 3.08
C TYR B 439 -53.74 23.55 2.08
N ASP B 440 -54.05 23.58 0.80
CA ASP B 440 -53.00 23.73 -0.22
C ASP B 440 -52.34 25.10 -0.10
N GLU B 441 -53.11 26.13 0.22
CA GLU B 441 -52.53 27.45 0.39
C GLU B 441 -51.54 27.48 1.55
N GLU B 442 -51.88 26.82 2.66
CA GLU B 442 -50.95 26.77 3.79
C GLU B 442 -49.72 25.92 3.45
N VAL B 443 -49.91 24.83 2.70
CA VAL B 443 -48.76 24.04 2.28
C VAL B 443 -47.85 24.86 1.39
N GLY B 444 -48.44 25.70 0.54
CA GLY B 444 -47.63 26.59 -0.28
C GLY B 444 -46.90 27.62 0.53
N ASN B 445 -47.53 28.12 1.59
CA ASN B 445 -46.83 29.03 2.49
C ASN B 445 -45.63 28.35 3.13
N TRP B 446 -45.80 27.09 3.54
CA TRP B 446 -44.67 26.35 4.09
C TRP B 446 -43.57 26.17 3.04
N ASN B 447 -43.97 25.90 1.79
CA ASN B 447 -43.00 25.82 0.71
C ASN B 447 -42.20 27.11 0.58
N LEU B 448 -42.90 28.25 0.64
CA LEU B 448 -42.20 29.52 0.51
C LEU B 448 -41.31 29.80 1.72
N VAL B 449 -41.73 29.37 2.90
CA VAL B 449 -40.87 29.51 4.08
C VAL B 449 -39.59 28.71 3.86
N GLY B 450 -39.70 27.49 3.36
CA GLY B 450 -38.53 26.70 3.08
C GLY B 450 -37.63 27.36 2.04
N GLN B 451 -38.23 27.94 1.00
CA GLN B 451 -37.45 28.62 -0.02
C GLN B 451 -36.71 29.82 0.58
N THR B 452 -37.39 30.57 1.45
CA THR B 452 -36.73 31.70 2.11
C THR B 452 -35.56 31.22 2.95
N ILE B 453 -35.76 30.15 3.72
CA ILE B 453 -34.68 29.65 4.56
C ILE B 453 -33.49 29.24 3.72
N ASP B 454 -33.74 28.53 2.62
CA ASP B 454 -32.60 28.04 1.83
C ASP B 454 -31.90 29.19 1.11
N ARG B 455 -32.65 30.22 0.69
CA ARG B 455 -31.99 31.38 0.10
C ARG B 455 -31.14 32.12 1.13
N LEU B 456 -31.68 32.33 2.34
CA LEU B 456 -30.91 32.95 3.40
C LEU B 456 -29.64 32.15 3.66
N SER B 457 -29.77 30.84 3.77
CA SER B 457 -28.62 30.01 4.06
C SER B 457 -27.61 30.03 2.92
N MET B 458 -28.07 30.07 1.68
CA MET B 458 -27.16 30.25 0.55
C MET B 458 -26.36 31.54 0.71
N PHE B 459 -27.06 32.65 0.94
CA PHE B 459 -26.37 33.93 1.05
C PHE B 459 -25.45 33.97 2.26
N ILE B 460 -25.72 33.17 3.28
CA ILE B 460 -24.91 33.21 4.49
C ILE B 460 -23.75 32.22 4.45
N ILE B 461 -23.84 31.18 3.64
CA ILE B 461 -22.82 30.12 3.64
C ILE B 461 -21.94 30.16 2.41
N THR B 462 -22.46 30.52 1.23
CA THR B 462 -21.57 30.66 0.08
C THR B 462 -20.49 31.70 0.33
N PRO B 463 -20.79 32.89 0.87
CA PRO B 463 -19.69 33.80 1.20
C PRO B 463 -18.71 33.22 2.20
N VAL B 464 -19.20 32.52 3.21
CA VAL B 464 -18.28 31.93 4.18
C VAL B 464 -17.38 30.91 3.49
N MET B 465 -17.97 30.05 2.66
CA MET B 465 -17.19 29.07 1.93
C MET B 465 -16.12 29.75 1.08
N VAL B 466 -16.53 30.74 0.28
CA VAL B 466 -15.60 31.36 -0.66
C VAL B 466 -14.50 32.11 0.08
N LEU B 467 -14.86 32.92 1.08
CA LEU B 467 -13.86 33.67 1.81
C LEU B 467 -12.93 32.76 2.59
N GLY B 468 -13.44 31.71 3.22
CA GLY B 468 -12.57 30.77 3.89
C GLY B 468 -11.60 30.12 2.93
N THR B 469 -12.08 29.67 1.77
CA THR B 469 -11.20 29.08 0.78
C THR B 469 -10.12 30.05 0.35
N ILE B 470 -10.52 31.27 -0.01
CA ILE B 470 -9.56 32.26 -0.48
C ILE B 470 -8.53 32.57 0.60
N PHE B 471 -9.00 32.78 1.83
CA PHE B 471 -8.09 33.15 2.91
C PHE B 471 -7.10 32.03 3.18
N ILE B 472 -7.59 30.79 3.25
CA ILE B 472 -6.70 29.67 3.56
C ILE B 472 -5.67 29.48 2.46
N PHE B 473 -6.10 29.53 1.20
CA PHE B 473 -5.16 29.27 0.11
C PHE B 473 -4.40 30.51 -0.34
N VAL B 474 -4.65 31.67 0.26
CA VAL B 474 -3.76 32.80 0.10
C VAL B 474 -2.74 32.83 1.23
N MET B 475 -3.13 32.44 2.43
CA MET B 475 -2.16 32.29 3.51
C MET B 475 -1.12 31.24 3.16
N GLY B 476 -1.49 30.24 2.35
CA GLY B 476 -0.53 29.26 1.90
C GLY B 476 0.52 29.85 0.96
N ASN B 477 0.07 30.60 -0.05
CA ASN B 477 0.99 31.20 -0.99
C ASN B 477 1.85 32.28 -0.36
N PHE B 478 1.37 32.93 0.70
CA PHE B 478 2.19 33.87 1.46
C PHE B 478 3.03 33.16 2.50
N ASN B 479 3.75 32.13 2.08
CA ASN B 479 4.63 31.35 2.95
C ASN B 479 5.87 31.04 2.15
N HIS B 480 6.97 31.69 2.48
CA HIS B 480 8.23 31.52 1.78
C HIS B 480 9.32 31.32 2.82
N PRO B 481 10.41 30.65 2.47
CA PRO B 481 11.56 30.59 3.36
C PRO B 481 12.09 31.99 3.63
N PRO B 482 12.72 32.20 4.76
CA PRO B 482 12.90 33.57 5.26
C PRO B 482 13.95 34.39 4.53
N ALA B 483 14.42 33.92 3.39
CA ALA B 483 15.35 34.67 2.56
C ALA B 483 16.76 34.68 3.16
N LYS B 484 16.91 34.14 4.36
CA LYS B 484 18.19 33.97 5.00
C LYS B 484 18.07 32.86 6.04
N PRO B 485 18.86 31.80 5.94
CA PRO B 485 18.86 30.81 7.00
C PRO B 485 19.50 31.38 8.25
N PHE B 486 19.23 30.75 9.39
CA PHE B 486 19.87 31.20 10.63
C PHE B 486 19.47 32.64 10.95
N GLU B 487 18.23 32.82 11.38
CA GLU B 487 17.64 34.14 11.59
C GLU B 487 18.66 35.15 12.10
N GLY B 488 19.39 34.79 13.15
CA GLY B 488 20.32 35.72 13.75
C GLY B 488 21.56 36.01 12.95
N ASP B 489 21.71 35.40 11.78
CA ASP B 489 22.89 35.55 10.93
C ASP B 489 22.55 36.38 9.72
N PRO B 490 23.30 37.45 9.42
CA PRO B 490 23.05 38.23 8.20
C PRO B 490 23.73 37.68 6.95
N PHE B 491 24.62 36.71 7.07
CA PHE B 491 25.28 36.11 5.92
C PHE B 491 24.31 35.28 5.12
N ASP B 492 24.42 35.37 3.79
CA ASP B 492 23.53 34.65 2.90
C ASP B 492 23.97 33.21 2.66
N TYR B 493 25.20 32.86 3.01
CA TYR B 493 25.70 31.50 2.79
C TYR B 493 25.55 31.11 1.33
N SER B 494 25.83 32.05 0.45
CA SER B 494 25.64 31.87 -0.98
C SER B 494 26.98 31.60 -1.66
N SER B 495 26.95 30.71 -2.65
CA SER B 495 28.17 30.33 -3.35
C SER B 495 28.81 31.51 -4.07
N ASP B 496 28.06 32.57 -4.35
CA ASP B 496 28.56 33.70 -5.11
C ASP B 496 29.01 34.86 -4.23
N HIS B 497 28.98 34.70 -2.91
CA HIS B 497 29.44 35.74 -1.97
C HIS B 497 29.98 35.08 -0.71
N PRO B 498 31.19 34.53 -0.77
CA PRO B 498 31.86 34.09 0.46
C PRO B 498 32.31 35.27 1.29
N ARG B 499 32.45 35.04 2.59
CA ARG B 499 33.00 36.08 3.46
C ARG B 499 34.52 35.93 3.55
N SER C 1 51.91 9.14 15.38
CA SER C 1 53.32 9.33 15.82
C SER C 1 54.02 7.98 15.95
N VAL C 2 55.35 8.01 15.91
CA VAL C 2 56.11 6.76 16.06
C VAL C 2 55.94 6.19 17.46
N MET C 3 55.79 7.06 18.46
CA MET C 3 55.64 6.56 19.83
C MET C 3 54.31 5.84 19.99
N GLU C 4 53.27 6.31 19.31
CA GLU C 4 52.01 5.58 19.28
C GLU C 4 52.19 4.22 18.63
N ASP C 5 52.97 4.15 17.55
CA ASP C 5 53.24 2.85 16.94
C ASP C 5 53.94 1.92 17.90
N THR C 6 54.96 2.40 18.61
CA THR C 6 55.66 1.54 19.55
C THR C 6 54.72 1.08 20.67
N LEU C 7 53.90 1.99 21.18
CA LEU C 7 52.98 1.63 22.25
C LEU C 7 51.96 0.60 21.78
N LEU C 8 51.41 0.78 20.58
CA LEU C 8 50.49 -0.21 20.05
C LEU C 8 51.16 -1.55 19.85
N SER C 9 52.39 -1.55 19.32
CA SER C 9 53.08 -2.82 19.10
C SER C 9 53.34 -3.55 20.41
N VAL C 10 53.76 -2.83 21.45
CA VAL C 10 53.98 -3.51 22.73
C VAL C 10 52.66 -3.95 23.34
N LEU C 11 51.60 -3.15 23.20
CA LEU C 11 50.32 -3.51 23.82
C LEU C 11 49.76 -4.78 23.22
N PHE C 12 49.74 -4.87 21.89
CA PHE C 12 49.13 -6.00 21.20
C PHE C 12 50.16 -6.99 20.69
N GLU C 13 51.27 -7.14 21.42
CA GLU C 13 52.26 -8.15 21.07
C GLU C 13 51.69 -9.54 21.26
N THR C 14 51.10 -9.81 22.42
CA THR C 14 50.52 -11.11 22.74
C THR C 14 49.06 -10.96 23.16
N TYR C 15 48.47 -9.80 22.90
CA TYR C 15 47.09 -9.55 23.28
C TYR C 15 46.16 -10.34 22.37
N ASN C 16 45.27 -11.11 22.96
CA ASN C 16 44.31 -11.91 22.20
C ASN C 16 42.91 -11.37 22.46
N PRO C 17 42.29 -10.66 21.52
CA PRO C 17 40.95 -10.13 21.75
C PRO C 17 39.87 -11.19 21.88
N LYS C 18 40.22 -12.46 21.70
CA LYS C 18 39.29 -13.55 21.93
C LYS C 18 39.06 -13.78 23.42
N VAL C 19 40.04 -13.44 24.24
CA VAL C 19 40.08 -13.79 25.65
C VAL C 19 39.57 -12.66 26.50
N ARG C 20 38.57 -12.94 27.32
CA ARG C 20 38.03 -11.95 28.23
C ARG C 20 39.08 -11.59 29.26
N PRO C 21 39.30 -10.30 29.53
CA PRO C 21 40.36 -9.94 30.47
C PRO C 21 40.00 -10.24 31.90
N ALA C 22 40.54 -11.32 32.44
CA ALA C 22 40.37 -11.69 33.83
C ALA C 22 41.75 -11.95 34.40
N GLN C 23 42.26 -10.99 35.17
CA GLN C 23 43.66 -11.06 35.58
C GLN C 23 43.94 -12.37 36.32
N THR C 24 43.03 -12.77 37.19
CA THR C 24 43.11 -14.06 37.87
C THR C 24 41.87 -14.87 37.51
N VAL C 25 42.04 -16.18 37.40
CA VAL C 25 40.94 -17.07 37.03
C VAL C 25 39.82 -16.89 38.05
N GLY C 26 38.61 -16.61 37.56
CA GLY C 26 37.48 -16.40 38.42
C GLY C 26 37.06 -14.94 38.51
N ASP C 27 37.93 -14.03 38.11
CA ASP C 27 37.58 -12.62 38.12
C ASP C 27 36.47 -12.35 37.11
N LYS C 28 35.66 -11.33 37.41
CA LYS C 28 34.60 -10.86 36.54
C LYS C 28 34.97 -9.50 35.99
N VAL C 29 34.61 -9.26 34.75
CA VAL C 29 34.83 -7.96 34.11
C VAL C 29 33.58 -7.13 34.32
N THR C 30 33.73 -5.97 34.96
CA THR C 30 32.63 -5.05 35.16
C THR C 30 32.43 -4.26 33.88
N VAL C 31 31.19 -4.14 33.44
CA VAL C 31 30.85 -3.44 32.20
C VAL C 31 29.80 -2.39 32.53
N ARG C 32 30.23 -1.14 32.62
CA ARG C 32 29.31 -0.01 32.58
C ARG C 32 28.46 -0.19 31.33
N VAL C 33 27.14 -0.03 31.45
CA VAL C 33 26.27 -0.04 30.28
C VAL C 33 25.33 1.14 30.38
N GLY C 34 25.40 2.02 29.38
CA GLY C 34 24.49 3.15 29.31
C GLY C 34 24.04 3.35 27.88
N LEU C 35 22.97 4.12 27.74
CA LEU C 35 22.36 4.34 26.44
C LEU C 35 22.12 5.83 26.25
N THR C 36 22.56 6.35 25.11
CA THR C 36 22.23 7.71 24.70
C THR C 36 21.28 7.61 23.52
N LEU C 37 20.13 8.24 23.61
CA LEU C 37 19.15 8.25 22.55
C LEU C 37 19.33 9.51 21.72
N THR C 38 19.64 9.34 20.44
CA THR C 38 19.72 10.47 19.53
C THR C 38 18.47 10.67 18.71
N ASN C 39 17.68 9.62 18.49
CA ASN C 39 16.44 9.78 17.76
C ASN C 39 15.54 8.57 17.94
N LEU C 40 14.33 8.77 18.44
CA LEU C 40 13.31 7.73 18.42
C LEU C 40 12.63 7.80 17.07
N LEU C 41 13.11 7.01 16.12
CA LEU C 41 12.70 7.19 14.73
C LEU C 41 11.25 6.76 14.50
N ILE C 42 10.95 5.50 14.79
CA ILE C 42 9.66 4.91 14.46
C ILE C 42 9.22 4.03 15.62
N LEU C 43 7.91 4.03 15.86
CA LEU C 43 7.27 2.98 16.65
C LEU C 43 6.22 2.38 15.73
N ASN C 44 6.62 1.36 14.97
CA ASN C 44 5.75 0.76 13.97
C ASN C 44 4.80 -0.20 14.67
N GLU C 45 3.59 0.27 14.94
CA GLU C 45 2.63 -0.51 15.71
C GLU C 45 2.12 -1.72 14.97
N LYS C 46 2.11 -1.70 13.64
CA LYS C 46 1.63 -2.85 12.88
C LYS C 46 2.49 -4.07 13.14
N ILE C 47 3.81 -3.90 13.16
CA ILE C 47 4.74 -5.00 13.43
C ILE C 47 5.29 -4.95 14.85
N GLU C 48 4.85 -4.03 15.68
CA GLU C 48 5.21 -3.98 17.09
C GLU C 48 6.73 -3.93 17.26
N GLU C 49 7.31 -2.90 16.64
CA GLU C 49 8.76 -2.71 16.66
C GLU C 49 9.05 -1.24 16.80
N MET C 50 9.99 -0.92 17.68
CA MET C 50 10.47 0.44 17.87
C MET C 50 11.83 0.59 17.22
N THR C 51 11.99 1.61 16.39
CA THR C 51 13.26 1.91 15.75
C THR C 51 13.87 3.12 16.45
N THR C 52 15.09 2.96 16.92
CA THR C 52 15.79 4.01 17.63
C THR C 52 17.20 4.16 17.09
N ASN C 53 17.69 5.38 17.12
CA ASN C 53 19.09 5.70 16.83
C ASN C 53 19.73 6.01 18.18
N VAL C 54 20.61 5.13 18.64
CA VAL C 54 21.17 5.23 19.98
C VAL C 54 22.68 5.13 19.90
N PHE C 55 23.34 5.72 20.90
CA PHE C 55 24.73 5.42 21.22
C PHE C 55 24.75 4.53 22.46
N LEU C 56 25.43 3.41 22.35
CA LEU C 56 25.54 2.46 23.45
C LEU C 56 26.86 2.75 24.17
N ASN C 57 26.77 3.41 25.32
CA ASN C 57 27.96 3.78 26.08
C ASN C 57 28.39 2.60 26.93
N LEU C 58 29.51 1.99 26.59
CA LEU C 58 30.06 0.85 27.31
C LEU C 58 31.44 1.20 27.86
N ALA C 59 31.70 0.78 29.08
CA ALA C 59 33.01 0.96 29.69
C ALA C 59 33.37 -0.26 30.51
N TRP C 60 34.58 -0.76 30.32
CA TRP C 60 35.10 -1.86 31.10
C TRP C 60 36.59 -1.63 31.31
N THR C 61 37.25 -2.54 31.99
CA THR C 61 38.68 -2.43 32.25
C THR C 61 39.38 -3.67 31.73
N ASP C 62 40.36 -3.46 30.86
CA ASP C 62 41.18 -4.52 30.30
C ASP C 62 42.57 -4.34 30.89
N TYR C 63 42.89 -5.11 31.93
CA TYR C 63 44.18 -4.96 32.60
C TYR C 63 45.35 -5.14 31.65
N ARG C 64 45.18 -5.88 30.55
CA ARG C 64 46.24 -6.06 29.59
C ARG C 64 46.58 -4.78 28.85
N LEU C 65 45.64 -3.85 28.73
CA LEU C 65 45.88 -2.60 28.03
C LEU C 65 46.31 -1.53 29.03
N GLN C 66 47.47 -1.69 29.62
CA GLN C 66 48.02 -0.73 30.57
C GLN C 66 49.42 -0.34 30.16
N TRP C 67 49.78 0.91 30.40
CA TRP C 67 51.12 1.39 30.10
C TRP C 67 51.40 2.60 30.97
N ASP C 68 52.68 2.96 31.04
CA ASP C 68 53.10 4.15 31.76
C ASP C 68 53.18 5.31 30.78
N PRO C 69 52.37 6.36 30.93
CA PRO C 69 52.44 7.46 29.94
C PRO C 69 53.82 8.07 29.83
N ALA C 70 54.56 8.16 30.93
CA ALA C 70 55.87 8.80 30.89
C ALA C 70 56.84 8.05 29.98
N ALA C 71 56.68 6.75 29.81
CA ALA C 71 57.55 5.96 28.95
C ALA C 71 57.19 6.07 27.48
N TYR C 72 56.08 6.73 27.15
CA TYR C 72 55.60 6.81 25.79
C TYR C 72 55.20 8.24 25.43
N GLU C 73 56.08 9.19 25.74
CA GLU C 73 55.87 10.59 25.39
C GLU C 73 54.63 11.18 26.05
N GLY C 74 54.18 10.60 27.15
CA GLY C 74 53.03 11.13 27.85
C GLY C 74 51.70 10.81 27.20
N ILE C 75 51.63 9.73 26.42
CA ILE C 75 50.37 9.30 25.82
C ILE C 75 49.49 8.73 26.92
N LYS C 76 48.43 9.46 27.27
CA LYS C 76 47.53 9.06 28.34
C LYS C 76 46.39 8.17 27.88
N ASP C 77 46.05 8.17 26.59
CA ASP C 77 44.98 7.32 26.09
C ASP C 77 45.15 7.15 24.59
N LEU C 78 44.47 6.14 24.05
CA LEU C 78 44.54 5.82 22.63
C LEU C 78 43.15 5.59 22.06
N ARG C 79 43.01 5.84 20.77
CA ARG C 79 41.82 5.46 20.02
C ARG C 79 42.19 4.26 19.17
N ILE C 80 41.63 3.10 19.50
CA ILE C 80 42.02 1.85 18.89
C ILE C 80 40.82 1.29 18.15
N PRO C 81 40.98 0.70 16.96
CA PRO C 81 39.83 0.06 16.32
C PRO C 81 39.20 -0.98 17.24
N SER C 82 37.88 -0.98 17.28
CA SER C 82 37.18 -1.80 18.27
C SER C 82 37.43 -3.28 18.07
N SER C 83 37.73 -3.70 16.84
CA SER C 83 37.95 -5.12 16.57
C SER C 83 39.27 -5.63 17.14
N ASP C 84 40.20 -4.74 17.47
CA ASP C 84 41.51 -5.13 17.94
C ASP C 84 41.56 -5.43 19.44
N VAL C 85 40.53 -5.06 20.19
CA VAL C 85 40.49 -5.28 21.62
C VAL C 85 39.34 -6.22 21.92
N TRP C 86 39.45 -6.91 23.06
CA TRP C 86 38.33 -7.69 23.54
C TRP C 86 37.19 -6.76 23.93
N GLN C 87 35.98 -7.13 23.53
CA GLN C 87 34.81 -6.36 23.88
C GLN C 87 33.76 -7.31 24.41
N PRO C 88 32.90 -6.85 25.31
CA PRO C 88 31.81 -7.70 25.77
C PRO C 88 30.73 -7.75 24.72
N ASP C 89 30.17 -8.92 24.49
CA ASP C 89 29.21 -9.08 23.41
C ASP C 89 27.87 -8.48 23.83
N ILE C 90 27.85 -7.17 24.12
CA ILE C 90 26.63 -6.53 24.54
C ILE C 90 25.74 -6.33 23.32
N VAL C 91 24.54 -6.89 23.38
CA VAL C 91 23.63 -6.90 22.24
C VAL C 91 22.25 -6.46 22.72
N LEU C 92 21.41 -6.11 21.76
CA LEU C 92 20.02 -5.84 22.04
C LEU C 92 19.26 -7.15 21.91
N MET C 93 18.93 -7.78 23.04
CA MET C 93 18.33 -9.10 23.00
C MET C 93 16.94 -9.09 22.37
N ASN C 94 16.11 -8.09 22.66
CA ASN C 94 14.74 -8.06 22.16
C ASN C 94 14.63 -7.35 20.83
N ASN C 95 15.70 -7.35 20.03
CA ASN C 95 15.62 -6.80 18.69
C ASN C 95 14.54 -7.52 17.90
N ASN C 96 13.74 -6.75 17.16
CA ASN C 96 12.67 -7.35 16.38
C ASN C 96 13.23 -8.07 15.15
N ASP C 97 14.17 -7.46 14.45
CA ASP C 97 14.87 -8.13 13.37
C ASP C 97 15.96 -8.99 13.96
N GLY C 98 16.87 -9.50 13.14
CA GLY C 98 17.91 -10.37 13.65
C GLY C 98 19.20 -9.65 14.00
N SER C 99 19.15 -8.32 14.08
CA SER C 99 20.35 -7.52 14.28
C SER C 99 20.59 -7.36 15.78
N PHE C 100 21.47 -8.18 16.33
CA PHE C 100 21.82 -8.13 17.74
C PHE C 100 22.87 -7.09 18.05
N GLU C 101 23.82 -6.89 17.15
CA GLU C 101 25.00 -6.10 17.43
C GLU C 101 24.84 -4.67 16.92
N ILE C 102 25.82 -3.85 17.29
CA ILE C 102 25.84 -2.46 16.88
C ILE C 102 26.02 -2.35 15.37
N THR C 103 25.73 -1.16 14.85
CA THR C 103 25.92 -0.87 13.43
C THR C 103 27.28 -0.23 13.18
N LEU C 104 27.62 0.79 13.97
CA LEU C 104 28.86 1.53 13.80
C LEU C 104 29.88 1.04 14.82
N HIS C 105 31.01 0.52 14.32
CA HIS C 105 32.09 0.06 15.18
C HIS C 105 33.10 1.18 15.31
N VAL C 106 32.78 2.15 16.16
CA VAL C 106 33.69 3.26 16.39
C VAL C 106 34.89 2.77 17.19
N ASN C 107 35.95 3.56 17.14
CA ASN C 107 37.15 3.23 17.91
C ASN C 107 36.84 3.21 19.39
N VAL C 108 37.48 2.31 20.10
CA VAL C 108 37.43 2.29 21.54
C VAL C 108 38.45 3.27 22.06
N LEU C 109 38.15 3.87 23.20
CA LEU C 109 39.09 4.75 23.89
C LEU C 109 39.74 3.97 25.02
N VAL C 110 41.05 3.72 24.90
CA VAL C 110 41.80 2.97 25.89
C VAL C 110 42.69 3.96 26.64
N GLN C 111 42.48 4.06 27.94
CA GLN C 111 43.34 4.89 28.77
C GLN C 111 44.44 4.03 29.40
N HIS C 112 45.50 4.70 29.83
CA HIS C 112 46.68 4.00 30.30
C HIS C 112 46.40 3.13 31.52
N THR C 113 45.32 3.36 32.24
CA THR C 113 44.94 2.51 33.36
C THR C 113 44.22 1.25 32.92
N GLY C 114 43.94 1.11 31.63
CA GLY C 114 43.18 -0.01 31.12
C GLY C 114 41.69 0.22 31.03
N ALA C 115 41.22 1.42 31.34
CA ALA C 115 39.81 1.71 31.25
C ALA C 115 39.41 1.89 29.80
N VAL C 116 38.70 0.91 29.26
CA VAL C 116 38.23 0.94 27.87
C VAL C 116 36.81 1.44 27.86
N SER C 117 36.57 2.53 27.13
CA SER C 117 35.22 3.04 26.92
C SER C 117 34.89 2.88 25.44
N TRP C 118 33.63 2.62 25.14
CA TRP C 118 33.21 2.34 23.77
C TRP C 118 31.80 2.88 23.59
N GLN C 119 31.61 3.73 22.60
CA GLN C 119 30.31 4.37 22.35
C GLN C 119 29.93 4.14 20.90
N PRO C 120 29.67 2.89 20.53
CA PRO C 120 29.19 2.60 19.18
C PRO C 120 27.77 3.08 18.96
N SER C 121 27.47 3.37 17.71
CA SER C 121 26.13 3.78 17.31
C SER C 121 25.40 2.59 16.72
N ALA C 122 24.07 2.63 16.79
CA ALA C 122 23.27 1.58 16.21
C ALA C 122 21.88 2.11 15.93
N ILE C 123 21.33 1.74 14.78
CA ILE C 123 19.92 1.92 14.47
C ILE C 123 19.25 0.61 14.86
N TYR C 124 18.68 0.58 16.05
CA TYR C 124 18.15 -0.65 16.64
C TYR C 124 16.67 -0.75 16.37
N ARG C 125 16.18 -1.97 16.21
CA ARG C 125 14.77 -2.25 16.05
C ARG C 125 14.38 -3.28 17.10
N SER C 126 13.79 -2.80 18.20
CA SER C 126 13.42 -3.63 19.32
C SER C 126 11.94 -3.95 19.27
N SER C 127 11.59 -5.14 19.73
CA SER C 127 10.21 -5.57 19.78
C SER C 127 9.54 -4.92 20.98
N CYS C 128 8.53 -4.10 20.73
CA CYS C 128 7.77 -3.42 21.76
C CYS C 128 6.35 -3.98 21.75
N THR C 129 5.90 -4.48 22.88
CA THR C 129 4.53 -4.95 22.99
C THR C 129 3.58 -3.77 23.12
N ILE C 130 2.70 -3.62 22.13
CA ILE C 130 1.82 -2.46 22.02
C ILE C 130 0.52 -2.77 22.75
N LYS C 131 0.13 -1.90 23.67
CA LYS C 131 -1.18 -1.94 24.30
C LYS C 131 -2.12 -1.11 23.46
N VAL C 132 -3.08 -1.76 22.80
CA VAL C 132 -3.91 -1.09 21.81
C VAL C 132 -5.15 -0.50 22.47
N MET C 133 -5.39 -0.84 23.74
CA MET C 133 -6.69 -0.56 24.34
C MET C 133 -7.11 0.88 24.14
N TYR C 134 -6.16 1.82 24.23
CA TYR C 134 -6.49 3.24 24.14
C TYR C 134 -5.94 3.91 22.91
N PHE C 135 -5.48 3.16 21.92
CA PHE C 135 -4.97 3.77 20.71
C PHE C 135 -6.06 4.64 20.07
N PRO C 136 -5.75 5.87 19.63
CA PRO C 136 -4.45 6.54 19.60
C PRO C 136 -4.14 7.38 20.84
N PHE C 137 -4.99 7.35 21.85
CA PHE C 137 -4.71 8.08 23.09
C PHE C 137 -3.95 7.20 24.06
N ASP C 138 -2.88 6.57 23.56
CA ASP C 138 -2.17 5.53 24.29
C ASP C 138 -0.76 6.00 24.60
N TRP C 139 -0.21 5.40 25.65
CA TRP C 139 1.18 5.57 26.02
C TRP C 139 1.80 4.18 25.99
N GLN C 140 2.86 4.01 25.22
CA GLN C 140 3.51 2.72 25.13
C GLN C 140 4.68 2.63 26.07
N ASN C 141 5.03 1.40 26.43
CA ASN C 141 6.11 1.09 27.37
C ASN C 141 7.08 0.19 26.62
N CYS C 142 7.98 0.80 25.86
CA CYS C 142 8.92 0.09 25.01
C CYS C 142 10.26 0.00 25.71
N THR C 143 10.81 -1.21 25.76
CA THR C 143 12.04 -1.49 26.48
C THR C 143 13.11 -1.94 25.51
N MET C 144 14.35 -1.58 25.81
CA MET C 144 15.52 -2.05 25.07
C MET C 144 16.36 -2.87 26.03
N VAL C 145 16.32 -4.18 25.89
CA VAL C 145 17.01 -5.09 26.79
C VAL C 145 18.42 -5.31 26.25
N PHE C 146 19.41 -4.90 27.03
CA PHE C 146 20.81 -5.04 26.65
C PHE C 146 21.49 -5.98 27.62
N LYS C 147 22.28 -6.90 27.09
CA LYS C 147 23.10 -7.78 27.91
C LYS C 147 24.14 -8.42 27.02
N SER C 148 25.10 -9.07 27.66
CA SER C 148 26.11 -9.81 26.92
C SER C 148 25.48 -11.05 26.32
N TYR C 149 25.56 -11.19 24.99
CA TYR C 149 25.08 -12.43 24.40
C TYR C 149 25.92 -13.62 24.84
N THR C 150 27.22 -13.41 25.03
CA THR C 150 28.14 -14.48 25.34
C THR C 150 28.28 -14.72 26.84
N TYR C 151 28.74 -13.72 27.57
CA TYR C 151 29.15 -13.89 28.95
C TYR C 151 27.97 -13.75 29.91
N ASP C 152 27.97 -14.60 30.93
CA ASP C 152 26.96 -14.61 31.97
C ASP C 152 27.50 -13.89 33.20
N THR C 153 26.71 -13.90 34.27
CA THR C 153 27.09 -13.16 35.47
C THR C 153 28.39 -13.67 36.06
N SER C 154 28.75 -14.93 35.82
CA SER C 154 30.00 -15.46 36.34
C SER C 154 31.21 -14.95 35.57
N GLU C 155 31.00 -14.24 34.49
CA GLU C 155 32.08 -13.79 33.63
C GLU C 155 32.14 -12.28 33.51
N VAL C 156 31.00 -11.61 33.38
CA VAL C 156 30.94 -10.15 33.38
C VAL C 156 29.86 -9.73 34.36
N THR C 157 30.02 -8.54 34.92
CA THR C 157 29.03 -7.94 35.80
C THR C 157 28.56 -6.64 35.17
N LEU C 158 27.33 -6.63 34.70
CA LEU C 158 26.77 -5.43 34.10
C LEU C 158 26.45 -4.40 35.18
N GLN C 159 26.74 -3.14 34.88
CA GLN C 159 26.46 -2.05 35.79
C GLN C 159 25.89 -0.90 34.97
N HIS C 160 25.38 0.11 35.66
CA HIS C 160 24.92 1.31 35.00
C HIS C 160 26.11 2.18 34.62
N ALA C 161 25.92 2.98 33.58
CA ALA C 161 26.98 3.89 33.17
C ALA C 161 27.17 4.98 34.21
N LEU C 162 28.25 5.73 34.06
CA LEU C 162 28.52 6.87 34.90
C LEU C 162 28.22 8.15 34.12
N ASP C 163 27.84 9.19 34.86
CA ASP C 163 27.57 10.50 34.25
C ASP C 163 28.90 11.12 33.82
N ALA C 164 28.84 12.33 33.26
CA ALA C 164 30.03 12.99 32.75
C ALA C 164 31.12 13.03 33.81
N LYS C 165 30.77 13.47 35.01
CA LYS C 165 31.66 13.39 36.16
C LYS C 165 31.52 11.99 36.74
N GLY C 166 32.59 11.21 36.72
CA GLY C 166 32.49 9.83 37.14
C GLY C 166 32.28 9.73 38.63
N GLU C 167 31.15 10.23 39.10
CA GLU C 167 30.81 10.27 40.53
C GLU C 167 29.64 9.37 40.88
N ARG C 168 28.54 9.46 40.14
CA ARG C 168 27.33 8.71 40.42
C ARG C 168 26.82 8.08 39.14
N GLU C 169 26.12 6.97 39.29
CA GLU C 169 25.55 6.24 38.16
C GLU C 169 24.39 7.00 37.57
N VAL C 170 24.17 6.82 36.27
CA VAL C 170 23.02 7.39 35.58
C VAL C 170 22.07 6.27 35.23
N LYS C 171 20.97 6.18 35.97
CA LYS C 171 20.01 5.08 35.83
C LYS C 171 18.91 5.45 34.84
N GLU C 172 19.30 5.90 33.66
CA GLU C 172 18.33 6.33 32.67
C GLU C 172 18.99 6.44 31.31
N ILE C 173 18.16 6.60 30.29
CA ILE C 173 18.66 6.94 28.96
C ILE C 173 19.17 8.37 28.97
N VAL C 174 20.31 8.59 28.39
CA VAL C 174 20.86 9.93 28.26
C VAL C 174 20.36 10.53 26.96
N ILE C 175 19.82 11.74 27.04
CA ILE C 175 19.38 12.47 25.85
C ILE C 175 20.20 13.74 25.74
N ASN C 176 20.98 13.85 24.69
CA ASN C 176 21.82 15.01 24.43
C ASN C 176 21.01 16.01 23.62
N LYS C 177 20.63 17.12 24.26
CA LYS C 177 19.83 18.13 23.58
C LYS C 177 20.49 18.58 22.30
N ASP C 178 21.82 18.67 22.30
CA ASP C 178 22.53 19.11 21.11
C ASP C 178 22.30 18.17 19.94
N ALA C 179 22.23 16.88 20.21
CA ALA C 179 22.00 15.85 19.18
C ALA C 179 20.80 15.02 19.62
N PHE C 180 19.61 15.52 19.34
CA PHE C 180 18.39 14.77 19.59
C PHE C 180 17.22 15.42 18.88
N THR C 181 16.47 14.63 18.12
CA THR C 181 15.32 15.11 17.38
C THR C 181 14.05 14.52 17.99
N GLU C 182 13.13 15.38 18.39
CA GLU C 182 11.85 14.90 18.87
C GLU C 182 11.11 14.18 17.75
N ASN C 183 10.39 13.13 18.12
CA ASN C 183 9.65 12.35 17.13
C ASN C 183 8.56 13.18 16.47
N GLY C 184 7.86 13.99 17.25
CA GLY C 184 6.71 14.71 16.75
C GLY C 184 5.41 13.96 16.85
N GLN C 185 5.47 12.63 16.96
CA GLN C 185 4.31 11.82 17.25
C GLN C 185 4.34 11.23 18.66
N TRP C 186 5.51 11.11 19.26
CA TRP C 186 5.66 10.57 20.60
C TRP C 186 6.46 11.52 21.46
N SER C 187 6.02 11.69 22.70
CA SER C 187 6.73 12.48 23.70
C SER C 187 7.26 11.53 24.75
N ILE C 188 8.56 11.61 25.04
CA ILE C 188 9.17 10.72 26.01
C ILE C 188 8.83 11.20 27.41
N GLU C 189 8.06 10.40 28.14
CA GLU C 189 7.64 10.77 29.48
C GLU C 189 8.61 10.28 30.54
N HIS C 190 8.99 9.01 30.47
CA HIS C 190 9.97 8.45 31.38
C HIS C 190 10.98 7.65 30.58
N LYS C 191 12.23 7.72 30.99
CA LYS C 191 13.27 6.97 30.30
C LYS C 191 14.22 6.33 31.31
N PRO C 192 13.73 5.54 32.24
CA PRO C 192 14.57 4.96 33.28
C PRO C 192 15.36 3.77 32.74
N SER C 193 16.39 3.40 33.49
CA SER C 193 17.21 2.23 33.18
C SER C 193 17.31 1.40 34.44
N ARG C 194 17.35 0.08 34.28
CA ARG C 194 17.37 -0.80 35.42
C ARG C 194 17.96 -2.15 35.06
N LYS C 195 18.69 -2.72 36.00
CA LYS C 195 19.22 -4.07 35.89
C LYS C 195 18.16 -5.06 36.32
N ASN C 196 18.00 -6.12 35.54
CA ASN C 196 17.01 -7.15 35.82
C ASN C 196 17.70 -8.50 35.89
N TRP C 197 17.28 -9.31 36.85
CA TRP C 197 17.74 -10.67 36.99
C TRP C 197 16.58 -11.62 36.71
N ARG C 198 16.86 -12.91 36.89
CA ARG C 198 15.82 -13.94 36.80
C ARG C 198 16.02 -14.89 37.96
N SER C 199 15.03 -14.96 38.85
CA SER C 199 15.15 -15.84 40.02
C SER C 199 15.31 -17.29 39.62
N ASP C 200 14.88 -17.66 38.42
CA ASP C 200 15.02 -19.03 37.92
C ASP C 200 16.33 -19.24 37.17
N ASP C 201 17.18 -18.24 37.11
CA ASP C 201 18.41 -18.31 36.33
C ASP C 201 19.46 -17.40 36.95
N PRO C 202 20.27 -17.88 37.90
CA PRO C 202 21.23 -17.00 38.56
C PRO C 202 22.30 -16.46 37.63
N SER C 203 22.46 -17.04 36.44
CA SER C 203 23.48 -16.63 35.49
C SER C 203 22.98 -15.56 34.53
N TYR C 204 21.78 -15.05 34.74
CA TYR C 204 21.18 -14.06 33.85
C TYR C 204 21.21 -12.69 34.50
N GLU C 205 21.70 -11.71 33.75
CA GLU C 205 21.65 -10.31 34.17
C GLU C 205 21.65 -9.46 32.92
N ASP C 206 20.85 -8.40 32.93
CA ASP C 206 20.76 -7.49 31.80
C ASP C 206 20.55 -6.08 32.32
N VAL C 207 20.73 -5.12 31.42
CA VAL C 207 20.40 -3.73 31.69
C VAL C 207 19.29 -3.35 30.71
N THR C 208 18.13 -3.03 31.23
CA THR C 208 16.96 -2.70 30.41
C THR C 208 16.73 -1.20 30.45
N PHE C 209 16.56 -0.62 29.27
CA PHE C 209 16.24 0.79 29.15
C PHE C 209 14.79 0.90 28.71
N TYR C 210 13.99 1.58 29.52
CA TYR C 210 12.56 1.71 29.28
C TYR C 210 12.27 3.09 28.70
N LEU C 211 11.39 3.12 27.71
CA LEU C 211 10.96 4.36 27.06
C LEU C 211 9.45 4.45 27.21
N ILE C 212 8.98 5.19 28.21
CA ILE C 212 7.56 5.42 28.40
C ILE C 212 7.19 6.62 27.53
N ILE C 213 6.62 6.34 26.37
CA ILE C 213 6.32 7.36 25.38
C ILE C 213 4.81 7.49 25.25
N GLN C 214 4.34 8.72 25.16
CA GLN C 214 2.92 9.03 25.02
C GLN C 214 2.66 9.54 23.61
N ARG C 215 1.71 8.94 22.93
CA ARG C 215 1.38 9.38 21.59
C ARG C 215 0.69 10.73 21.64
N LYS C 216 1.04 11.58 20.68
CA LYS C 216 0.34 12.84 20.50
C LYS C 216 -0.71 12.61 19.41
N PRO C 217 -2.00 12.54 19.75
CA PRO C 217 -2.97 11.97 18.82
C PRO C 217 -3.61 12.97 17.85
N LEU C 218 -3.03 14.16 17.70
CA LEU C 218 -3.65 15.18 16.86
C LEU C 218 -4.00 14.63 15.50
N PHE C 219 -3.08 13.89 14.88
CA PHE C 219 -3.32 13.34 13.55
C PHE C 219 -4.61 12.53 13.52
N TYR C 220 -4.73 11.57 14.44
CA TYR C 220 -5.91 10.71 14.44
C TYR C 220 -7.16 11.48 14.78
N ILE C 221 -7.10 12.42 15.71
CA ILE C 221 -8.26 13.26 16.01
C ILE C 221 -8.72 13.86 14.70
N VAL C 222 -7.87 14.68 14.09
CA VAL C 222 -8.27 15.47 12.93
C VAL C 222 -8.77 14.58 11.80
N TYR C 223 -8.15 13.44 11.59
CA TYR C 223 -8.38 12.67 10.38
C TYR C 223 -9.36 11.51 10.55
N THR C 224 -9.76 11.18 11.79
CA THR C 224 -10.70 10.09 11.99
C THR C 224 -11.85 10.47 12.90
N ILE C 225 -11.59 11.23 13.96
CA ILE C 225 -12.60 11.42 14.99
C ILE C 225 -13.54 12.54 14.61
N ILE C 226 -13.01 13.67 14.16
CA ILE C 226 -13.87 14.77 13.73
C ILE C 226 -14.76 14.36 12.55
N PRO C 227 -14.24 13.75 11.50
CA PRO C 227 -15.14 13.29 10.43
C PRO C 227 -16.23 12.36 10.94
N CYS C 228 -15.89 11.47 11.87
CA CYS C 228 -16.90 10.57 12.40
C CYS C 228 -17.89 11.29 13.29
N ILE C 229 -17.46 12.35 13.99
CA ILE C 229 -18.42 13.16 14.74
C ILE C 229 -19.39 13.85 13.79
N LEU C 230 -18.89 14.35 12.65
CA LEU C 230 -19.78 14.94 11.66
C LEU C 230 -20.76 13.92 11.11
N ILE C 231 -20.27 12.71 10.83
CA ILE C 231 -21.13 11.66 10.30
C ILE C 231 -22.20 11.27 11.32
N SER C 232 -21.82 11.26 12.60
CA SER C 232 -22.81 10.97 13.63
C SER C 232 -23.83 12.09 13.75
N ILE C 233 -23.39 13.34 13.53
CA ILE C 233 -24.34 14.44 13.48
C ILE C 233 -25.37 14.19 12.38
N LEU C 234 -24.90 13.76 11.21
CA LEU C 234 -25.84 13.45 10.12
C LEU C 234 -26.76 12.30 10.49
N ALA C 235 -26.22 11.28 11.14
CA ALA C 235 -27.05 10.16 11.56
C ALA C 235 -28.15 10.62 12.52
N ILE C 236 -27.84 11.56 13.41
CA ILE C 236 -28.88 12.14 14.25
C ILE C 236 -29.87 12.91 13.38
N LEU C 237 -29.37 13.69 12.43
CA LEU C 237 -30.22 14.56 11.62
C LEU C 237 -31.25 13.77 10.82
N VAL C 238 -30.93 12.53 10.46
CA VAL C 238 -31.86 11.76 9.63
C VAL C 238 -33.24 11.72 10.25
N PHE C 239 -33.33 11.80 11.57
CA PHE C 239 -34.61 11.74 12.25
C PHE C 239 -35.33 13.07 12.25
N TYR C 240 -34.73 14.11 11.68
CA TYR C 240 -35.42 15.37 11.47
C TYR C 240 -35.91 15.53 10.04
N LEU C 241 -35.44 14.70 9.11
CA LEU C 241 -35.94 14.74 7.75
C LEU C 241 -37.38 14.24 7.71
N PRO C 242 -38.27 14.92 7.01
CA PRO C 242 -39.63 14.40 6.83
C PRO C 242 -39.61 13.17 5.96
N PRO C 243 -40.44 12.16 6.26
CA PRO C 243 -40.47 10.97 5.39
C PRO C 243 -40.83 11.28 3.96
N ASP C 244 -41.59 12.35 3.70
CA ASP C 244 -41.94 12.73 2.34
C ASP C 244 -40.74 13.17 1.51
N ALA C 245 -39.63 13.54 2.14
CA ALA C 245 -38.47 13.97 1.37
C ALA C 245 -37.94 12.84 0.49
N GLY C 246 -38.15 11.59 0.88
CA GLY C 246 -37.59 10.47 0.15
C GLY C 246 -36.08 10.44 0.18
N GLU C 247 -35.47 10.85 1.29
CA GLU C 247 -34.03 10.95 1.41
C GLU C 247 -33.52 10.48 2.77
N LYS C 248 -34.38 9.90 3.60
CA LYS C 248 -33.90 9.38 4.88
C LYS C 248 -32.95 8.23 4.66
N MET C 249 -33.27 7.34 3.73
CA MET C 249 -32.37 6.23 3.41
C MET C 249 -31.05 6.75 2.87
N SER C 250 -31.09 7.72 1.95
CA SER C 250 -29.85 8.26 1.42
C SER C 250 -28.95 8.74 2.55
N LEU C 251 -29.48 9.58 3.43
CA LEU C 251 -28.67 10.15 4.50
C LEU C 251 -28.14 9.07 5.44
N SER C 252 -29.02 8.22 5.96
CA SER C 252 -28.60 7.24 6.94
C SER C 252 -27.61 6.25 6.35
N ILE C 253 -27.88 5.77 5.13
CA ILE C 253 -27.00 4.80 4.51
C ILE C 253 -25.65 5.43 4.16
N SER C 254 -25.65 6.67 3.71
CA SER C 254 -24.38 7.34 3.44
C SER C 254 -23.58 7.48 4.72
N ALA C 255 -24.23 7.81 5.83
CA ALA C 255 -23.52 7.89 7.10
C ALA C 255 -22.94 6.53 7.48
N LEU C 256 -23.71 5.46 7.30
CA LEU C 256 -23.24 4.13 7.64
C LEU C 256 -22.03 3.76 6.80
N LEU C 257 -22.11 4.00 5.49
CA LEU C 257 -21.00 3.67 4.60
C LEU C 257 -19.78 4.50 4.91
N ALA C 258 -19.96 5.79 5.23
CA ALA C 258 -18.83 6.64 5.55
C ALA C 258 -18.12 6.14 6.80
N VAL C 259 -18.89 5.80 7.84
CA VAL C 259 -18.28 5.31 9.06
C VAL C 259 -17.56 3.99 8.80
N THR C 260 -18.17 3.12 7.98
CA THR C 260 -17.53 1.85 7.66
C THR C 260 -16.23 2.06 6.89
N VAL C 261 -16.21 3.00 5.95
CA VAL C 261 -15.00 3.29 5.22
C VAL C 261 -13.92 3.82 6.16
N PHE C 262 -14.31 4.67 7.11
CA PHE C 262 -13.35 5.18 8.08
C PHE C 262 -12.78 4.03 8.89
N LEU C 263 -13.63 3.10 9.32
CA LEU C 263 -13.14 1.94 10.06
C LEU C 263 -12.17 1.12 9.21
N LEU C 264 -12.51 0.92 7.94
CA LEU C 264 -11.66 0.10 7.07
C LEU C 264 -10.30 0.73 6.87
N LEU C 265 -10.26 2.03 6.55
CA LEU C 265 -8.97 2.69 6.37
C LEU C 265 -8.23 2.91 7.67
N LEU C 266 -8.91 2.89 8.81
CA LEU C 266 -8.21 2.96 10.08
C LEU C 266 -7.64 1.61 10.47
N ALA C 267 -8.21 0.53 9.96
CA ALA C 267 -7.71 -0.81 10.27
C ALA C 267 -6.26 -0.97 9.83
N ASP C 268 -5.83 -0.15 8.86
CA ASP C 268 -4.47 -0.23 8.36
C ASP C 268 -3.44 0.36 9.32
N LYS C 269 -3.84 1.31 10.15
CA LYS C 269 -2.92 1.99 11.06
C LYS C 269 -2.99 1.48 12.48
N VAL C 270 -3.82 0.49 12.76
CA VAL C 270 -3.96 -0.05 14.12
C VAL C 270 -3.20 -1.38 14.18
N PRO C 271 -2.71 -1.79 15.35
CA PRO C 271 -2.05 -3.09 15.43
C PRO C 271 -3.03 -4.22 15.15
N GLU C 272 -2.48 -5.36 14.74
CA GLU C 272 -3.28 -6.53 14.38
C GLU C 272 -3.42 -7.50 15.55
N THR C 273 -3.01 -7.09 16.74
CA THR C 273 -3.16 -7.93 17.92
C THR C 273 -4.62 -8.00 18.32
N SER C 274 -4.93 -9.00 19.12
CA SER C 274 -6.30 -9.35 19.47
C SER C 274 -6.49 -9.44 20.98
N LEU C 275 -5.67 -8.72 21.73
CA LEU C 275 -5.80 -8.69 23.18
C LEU C 275 -6.76 -7.62 23.67
N SER C 276 -7.20 -6.72 22.80
CA SER C 276 -8.14 -5.67 23.17
C SER C 276 -8.50 -4.91 21.90
N VAL C 277 -9.58 -4.14 21.98
CA VAL C 277 -10.07 -3.34 20.88
C VAL C 277 -9.74 -1.88 21.17
N PRO C 278 -8.99 -1.19 20.31
CA PRO C 278 -8.60 0.19 20.62
C PRO C 278 -9.81 1.09 20.80
N ILE C 279 -9.64 2.12 21.64
CA ILE C 279 -10.71 3.05 21.92
C ILE C 279 -11.25 3.64 20.63
N ILE C 280 -10.39 3.89 19.66
CA ILE C 280 -10.84 4.46 18.39
C ILE C 280 -11.72 3.46 17.64
N ILE C 281 -11.31 2.19 17.62
CA ILE C 281 -12.11 1.19 16.92
C ILE C 281 -13.41 0.95 17.65
N ARG C 282 -13.39 0.97 18.98
CA ARG C 282 -14.61 0.82 19.74
C ARG C 282 -15.56 1.99 19.48
N TYR C 283 -15.02 3.21 19.39
CA TYR C 283 -15.84 4.36 19.06
C TYR C 283 -16.41 4.26 17.65
N LEU C 284 -15.60 3.86 16.69
CA LEU C 284 -16.08 3.71 15.33
C LEU C 284 -17.13 2.63 15.23
N MET C 285 -16.99 1.54 15.97
CA MET C 285 -17.99 0.49 15.94
C MET C 285 -19.26 0.94 16.65
N PHE C 286 -19.12 1.70 17.73
CA PHE C 286 -20.27 2.32 18.37
C PHE C 286 -21.05 3.16 17.37
N ILE C 287 -20.35 4.02 16.64
CA ILE C 287 -21.02 4.90 15.69
C ILE C 287 -21.60 4.09 14.55
N MET C 288 -20.91 3.04 14.11
CA MET C 288 -21.45 2.18 13.07
C MET C 288 -22.75 1.53 13.51
N ILE C 289 -22.79 0.98 14.72
CA ILE C 289 -24.00 0.32 15.18
C ILE C 289 -25.12 1.32 15.41
N LEU C 290 -24.77 2.51 15.92
CA LEU C 290 -25.79 3.54 16.11
C LEU C 290 -26.36 3.96 14.77
N VAL C 291 -25.53 4.10 13.74
CA VAL C 291 -26.02 4.47 12.43
C VAL C 291 -26.82 3.34 11.80
N ALA C 292 -26.44 2.09 12.06
CA ALA C 292 -27.23 0.98 11.57
C ALA C 292 -28.61 0.97 12.21
N PHE C 293 -28.69 1.23 13.50
CA PHE C 293 -30.00 1.36 14.14
C PHE C 293 -30.73 2.58 13.64
N SER C 294 -30.00 3.63 13.26
CA SER C 294 -30.63 4.78 12.62
C SER C 294 -31.27 4.37 11.31
N VAL C 295 -30.59 3.55 10.52
CA VAL C 295 -31.15 3.05 9.27
C VAL C 295 -32.37 2.19 9.56
N ILE C 296 -32.28 1.33 10.57
CA ILE C 296 -33.39 0.44 10.89
C ILE C 296 -34.62 1.25 11.29
N LEU C 297 -34.43 2.24 12.15
CA LEU C 297 -35.56 3.01 12.64
C LEU C 297 -36.06 3.99 11.59
N SER C 298 -35.20 4.42 10.66
CA SER C 298 -35.70 5.22 9.55
C SER C 298 -36.54 4.37 8.62
N VAL C 299 -36.17 3.11 8.42
CA VAL C 299 -37.03 2.20 7.67
C VAL C 299 -38.34 2.00 8.39
N VAL C 300 -38.30 1.85 9.71
CA VAL C 300 -39.53 1.68 10.49
C VAL C 300 -40.42 2.92 10.36
N VAL C 301 -39.82 4.11 10.44
CA VAL C 301 -40.59 5.34 10.36
C VAL C 301 -41.16 5.54 8.97
N LEU C 302 -40.40 5.19 7.94
CA LEU C 302 -40.93 5.23 6.58
C LEU C 302 -42.09 4.26 6.41
N ASN C 303 -41.97 3.07 6.99
CA ASN C 303 -43.06 2.11 6.93
C ASN C 303 -44.30 2.66 7.60
N LEU C 304 -44.15 3.22 8.79
CA LEU C 304 -45.31 3.79 9.49
C LEU C 304 -45.92 4.93 8.69
N HIS C 305 -45.08 5.78 8.11
CA HIS C 305 -45.58 6.96 7.42
C HIS C 305 -46.36 6.61 6.16
N HIS C 306 -46.12 5.44 5.58
CA HIS C 306 -46.73 5.07 4.31
C HIS C 306 -47.85 4.06 4.46
N ARG C 307 -48.31 3.81 5.68
CA ARG C 307 -49.45 2.93 5.87
C ARG C 307 -50.75 3.68 5.60
N SER C 308 -51.75 2.93 5.17
CA SER C 308 -53.05 3.50 4.84
C SER C 308 -54.12 2.54 5.32
N PRO C 309 -55.34 3.01 5.54
CA PRO C 309 -56.41 2.09 5.94
C PRO C 309 -56.65 0.99 4.93
N ASN C 310 -56.27 1.18 3.68
CA ASN C 310 -56.44 0.14 2.68
C ASN C 310 -55.49 -1.03 2.88
N THR C 311 -54.47 -0.89 3.73
CA THR C 311 -53.47 -1.93 3.88
C THR C 311 -53.25 -2.33 5.34
N HIS C 312 -53.35 -1.38 6.27
CA HIS C 312 -53.13 -1.66 7.68
C HIS C 312 -54.22 -1.05 8.52
N THR C 313 -54.53 -1.71 9.63
CA THR C 313 -55.45 -1.20 10.64
C THR C 313 -54.64 -0.81 11.86
N MET C 314 -54.91 0.37 12.39
CA MET C 314 -54.07 0.94 13.43
C MET C 314 -54.37 0.29 14.78
N PRO C 315 -53.39 -0.36 15.42
CA PRO C 315 -53.66 -1.00 16.71
C PRO C 315 -53.90 0.01 17.81
N ASN C 316 -54.57 -0.42 18.88
CA ASN C 316 -54.89 0.49 19.97
C ASN C 316 -53.66 0.96 20.74
N TRP C 317 -52.65 0.10 20.90
CA TRP C 317 -51.49 0.51 21.67
C TRP C 317 -50.65 1.55 20.95
N ILE C 318 -50.50 1.43 19.63
CA ILE C 318 -49.79 2.47 18.89
C ILE C 318 -50.53 3.79 19.00
N ARG C 319 -51.85 3.76 18.88
CA ARG C 319 -52.62 4.98 19.03
C ARG C 319 -52.42 5.57 20.41
N GLN C 320 -52.52 4.74 21.45
CA GLN C 320 -52.35 5.24 22.82
C GLN C 320 -50.98 5.87 23.02
N ILE C 321 -49.93 5.19 22.59
CA ILE C 321 -48.58 5.65 22.90
C ILE C 321 -48.22 6.87 22.07
N PHE C 322 -48.49 6.82 20.76
CA PHE C 322 -47.94 7.79 19.82
C PHE C 322 -48.91 8.90 19.45
N ILE C 323 -50.13 8.90 19.97
CA ILE C 323 -51.10 9.95 19.68
C ILE C 323 -51.38 10.80 20.91
N GLU C 324 -51.38 10.21 22.11
CA GLU C 324 -51.68 10.94 23.33
C GLU C 324 -50.52 11.03 24.30
N THR C 325 -49.95 9.90 24.72
CA THR C 325 -48.96 9.98 25.80
C THR C 325 -47.67 10.62 25.35
N LEU C 326 -47.15 10.27 24.18
CA LEU C 326 -45.82 10.72 23.80
C LEU C 326 -45.80 12.17 23.33
N PRO C 327 -46.70 12.59 22.44
CA PRO C 327 -46.54 13.89 21.79
C PRO C 327 -46.40 15.02 22.80
N PRO C 328 -47.13 14.98 23.92
CA PRO C 328 -46.92 16.04 24.93
C PRO C 328 -45.49 16.08 25.45
N PHE C 329 -44.85 14.93 25.65
CA PHE C 329 -43.51 14.92 26.22
C PHE C 329 -42.48 15.46 25.25
N LEU C 330 -42.67 15.23 23.96
CA LEU C 330 -41.73 15.68 22.94
C LEU C 330 -42.07 17.06 22.41
N TRP C 331 -43.09 17.71 22.96
CA TRP C 331 -43.53 19.02 22.47
C TRP C 331 -43.76 18.99 20.97
N ILE C 332 -44.46 17.95 20.50
CA ILE C 332 -44.71 17.79 19.08
C ILE C 332 -46.20 17.53 18.85
N GLN C 333 -47.04 17.99 19.77
CA GLN C 333 -48.47 17.81 19.62
C GLN C 333 -49.00 18.63 18.44
N ARG C 334 -50.04 18.09 17.80
CA ARG C 334 -50.58 18.68 16.58
C ARG C 334 -51.85 19.49 16.84
N PRO C 398 -89.03 15.03 -14.97
CA PRO C 398 -87.61 15.13 -15.29
C PRO C 398 -86.76 14.01 -14.73
N GLN C 399 -86.42 13.03 -15.57
CA GLN C 399 -85.53 11.96 -15.13
C GLN C 399 -84.09 12.44 -15.05
N ASP C 400 -83.70 13.34 -15.96
CA ASP C 400 -82.32 13.80 -16.00
C ASP C 400 -81.93 14.52 -14.71
N LEU C 401 -82.88 15.18 -14.05
CA LEU C 401 -82.55 15.85 -12.79
C LEU C 401 -82.30 14.84 -11.69
N LYS C 402 -83.08 13.75 -11.63
CA LYS C 402 -82.75 12.68 -10.70
C LYS C 402 -81.39 12.07 -11.00
N GLU C 403 -81.07 11.87 -12.28
CA GLU C 403 -79.76 11.32 -12.60
C GLU C 403 -78.65 12.27 -12.17
N ALA C 404 -78.84 13.57 -12.39
CA ALA C 404 -77.83 14.55 -12.00
C ALA C 404 -77.69 14.61 -10.48
N VAL C 405 -78.80 14.56 -9.75
CA VAL C 405 -78.71 14.59 -8.30
C VAL C 405 -78.02 13.33 -7.80
N GLU C 406 -78.25 12.20 -8.45
CA GLU C 406 -77.54 10.99 -8.08
C GLU C 406 -76.04 11.14 -8.34
N ALA C 407 -75.68 11.76 -9.46
CA ALA C 407 -74.27 12.00 -9.74
C ALA C 407 -73.64 12.88 -8.68
N ILE C 408 -74.35 13.94 -8.28
CA ILE C 408 -73.83 14.82 -7.22
C ILE C 408 -73.70 14.05 -5.93
N LYS C 409 -74.70 13.23 -5.58
CA LYS C 409 -74.62 12.45 -4.37
C LYS C 409 -73.41 11.53 -4.39
N TYR C 410 -73.17 10.88 -5.53
CA TYR C 410 -72.01 10.00 -5.63
C TYR C 410 -70.72 10.78 -5.47
N ILE C 411 -70.61 11.94 -6.11
CA ILE C 411 -69.39 12.74 -5.99
C ILE C 411 -69.18 13.13 -4.53
N ALA C 412 -70.23 13.55 -3.86
CA ALA C 412 -70.10 14.00 -2.49
C ALA C 412 -69.71 12.86 -1.55
N GLU C 413 -70.34 11.70 -1.69
CA GLU C 413 -70.00 10.60 -0.81
C GLU C 413 -68.60 10.08 -1.11
N GLN C 414 -68.18 10.15 -2.38
CA GLN C 414 -66.82 9.77 -2.72
C GLN C 414 -65.81 10.72 -2.09
N LEU C 415 -66.11 12.03 -2.11
CA LEU C 415 -65.24 12.99 -1.45
C LEU C 415 -65.20 12.76 0.05
N GLU C 416 -66.34 12.43 0.65
CA GLU C 416 -66.37 12.16 2.08
C GLU C 416 -65.58 10.91 2.43
N SER C 417 -65.70 9.86 1.62
CA SER C 417 -64.90 8.66 1.83
C SER C 417 -63.42 8.96 1.72
N ALA C 418 -63.04 9.76 0.72
CA ALA C 418 -61.64 10.17 0.58
C ALA C 418 -61.19 10.97 1.80
N SER C 419 -62.07 11.82 2.34
CA SER C 419 -61.71 12.59 3.51
C SER C 419 -61.45 11.70 4.72
N GLU C 420 -62.31 10.71 4.95
CA GLU C 420 -62.09 9.79 6.06
C GLU C 420 -60.81 8.99 5.88
N PHE C 421 -60.59 8.48 4.66
CA PHE C 421 -59.35 7.75 4.38
C PHE C 421 -58.14 8.64 4.62
N ASP C 422 -58.22 9.91 4.22
CA ASP C 422 -57.12 10.84 4.43
C ASP C 422 -56.90 11.10 5.91
N ASP C 423 -57.97 11.20 6.70
CA ASP C 423 -57.79 11.40 8.13
C ASP C 423 -57.05 10.23 8.76
N LEU C 424 -57.42 9.00 8.38
CA LEU C 424 -56.71 7.85 8.95
C LEU C 424 -55.26 7.80 8.47
N LYS C 425 -55.04 8.12 7.18
CA LYS C 425 -53.68 8.13 6.68
C LYS C 425 -52.86 9.22 7.36
N LYS C 426 -53.51 10.33 7.71
CA LYS C 426 -52.82 11.38 8.44
C LYS C 426 -52.52 10.95 9.87
N ASP C 427 -53.40 10.13 10.46
CA ASP C 427 -53.06 9.54 11.76
C ASP C 427 -51.81 8.69 11.66
N TRP C 428 -51.71 7.86 10.62
CA TRP C 428 -50.50 7.06 10.44
C TRP C 428 -49.27 7.96 10.27
N GLN C 429 -49.41 9.01 9.45
CA GLN C 429 -48.28 9.92 9.25
C GLN C 429 -47.88 10.61 10.55
N TYR C 430 -48.87 10.98 11.37
CA TYR C 430 -48.57 11.60 12.65
C TYR C 430 -47.86 10.63 13.58
N VAL C 431 -48.27 9.37 13.58
CA VAL C 431 -47.55 8.38 14.39
C VAL C 431 -46.11 8.27 13.93
N ALA C 432 -45.90 8.26 12.61
CA ALA C 432 -44.54 8.23 12.09
C ALA C 432 -43.75 9.45 12.54
N MET C 433 -44.38 10.62 12.50
CA MET C 433 -43.72 11.85 12.93
C MET C 433 -43.35 11.81 14.40
N VAL C 434 -44.27 11.34 15.25
CA VAL C 434 -44.01 11.30 16.69
C VAL C 434 -42.90 10.31 16.99
N ALA C 435 -42.95 9.13 16.38
CA ALA C 435 -41.89 8.15 16.57
C ALA C 435 -40.56 8.70 16.10
N ASP C 436 -40.57 9.44 14.99
CA ASP C 436 -39.34 9.99 14.45
C ASP C 436 -38.74 11.01 15.41
N ARG C 437 -39.59 11.84 16.02
CA ARG C 437 -39.11 12.80 17.01
C ARG C 437 -38.55 12.10 18.24
N LEU C 438 -39.24 11.06 18.71
CA LEU C 438 -38.73 10.28 19.83
C LEU C 438 -37.36 9.72 19.51
N PHE C 439 -37.21 9.14 18.33
CA PHE C 439 -35.91 8.61 17.92
C PHE C 439 -34.88 9.71 17.82
N LEU C 440 -35.27 10.88 17.33
CA LEU C 440 -34.33 12.00 17.26
C LEU C 440 -33.75 12.29 18.64
N TYR C 441 -34.63 12.43 19.64
CA TYR C 441 -34.14 12.75 20.98
C TYR C 441 -33.30 11.61 21.56
N VAL C 442 -33.80 10.38 21.43
CA VAL C 442 -33.09 9.24 22.00
C VAL C 442 -31.71 9.11 21.36
N PHE C 443 -31.62 9.25 20.04
CA PHE C 443 -30.36 9.08 19.35
C PHE C 443 -29.42 10.23 19.64
N PHE C 444 -29.94 11.46 19.74
CA PHE C 444 -29.08 12.56 20.14
C PHE C 444 -28.46 12.28 21.49
N VAL C 445 -29.28 11.85 22.45
CA VAL C 445 -28.76 11.59 23.79
C VAL C 445 -27.73 10.48 23.76
N ILE C 446 -28.05 9.37 23.08
CA ILE C 446 -27.15 8.23 23.07
C ILE C 446 -25.84 8.59 22.41
N CYS C 447 -25.90 9.19 21.22
CA CYS C 447 -24.67 9.55 20.54
C CYS C 447 -23.85 10.53 21.36
N SER C 448 -24.49 11.57 21.90
CA SER C 448 -23.76 12.60 22.63
C SER C 448 -23.06 11.99 23.84
N ILE C 449 -23.80 11.29 24.70
CA ILE C 449 -23.18 10.83 25.94
C ILE C 449 -22.26 9.66 25.70
N GLY C 450 -22.54 8.81 24.71
CA GLY C 450 -21.61 7.74 24.38
C GLY C 450 -20.29 8.26 23.86
N THR C 451 -20.34 9.21 22.93
CA THR C 451 -19.12 9.82 22.43
C THR C 451 -18.36 10.51 23.54
N PHE C 452 -19.08 11.28 24.38
CA PHE C 452 -18.41 11.97 25.47
C PHE C 452 -17.77 10.97 26.43
N SER C 453 -18.47 9.90 26.77
CA SER C 453 -17.93 8.91 27.69
C SER C 453 -16.68 8.26 27.12
N ILE C 454 -16.73 7.86 25.84
CA ILE C 454 -15.59 7.19 25.23
C ILE C 454 -14.38 8.12 25.23
N PHE C 455 -14.58 9.37 24.83
CA PHE C 455 -13.44 10.26 24.73
C PHE C 455 -12.95 10.76 26.08
N LEU C 456 -13.83 10.85 27.08
CA LEU C 456 -13.39 11.10 28.44
C LEU C 456 -12.55 9.94 28.95
N ASP C 457 -12.98 8.71 28.67
CA ASP C 457 -12.19 7.54 29.07
C ASP C 457 -10.82 7.57 28.42
N ALA C 458 -10.78 7.91 27.12
CA ALA C 458 -9.49 8.02 26.45
C ALA C 458 -8.64 9.11 27.07
N SER C 459 -9.24 10.27 27.36
CA SER C 459 -8.50 11.38 27.94
C SER C 459 -7.91 10.99 29.28
N HIS C 460 -8.61 10.20 30.07
CA HIS C 460 -8.11 9.73 31.36
C HIS C 460 -7.16 8.57 31.20
N ASN C 461 -6.16 8.69 30.35
CA ASN C 461 -5.16 7.62 30.12
C ASN C 461 -3.80 8.30 29.99
N VAL C 462 -3.09 8.38 31.10
CA VAL C 462 -1.74 8.95 31.10
C VAL C 462 -0.80 7.99 31.78
N PRO C 463 0.47 7.99 31.37
CA PRO C 463 1.44 7.08 31.98
C PRO C 463 1.60 7.40 33.46
N PRO C 464 1.88 6.40 34.28
CA PRO C 464 2.02 6.66 35.72
C PRO C 464 3.18 7.58 36.01
N ASP C 465 3.06 8.31 37.12
CA ASP C 465 4.13 9.21 37.53
C ASP C 465 5.42 8.45 37.77
N ASN C 466 5.32 7.29 38.42
CA ASN C 466 6.47 6.43 38.66
C ASN C 466 6.55 5.41 37.54
N PRO C 467 7.63 5.35 36.76
CA PRO C 467 7.69 4.38 35.66
C PRO C 467 7.73 2.94 36.11
N PHE C 468 7.88 2.67 37.41
CA PHE C 468 7.96 1.32 37.96
C PHE C 468 9.18 0.57 37.48
N ALA C 469 10.19 1.27 36.96
CA ALA C 469 11.36 0.62 36.41
C ALA C 469 12.42 1.64 36.08
N SER D 1 43.23 -12.60 30.48
CA SER D 1 43.77 -13.71 31.31
C SER D 1 44.95 -14.37 30.61
N GLU D 2 46.09 -14.45 31.29
CA GLU D 2 47.26 -15.06 30.68
C GLU D 2 47.08 -16.57 30.53
N HIS D 3 46.48 -17.21 31.53
CA HIS D 3 46.21 -18.65 31.43
C HIS D 3 45.29 -18.95 30.25
N GLU D 4 44.23 -18.17 30.10
CA GLU D 4 43.31 -18.43 29.01
C GLU D 4 43.92 -18.04 27.67
N THR D 5 44.77 -17.02 27.64
CA THR D 5 45.47 -16.69 26.40
C THR D 5 46.31 -17.87 25.94
N ARG D 6 47.11 -18.43 26.86
CA ARG D 6 47.91 -19.60 26.51
C ARG D 6 47.02 -20.77 26.12
N LEU D 7 45.91 -20.98 26.84
CA LEU D 7 45.04 -22.10 26.55
C LEU D 7 44.45 -21.98 25.14
N VAL D 8 44.00 -20.80 24.77
CA VAL D 8 43.42 -20.61 23.44
C VAL D 8 44.50 -20.75 22.38
N ALA D 9 45.73 -20.29 22.68
CA ALA D 9 46.81 -20.49 21.74
C ALA D 9 47.09 -21.97 21.52
N ASN D 10 47.09 -22.77 22.59
CA ASN D 10 47.38 -24.19 22.47
C ASN D 10 46.25 -24.96 21.81
N LEU D 11 45.01 -24.64 22.13
CA LEU D 11 43.89 -25.42 21.62
C LEU D 11 43.79 -25.33 20.11
N LEU D 12 44.11 -24.18 19.53
CA LEU D 12 43.92 -23.94 18.12
C LEU D 12 45.22 -23.88 17.34
N GLU D 13 46.35 -24.22 17.95
CA GLU D 13 47.62 -24.10 17.24
C GLU D 13 47.68 -25.02 16.04
N ASN D 14 47.18 -26.25 16.17
CA ASN D 14 47.16 -27.22 15.10
C ASN D 14 45.78 -27.83 14.99
N TYR D 15 44.75 -27.00 15.04
CA TYR D 15 43.37 -27.44 15.01
C TYR D 15 42.80 -27.09 13.64
N ASN D 16 42.18 -28.08 12.99
CA ASN D 16 41.61 -27.90 11.67
C ASN D 16 40.10 -28.03 11.77
N LYS D 17 39.39 -26.94 11.51
CA LYS D 17 37.95 -26.92 11.67
C LYS D 17 37.21 -27.53 10.48
N VAL D 18 37.94 -27.97 9.46
CA VAL D 18 37.33 -28.67 8.34
C VAL D 18 37.03 -30.12 8.69
N ILE D 19 37.62 -30.64 9.76
CA ILE D 19 37.54 -32.05 10.11
C ILE D 19 36.49 -32.25 11.19
N ARG D 20 35.77 -33.36 11.10
CA ARG D 20 34.80 -33.70 12.14
C ARG D 20 35.51 -33.96 13.46
N PRO D 21 34.86 -33.64 14.58
CA PRO D 21 35.42 -33.93 15.92
C PRO D 21 35.17 -35.36 16.38
N VAL D 22 35.78 -36.31 15.69
CA VAL D 22 35.73 -37.71 16.07
C VAL D 22 37.15 -38.24 16.16
N GLU D 23 37.35 -39.17 17.08
CA GLU D 23 38.65 -39.82 17.24
C GLU D 23 38.92 -40.84 16.14
N HIS D 24 37.89 -41.20 15.37
CA HIS D 24 38.06 -42.13 14.27
C HIS D 24 36.97 -41.83 13.24
N HIS D 25 37.34 -41.86 11.96
CA HIS D 25 36.41 -41.47 10.93
C HIS D 25 35.17 -42.35 10.89
N THR D 26 35.22 -43.54 11.49
CA THR D 26 34.04 -44.38 11.57
C THR D 26 33.05 -43.93 12.64
N HIS D 27 33.53 -43.28 13.70
CA HIS D 27 32.64 -42.75 14.71
C HIS D 27 31.82 -41.59 14.14
N PHE D 28 30.72 -41.27 14.82
CA PHE D 28 29.84 -40.20 14.41
C PHE D 28 29.81 -39.14 15.51
N VAL D 29 29.64 -37.90 15.08
CA VAL D 29 29.47 -36.77 15.98
C VAL D 29 28.04 -36.77 16.48
N ASP D 30 27.87 -36.80 17.79
CA ASP D 30 26.55 -36.78 18.41
C ASP D 30 26.24 -35.34 18.80
N ILE D 31 25.28 -34.74 18.12
CA ILE D 31 24.90 -33.35 18.36
C ILE D 31 23.52 -33.35 18.99
N THR D 32 23.41 -32.72 20.15
CA THR D 32 22.13 -32.57 20.80
C THR D 32 21.52 -31.23 20.41
N VAL D 33 20.56 -31.26 19.49
CA VAL D 33 19.97 -30.07 18.91
C VAL D 33 18.73 -29.72 19.72
N GLY D 34 18.63 -28.47 20.14
CA GLY D 34 17.47 -28.00 20.87
C GLY D 34 17.06 -26.63 20.40
N LEU D 35 15.82 -26.55 19.90
CA LEU D 35 15.28 -25.31 19.40
C LEU D 35 14.58 -24.57 20.52
N GLN D 36 14.90 -23.29 20.66
CA GLN D 36 14.31 -22.42 21.66
C GLN D 36 13.57 -21.31 20.94
N LEU D 37 12.26 -21.24 21.14
CA LEU D 37 11.44 -20.24 20.46
C LEU D 37 11.36 -19.00 21.35
N ILE D 38 11.90 -17.90 20.87
CA ILE D 38 11.92 -16.65 21.63
C ILE D 38 10.69 -15.81 21.31
N GLN D 39 10.39 -15.67 20.04
CA GLN D 39 9.32 -14.78 19.59
C GLN D 39 8.79 -15.31 18.27
N LEU D 40 7.47 -15.30 18.14
CA LEU D 40 6.82 -15.63 16.87
C LEU D 40 6.55 -14.32 16.17
N ILE D 41 7.47 -13.93 15.28
CA ILE D 41 7.45 -12.57 14.73
C ILE D 41 6.20 -12.34 13.92
N SER D 42 5.84 -13.30 13.07
CA SER D 42 4.81 -13.06 12.08
C SER D 42 4.32 -14.37 11.51
N VAL D 43 3.11 -14.34 10.98
CA VAL D 43 2.55 -15.43 10.19
C VAL D 43 1.98 -14.77 8.95
N ASP D 44 2.76 -14.73 7.88
CA ASP D 44 2.32 -14.12 6.63
C ASP D 44 1.40 -15.09 5.91
N GLU D 45 0.10 -14.97 6.16
CA GLU D 45 -0.87 -15.90 5.61
C GLU D 45 -0.91 -15.84 4.09
N VAL D 46 -0.85 -14.64 3.51
CA VAL D 46 -0.90 -14.53 2.06
C VAL D 46 0.30 -15.24 1.43
N ASN D 47 1.49 -14.99 1.95
CA ASN D 47 2.69 -15.62 1.43
C ASN D 47 2.99 -16.96 2.08
N GLN D 48 2.28 -17.31 3.15
CA GLN D 48 2.41 -18.61 3.79
C GLN D 48 3.81 -18.81 4.36
N ILE D 49 4.31 -17.79 5.04
CA ILE D 49 5.64 -17.79 5.64
C ILE D 49 5.49 -17.42 7.11
N VAL D 50 6.15 -18.18 7.98
CA VAL D 50 6.13 -17.93 9.41
C VAL D 50 7.54 -17.50 9.83
N GLU D 51 7.64 -16.28 10.34
CA GLU D 51 8.88 -15.73 10.85
C GLU D 51 8.94 -16.00 12.35
N THR D 52 10.01 -16.65 12.80
CA THR D 52 10.20 -16.92 14.21
C THR D 52 11.61 -16.52 14.62
N ASN D 53 11.72 -15.96 15.80
CA ASN D 53 13.00 -15.63 16.40
C ASN D 53 13.36 -16.75 17.36
N VAL D 54 14.40 -17.51 17.02
CA VAL D 54 14.73 -18.74 17.73
C VAL D 54 16.20 -18.72 18.12
N ARG D 55 16.53 -19.53 19.12
CA ARG D 55 17.90 -19.89 19.44
C ARG D 55 18.07 -21.38 19.15
N LEU D 56 19.11 -21.71 18.40
CA LEU D 56 19.35 -23.07 17.95
C LEU D 56 20.44 -23.66 18.84
N ARG D 57 20.04 -24.23 19.97
CA ARG D 57 21.01 -24.75 20.92
C ARG D 57 21.58 -26.06 20.41
N GLN D 58 22.91 -26.12 20.31
CA GLN D 58 23.60 -27.28 19.77
C GLN D 58 24.73 -27.67 20.71
N GLN D 59 24.85 -28.95 21.01
CA GLN D 59 25.88 -29.44 21.91
C GLN D 59 26.54 -30.67 21.30
N TRP D 60 27.85 -30.74 21.40
CA TRP D 60 28.60 -31.89 20.93
C TRP D 60 29.96 -31.89 21.60
N ILE D 61 30.66 -33.02 21.51
CA ILE D 61 31.99 -33.16 22.08
C ILE D 61 33.02 -32.93 20.98
N ASP D 62 34.01 -32.11 21.28
CA ASP D 62 35.16 -31.92 20.39
C ASP D 62 36.40 -32.28 21.20
N VAL D 63 36.76 -33.57 21.20
CA VAL D 63 37.89 -34.03 22.00
C VAL D 63 39.19 -33.35 21.63
N ARG D 64 39.30 -32.80 20.42
CA ARG D 64 40.47 -32.01 20.07
C ARG D 64 40.60 -30.76 20.92
N LEU D 65 39.52 -30.36 21.59
CA LEU D 65 39.52 -29.12 22.36
C LEU D 65 39.46 -29.39 23.85
N ARG D 66 40.11 -30.46 24.30
CA ARG D 66 40.20 -30.78 25.71
C ARG D 66 41.48 -30.21 26.28
N TRP D 67 41.45 -29.87 27.56
CA TRP D 67 42.65 -29.49 28.28
C TRP D 67 42.52 -29.99 29.72
N ASN D 68 43.59 -29.81 30.48
CA ASN D 68 43.60 -30.14 31.89
C ASN D 68 43.53 -28.85 32.68
N PRO D 69 42.46 -28.57 33.42
CA PRO D 69 42.35 -27.28 34.10
C PRO D 69 43.53 -26.97 35.01
N ALA D 70 44.14 -27.99 35.61
CA ALA D 70 45.24 -27.76 36.54
C ALA D 70 46.40 -27.05 35.87
N ASP D 71 46.59 -27.25 34.57
CA ASP D 71 47.70 -26.65 33.85
C ASP D 71 47.39 -25.26 33.32
N TYR D 72 46.19 -24.75 33.57
CA TYR D 72 45.79 -23.44 33.08
C TYR D 72 45.08 -22.65 34.16
N GLY D 73 45.58 -22.75 35.39
CA GLY D 73 45.00 -22.00 36.47
C GLY D 73 43.62 -22.44 36.88
N GLY D 74 43.25 -23.69 36.59
CA GLY D 74 41.95 -24.19 36.97
C GLY D 74 40.81 -23.73 36.09
N ILE D 75 41.12 -23.21 34.91
CA ILE D 75 40.09 -22.76 33.98
C ILE D 75 39.34 -23.98 33.47
N LYS D 76 38.01 -23.96 33.62
CA LYS D 76 37.17 -25.07 33.19
C LYS D 76 36.23 -24.73 32.05
N LYS D 77 36.08 -23.45 31.72
CA LYS D 77 35.21 -23.03 30.64
C LYS D 77 35.82 -21.82 29.96
N ILE D 78 35.72 -21.77 28.64
CA ILE D 78 36.12 -20.61 27.87
C ILE D 78 35.06 -20.34 26.81
N ARG D 79 34.98 -19.09 26.39
CA ARG D 79 34.16 -18.69 25.26
C ARG D 79 35.07 -18.55 24.05
N LEU D 80 34.71 -19.21 22.96
CA LEU D 80 35.57 -19.28 21.80
C LEU D 80 34.74 -18.95 20.58
N PRO D 81 35.25 -18.11 19.67
CA PRO D 81 34.45 -17.77 18.49
C PRO D 81 34.07 -19.01 17.71
N SER D 82 32.81 -19.09 17.32
CA SER D 82 32.33 -20.28 16.62
C SER D 82 33.03 -20.46 15.28
N ASP D 83 33.54 -19.39 14.69
CA ASP D 83 34.26 -19.48 13.43
C ASP D 83 35.59 -20.21 13.56
N ASP D 84 36.07 -20.45 14.77
CA ASP D 84 37.36 -21.09 14.96
C ASP D 84 37.28 -22.61 15.03
N VAL D 85 36.14 -23.17 15.42
CA VAL D 85 36.02 -24.60 15.61
C VAL D 85 35.08 -25.18 14.56
N TRP D 86 35.09 -26.51 14.46
CA TRP D 86 34.16 -27.21 13.60
C TRP D 86 32.73 -27.02 14.09
N LEU D 87 31.83 -26.64 13.18
CA LEU D 87 30.43 -26.49 13.51
C LEU D 87 29.59 -27.38 12.61
N PRO D 88 28.48 -27.91 13.12
CA PRO D 88 27.62 -28.71 12.26
C PRO D 88 26.87 -27.85 11.27
N ASP D 89 26.87 -28.30 10.01
CA ASP D 89 26.12 -27.63 8.95
C ASP D 89 24.65 -28.01 9.08
N LEU D 90 24.00 -27.40 10.07
CA LEU D 90 22.60 -27.65 10.38
C LEU D 90 21.76 -26.68 9.57
N VAL D 91 20.87 -27.21 8.74
CA VAL D 91 20.11 -26.43 7.77
C VAL D 91 18.63 -26.53 8.10
N LEU D 92 17.90 -25.44 7.86
CA LEU D 92 16.45 -25.44 7.93
C LEU D 92 15.91 -25.81 6.55
N TYR D 93 15.39 -27.04 6.43
CA TYR D 93 15.02 -27.55 5.12
C TYR D 93 13.95 -26.70 4.46
N ASN D 94 12.92 -26.33 5.23
CA ASN D 94 11.77 -25.63 4.67
C ASN D 94 11.92 -24.12 4.70
N ASN D 95 13.13 -23.62 4.63
CA ASN D 95 13.33 -22.19 4.50
C ASN D 95 12.59 -21.68 3.27
N ALA D 96 12.00 -20.49 3.39
CA ALA D 96 11.23 -19.90 2.31
C ALA D 96 11.71 -18.50 1.96
N ASP D 97 12.11 -17.74 2.97
CA ASP D 97 12.40 -16.32 2.73
C ASP D 97 13.62 -15.82 3.48
N GLY D 98 14.45 -16.67 4.05
CA GLY D 98 15.55 -16.23 4.90
C GLY D 98 16.82 -17.01 4.59
N ASP D 99 17.53 -17.36 5.65
CA ASP D 99 18.78 -18.09 5.55
C ASP D 99 18.52 -19.57 5.79
N PHE D 100 19.28 -20.40 5.07
CA PHE D 100 19.18 -21.84 5.26
C PHE D 100 19.90 -22.31 6.52
N ALA D 101 21.02 -21.69 6.84
CA ALA D 101 21.84 -22.11 7.98
C ALA D 101 21.95 -20.94 8.96
N ILE D 102 22.70 -21.17 10.01
CA ILE D 102 23.02 -20.12 10.96
C ILE D 102 24.01 -19.15 10.33
N VAL D 103 23.73 -17.87 10.44
CA VAL D 103 24.63 -16.84 9.93
C VAL D 103 25.24 -16.00 11.05
N HIS D 104 24.60 -15.88 12.21
CA HIS D 104 25.15 -15.14 13.34
C HIS D 104 26.10 -16.05 14.08
N MET D 105 27.39 -15.90 13.84
CA MET D 105 28.41 -16.78 14.38
C MET D 105 28.78 -16.28 15.77
N THR D 106 27.87 -16.47 16.71
CA THR D 106 28.11 -16.07 18.09
C THR D 106 29.12 -16.99 18.75
N LYS D 107 29.74 -16.50 19.81
CA LYS D 107 30.73 -17.29 20.52
C LYS D 107 30.08 -18.51 21.15
N LEU D 108 30.85 -19.58 21.25
CA LEU D 108 30.41 -20.82 21.85
C LEU D 108 31.18 -21.12 23.12
N LEU D 109 30.53 -21.85 24.01
CA LEU D 109 31.09 -22.21 25.31
C LEU D 109 31.73 -23.58 25.21
N LEU D 110 32.96 -23.69 25.69
CA LEU D 110 33.74 -24.92 25.60
C LEU D 110 34.19 -25.34 26.99
N ASP D 111 33.82 -26.55 27.39
CA ASP D 111 34.33 -27.11 28.63
C ASP D 111 35.73 -27.69 28.43
N TYR D 112 36.42 -27.91 29.54
CA TYR D 112 37.69 -28.61 29.48
C TYR D 112 37.54 -30.04 29.01
N THR D 113 36.32 -30.59 29.03
CA THR D 113 36.08 -31.94 28.57
C THR D 113 35.84 -32.01 27.07
N GLY D 114 35.87 -30.88 26.36
CA GLY D 114 35.55 -30.84 24.96
C GLY D 114 34.08 -30.63 24.66
N LYS D 115 33.25 -30.51 25.69
CA LYS D 115 31.82 -30.29 25.49
C LYS D 115 31.59 -28.86 25.02
N ILE D 116 30.95 -28.71 23.87
CA ILE D 116 30.64 -27.41 23.31
C ILE D 116 29.16 -27.11 23.49
N MET D 117 28.85 -25.85 23.73
CA MET D 117 27.49 -25.36 23.87
C MET D 117 27.37 -24.13 22.99
N TRP D 118 26.69 -24.28 21.85
CA TRP D 118 26.59 -23.18 20.89
C TRP D 118 25.10 -22.90 20.68
N THR D 119 24.68 -21.68 20.98
CA THR D 119 23.27 -21.29 20.93
C THR D 119 23.15 -20.02 20.10
N PRO D 120 23.42 -20.11 18.80
CA PRO D 120 23.34 -18.94 17.95
C PRO D 120 21.90 -18.52 17.76
N PRO D 121 21.64 -17.23 17.55
CA PRO D 121 20.28 -16.80 17.23
C PRO D 121 19.98 -16.98 15.75
N ALA D 122 18.70 -17.04 15.45
CA ALA D 122 18.29 -17.13 14.06
C ALA D 122 16.89 -16.56 13.92
N ILE D 123 16.59 -16.12 12.72
CA ILE D 123 15.23 -15.75 12.32
C ILE D 123 14.84 -16.77 11.25
N PHE D 124 14.12 -17.78 11.68
CA PHE D 124 13.65 -18.81 10.77
C PHE D 124 12.42 -18.29 10.04
N LYS D 125 12.54 -18.09 8.73
CA LYS D 125 11.40 -17.78 7.87
C LYS D 125 11.08 -19.06 7.11
N SER D 126 10.22 -19.88 7.69
CA SER D 126 9.92 -21.19 7.15
C SER D 126 8.59 -21.18 6.40
N TYR D 127 8.49 -22.04 5.40
CA TYR D 127 7.23 -22.21 4.70
C TYR D 127 6.18 -22.83 5.62
N CYS D 128 4.98 -22.28 5.57
CA CYS D 128 3.88 -22.66 6.44
C CYS D 128 2.64 -22.88 5.57
N GLU D 129 2.22 -24.13 5.44
CA GLU D 129 1.00 -24.41 4.69
C GLU D 129 -0.18 -23.89 5.49
N ILE D 130 -0.65 -22.71 5.14
CA ILE D 130 -1.72 -22.04 5.87
C ILE D 130 -3.04 -22.64 5.45
N ILE D 131 -3.80 -23.14 6.42
CA ILE D 131 -5.11 -23.73 6.17
C ILE D 131 -6.14 -22.63 6.44
N VAL D 132 -6.48 -21.91 5.38
CA VAL D 132 -7.51 -20.86 5.48
C VAL D 132 -8.82 -21.54 5.13
N THR D 133 -9.39 -22.22 6.12
CA THR D 133 -10.73 -22.76 6.03
C THR D 133 -11.62 -22.37 7.18
N HIS D 134 -11.05 -22.09 8.35
CA HIS D 134 -11.81 -21.58 9.49
C HIS D 134 -11.36 -20.18 9.86
N PHE D 135 -10.70 -19.50 8.94
CA PHE D 135 -10.28 -18.13 9.18
C PHE D 135 -11.50 -17.28 9.52
N PRO D 136 -11.41 -16.41 10.53
CA PRO D 136 -10.21 -16.14 11.35
C PRO D 136 -10.13 -16.98 12.61
N PHE D 137 -10.87 -18.09 12.68
CA PHE D 137 -10.89 -18.95 13.86
C PHE D 137 -10.00 -20.16 13.68
N ASP D 138 -9.00 -20.05 12.82
CA ASP D 138 -8.20 -21.18 12.39
C ASP D 138 -7.02 -21.41 13.33
N GLN D 139 -6.58 -22.66 13.39
CA GLN D 139 -5.34 -23.03 14.04
C GLN D 139 -4.38 -23.55 12.98
N GLN D 140 -3.17 -23.01 12.98
CA GLN D 140 -2.17 -23.35 11.98
C GLN D 140 -1.16 -24.31 12.59
N ASN D 141 -0.76 -25.31 11.80
CA ASN D 141 0.25 -26.28 12.20
C ASN D 141 1.35 -26.23 11.15
N CYS D 142 2.37 -25.42 11.38
CA CYS D 142 3.53 -25.45 10.50
C CYS D 142 4.81 -25.50 11.30
N THR D 143 5.81 -26.07 10.68
CA THR D 143 6.95 -26.70 11.32
C THR D 143 8.24 -26.02 10.91
N MET D 144 9.32 -26.49 11.50
CA MET D 144 10.68 -26.10 11.09
C MET D 144 11.50 -27.37 11.04
N LYS D 145 11.87 -27.79 9.84
CA LYS D 145 12.59 -29.03 9.62
C LYS D 145 14.08 -28.73 9.62
N LEU D 146 14.79 -29.26 10.62
CA LEU D 146 16.21 -29.03 10.79
C LEU D 146 16.98 -30.32 10.58
N GLY D 147 18.09 -30.24 9.87
CA GLY D 147 18.91 -31.42 9.67
C GLY D 147 20.31 -31.05 9.23
N ILE D 148 21.22 -32.04 9.42
CA ILE D 148 22.57 -31.86 8.95
C ILE D 148 22.60 -32.06 7.45
N TRP D 149 23.18 -31.10 6.73
CA TRP D 149 23.01 -31.07 5.28
C TRP D 149 23.85 -32.13 4.59
N THR D 150 25.16 -32.10 4.79
CA THR D 150 26.08 -32.91 3.98
C THR D 150 26.56 -34.18 4.68
N TYR D 151 26.13 -34.44 5.90
CA TYR D 151 26.48 -35.66 6.61
C TYR D 151 25.24 -36.51 6.87
N ASP D 152 25.40 -37.82 6.77
CA ASP D 152 24.35 -38.76 7.07
C ASP D 152 24.42 -39.15 8.54
N GLY D 153 23.50 -40.01 8.95
CA GLY D 153 23.44 -40.45 10.34
C GLY D 153 24.68 -41.15 10.83
N THR D 154 25.46 -41.76 9.95
CA THR D 154 26.66 -42.48 10.35
C THR D 154 27.85 -41.56 10.57
N LYS D 155 27.79 -40.32 10.10
CA LYS D 155 28.86 -39.34 10.30
C LYS D 155 28.51 -38.32 11.36
N VAL D 156 27.31 -37.73 11.29
CA VAL D 156 26.85 -36.76 12.27
C VAL D 156 25.43 -37.14 12.65
N SER D 157 25.20 -37.35 13.95
CA SER D 157 23.89 -37.70 14.47
C SER D 157 23.35 -36.54 15.29
N ILE D 158 22.16 -36.06 14.93
CA ILE D 158 21.49 -35.02 15.69
C ILE D 158 20.33 -35.65 16.45
N SER D 159 20.21 -35.27 17.72
CA SER D 159 19.13 -35.74 18.56
C SER D 159 18.54 -34.52 19.26
N PRO D 160 17.23 -34.49 19.49
CA PRO D 160 16.65 -33.38 20.23
C PRO D 160 17.04 -33.41 21.69
N GLU D 161 17.15 -32.22 22.30
CA GLU D 161 17.32 -32.17 23.74
C GLU D 161 16.12 -32.74 24.46
N SER D 162 14.92 -32.40 23.99
CA SER D 162 13.69 -32.79 24.65
C SER D 162 12.63 -33.00 23.59
N ASP D 163 11.56 -33.68 23.98
CA ASP D 163 10.49 -33.99 23.04
C ASP D 163 9.74 -32.75 22.57
N ARG D 164 9.96 -31.59 23.20
CA ARG D 164 9.33 -30.36 22.78
C ARG D 164 10.36 -29.25 22.66
N PRO D 165 10.12 -28.26 21.81
CA PRO D 165 10.99 -27.09 21.81
C PRO D 165 10.89 -26.33 23.11
N ASP D 166 11.83 -25.41 23.31
CA ASP D 166 11.92 -24.62 24.54
C ASP D 166 11.13 -23.34 24.35
N LEU D 167 10.10 -23.16 25.18
CA LEU D 167 9.29 -21.95 25.17
C LEU D 167 9.27 -21.30 26.55
N SER D 168 10.39 -21.41 27.27
CA SER D 168 10.46 -20.88 28.62
C SER D 168 10.60 -19.37 28.61
N THR D 169 11.27 -18.81 27.62
CA THR D 169 11.42 -17.36 27.46
C THR D 169 10.66 -16.85 26.24
N PHE D 170 9.59 -17.54 25.87
CA PHE D 170 8.80 -17.17 24.71
C PHE D 170 7.93 -15.96 25.03
N MET D 171 7.99 -14.95 24.17
CA MET D 171 7.14 -13.78 24.34
C MET D 171 5.77 -14.04 23.72
N GLU D 172 4.72 -13.75 24.47
CA GLU D 172 3.37 -13.98 24.00
C GLU D 172 3.12 -13.20 22.72
N SER D 173 2.47 -13.85 21.75
CA SER D 173 2.33 -13.27 20.42
C SER D 173 1.39 -12.08 20.43
N GLY D 174 0.23 -12.23 21.06
CA GLY D 174 -0.82 -11.24 20.99
C GLY D 174 -1.76 -11.43 19.82
N GLU D 175 -1.36 -12.23 18.83
CA GLU D 175 -2.21 -12.63 17.72
C GLU D 175 -2.43 -14.13 17.68
N TRP D 176 -1.54 -14.92 18.28
CA TRP D 176 -1.59 -16.37 18.23
C TRP D 176 -1.40 -16.94 19.62
N VAL D 177 -2.05 -18.08 19.85
CA VAL D 177 -1.90 -18.84 21.09
C VAL D 177 -1.19 -20.14 20.75
N MET D 178 -0.13 -20.44 21.49
CA MET D 178 0.67 -21.63 21.24
C MET D 178 0.00 -22.80 21.97
N LYS D 179 -0.80 -23.57 21.25
CA LYS D 179 -1.51 -24.67 21.88
C LYS D 179 -0.58 -25.86 22.15
N ASP D 180 0.20 -26.25 21.15
CA ASP D 180 1.05 -27.43 21.27
C ASP D 180 2.33 -27.20 20.48
N TYR D 181 3.37 -27.93 20.88
CA TYR D 181 4.65 -27.88 20.19
C TYR D 181 5.43 -29.14 20.56
N ARG D 182 5.99 -29.80 19.56
CA ARG D 182 6.68 -31.05 19.76
C ARG D 182 7.83 -31.13 18.76
N GLY D 183 8.84 -31.89 19.12
CA GLY D 183 9.96 -32.12 18.22
C GLY D 183 10.12 -33.59 17.90
N TRP D 184 10.04 -33.94 16.62
CA TRP D 184 10.12 -35.32 16.16
C TRP D 184 11.36 -35.54 15.32
N LYS D 185 12.14 -36.55 15.67
CA LYS D 185 13.27 -36.96 14.86
C LYS D 185 12.84 -38.01 13.85
N HIS D 186 13.34 -37.88 12.63
CA HIS D 186 12.96 -38.78 11.55
C HIS D 186 14.19 -39.34 10.87
N TRP D 187 14.16 -40.63 10.56
CA TRP D 187 15.13 -41.26 9.70
C TRP D 187 14.55 -41.42 8.32
N VAL D 188 15.20 -40.79 7.33
CA VAL D 188 14.75 -40.82 5.95
C VAL D 188 15.75 -41.63 5.15
N TYR D 189 15.30 -42.20 4.04
CA TYR D 189 16.16 -42.96 3.14
C TYR D 189 15.91 -42.45 1.73
N TYR D 190 16.61 -41.38 1.36
CA TYR D 190 16.40 -40.76 0.06
C TYR D 190 16.77 -41.72 -1.07
N THR D 191 16.33 -41.36 -2.27
CA THR D 191 16.70 -42.13 -3.46
C THR D 191 18.16 -41.94 -3.84
N CYS D 192 18.72 -40.76 -3.60
CA CYS D 192 20.12 -40.51 -3.91
C CYS D 192 21.01 -41.56 -3.25
N CYS D 193 20.61 -42.00 -2.06
CA CYS D 193 21.56 -42.47 -1.06
C CYS D 193 20.94 -43.63 -0.31
N PRO D 194 20.45 -44.65 -1.03
CA PRO D 194 19.55 -45.63 -0.41
C PRO D 194 20.21 -46.55 0.62
N ASP D 195 21.45 -46.29 1.01
CA ASP D 195 22.13 -47.22 1.91
C ASP D 195 22.10 -46.75 3.36
N THR D 196 22.20 -45.44 3.60
CA THR D 196 22.43 -44.87 4.91
C THR D 196 21.29 -43.95 5.32
N PRO D 197 21.04 -43.78 6.61
CA PRO D 197 19.92 -42.94 7.04
C PRO D 197 20.31 -41.48 7.14
N TYR D 198 19.40 -40.63 6.68
CA TYR D 198 19.54 -39.18 6.83
C TYR D 198 18.57 -38.69 7.89
N LEU D 199 19.09 -37.89 8.82
CA LEU D 199 18.39 -37.50 10.03
C LEU D 199 17.91 -36.06 9.91
N ASP D 200 16.75 -35.79 10.49
CA ASP D 200 16.29 -34.42 10.64
C ASP D 200 15.29 -34.36 11.77
N ILE D 201 15.22 -33.20 12.41
CA ILE D 201 14.28 -32.95 13.50
C ILE D 201 13.26 -31.93 13.01
N THR D 202 11.99 -32.27 13.14
CA THR D 202 10.92 -31.38 12.72
C THR D 202 10.20 -30.86 13.96
N TYR D 203 10.40 -29.58 14.26
CA TYR D 203 9.71 -28.91 15.34
C TYR D 203 8.45 -28.30 14.75
N HIS D 204 7.29 -28.71 15.25
CA HIS D 204 6.04 -28.12 14.81
C HIS D 204 5.39 -27.39 15.97
N PHE D 205 4.67 -26.33 15.63
CA PHE D 205 4.00 -25.48 16.59
C PHE D 205 2.55 -25.36 16.19
N ILE D 206 1.65 -25.84 17.04
CA ILE D 206 0.22 -25.74 16.79
C ILE D 206 -0.24 -24.40 17.34
N MET D 207 -0.58 -23.48 16.44
CA MET D 207 -0.90 -22.12 16.78
C MET D 207 -2.39 -21.85 16.56
N GLN D 208 -3.04 -21.29 17.57
CA GLN D 208 -4.45 -20.90 17.50
C GLN D 208 -4.50 -19.39 17.33
N ARG D 209 -5.16 -18.93 16.28
CA ARG D 209 -5.35 -17.50 16.12
C ARG D 209 -6.30 -16.97 17.18
N ILE D 210 -6.00 -15.77 17.67
CA ILE D 210 -6.91 -15.03 18.53
C ILE D 210 -7.82 -14.20 17.61
N PRO D 211 -9.10 -14.51 17.50
CA PRO D 211 -9.93 -13.93 16.42
C PRO D 211 -10.53 -12.56 16.73
N LEU D 212 -10.26 -11.97 17.90
CA LEU D 212 -10.91 -10.71 18.23
C LEU D 212 -10.63 -9.65 17.18
N TYR D 213 -9.39 -9.49 16.77
CA TYR D 213 -9.06 -8.43 15.82
C TYR D 213 -9.90 -8.57 14.56
N PHE D 214 -9.85 -9.75 13.93
CA PHE D 214 -10.55 -9.91 12.66
C PHE D 214 -12.05 -9.94 12.86
N VAL D 215 -12.52 -10.50 13.97
CA VAL D 215 -13.95 -10.48 14.27
C VAL D 215 -14.39 -9.03 14.19
N VAL D 216 -13.84 -8.18 15.07
CA VAL D 216 -14.30 -6.80 15.16
C VAL D 216 -14.12 -6.08 13.83
N ASN D 217 -12.97 -6.27 13.17
CA ASN D 217 -12.60 -5.42 12.05
C ASN D 217 -13.22 -5.86 10.73
N VAL D 218 -13.66 -7.10 10.59
CA VAL D 218 -14.18 -7.58 9.33
C VAL D 218 -15.57 -8.19 9.52
N ILE D 219 -15.69 -9.13 10.47
CA ILE D 219 -16.92 -9.91 10.54
C ILE D 219 -18.10 -9.09 11.03
N ILE D 220 -17.91 -8.21 12.01
CA ILE D 220 -19.01 -7.45 12.58
C ILE D 220 -19.62 -6.52 11.53
N PRO D 221 -18.82 -5.73 10.80
CA PRO D 221 -19.43 -4.91 9.74
C PRO D 221 -20.17 -5.72 8.68
N CYS D 222 -19.62 -6.83 8.23
CA CYS D 222 -20.35 -7.66 7.28
C CYS D 222 -21.64 -8.21 7.89
N LEU D 223 -21.62 -8.56 9.17
CA LEU D 223 -22.86 -9.01 9.80
C LEU D 223 -23.88 -7.89 9.85
N LEU D 224 -23.45 -6.66 10.16
CA LEU D 224 -24.39 -5.54 10.19
C LEU D 224 -25.03 -5.34 8.81
N PHE D 225 -24.21 -5.35 7.77
CA PHE D 225 -24.77 -5.11 6.44
C PHE D 225 -25.63 -6.27 5.98
N SER D 226 -25.25 -7.50 6.34
CA SER D 226 -26.09 -8.64 6.03
C SER D 226 -27.44 -8.54 6.73
N PHE D 227 -27.46 -8.09 7.98
CA PHE D 227 -28.73 -7.91 8.66
C PHE D 227 -29.56 -6.83 7.98
N LEU D 228 -28.93 -5.72 7.59
CA LEU D 228 -29.67 -4.69 6.89
C LEU D 228 -30.16 -5.17 5.53
N THR D 229 -29.56 -6.23 4.99
CA THR D 229 -30.03 -6.75 3.71
C THR D 229 -31.53 -6.99 3.72
N GLY D 230 -32.03 -7.69 4.72
CA GLY D 230 -33.44 -8.01 4.78
C GLY D 230 -34.32 -6.90 5.27
N LEU D 231 -33.73 -5.80 5.70
CA LEU D 231 -34.51 -4.64 6.13
C LEU D 231 -35.19 -3.94 4.97
N VAL D 232 -34.73 -4.19 3.73
CA VAL D 232 -35.39 -3.59 2.58
C VAL D 232 -36.83 -4.07 2.47
N PHE D 233 -37.14 -5.23 3.04
CA PHE D 233 -38.48 -5.77 2.88
C PHE D 233 -39.50 -5.06 3.76
N TYR D 234 -39.05 -4.41 4.83
CA TYR D 234 -39.92 -3.56 5.64
C TYR D 234 -39.98 -2.14 5.11
N LEU D 235 -39.15 -1.80 4.14
CA LEU D 235 -39.20 -0.48 3.54
C LEU D 235 -40.35 -0.40 2.56
N PRO D 236 -41.30 0.52 2.72
CA PRO D 236 -42.42 0.60 1.79
C PRO D 236 -41.94 0.96 0.39
N THR D 237 -42.65 0.42 -0.60
CA THR D 237 -42.30 0.73 -1.98
C THR D 237 -42.50 2.21 -2.29
N ASP D 238 -43.54 2.82 -1.74
CA ASP D 238 -43.85 4.21 -2.01
C ASP D 238 -42.73 5.16 -1.61
N SER D 239 -41.84 4.73 -0.71
CA SER D 239 -40.74 5.60 -0.32
C SER D 239 -39.84 5.89 -1.51
N GLY D 240 -39.75 4.96 -2.46
CA GLY D 240 -38.82 5.11 -3.56
C GLY D 240 -37.37 5.04 -3.14
N GLU D 241 -37.06 4.15 -2.20
CA GLU D 241 -35.70 4.07 -1.65
C GLU D 241 -35.22 2.64 -1.48
N LYS D 242 -36.02 1.62 -1.88
CA LYS D 242 -35.60 0.24 -1.65
C LYS D 242 -34.31 -0.07 -2.39
N MET D 243 -34.19 0.41 -3.63
CA MET D 243 -32.95 0.19 -4.36
C MET D 243 -31.78 0.84 -3.64
N THR D 244 -31.97 2.04 -3.09
CA THR D 244 -30.88 2.68 -2.37
C THR D 244 -30.35 1.76 -1.27
N LEU D 245 -31.23 1.26 -0.42
CA LEU D 245 -30.80 0.43 0.70
C LEU D 245 -30.17 -0.87 0.23
N SER D 246 -30.87 -1.61 -0.64
CA SER D 246 -30.35 -2.92 -1.04
C SER D 246 -29.03 -2.79 -1.79
N ILE D 247 -28.95 -1.83 -2.71
CA ILE D 247 -27.74 -1.66 -3.50
C ILE D 247 -26.59 -1.14 -2.64
N SER D 248 -26.87 -0.29 -1.66
CA SER D 248 -25.81 0.13 -0.76
C SER D 248 -25.29 -1.04 0.06
N VAL D 249 -26.18 -1.92 0.50
CA VAL D 249 -25.74 -3.12 1.20
C VAL D 249 -24.84 -3.95 0.30
N LEU D 250 -25.24 -4.12 -0.96
CA LEU D 250 -24.44 -4.90 -1.89
C LEU D 250 -23.08 -4.25 -2.14
N LEU D 251 -23.05 -2.92 -2.28
CA LEU D 251 -21.80 -2.22 -2.50
C LEU D 251 -20.87 -2.38 -1.30
N SER D 252 -21.42 -2.28 -0.09
CA SER D 252 -20.62 -2.49 1.10
C SER D 252 -20.07 -3.92 1.14
N LEU D 253 -20.90 -4.89 0.77
CA LEU D 253 -20.45 -6.28 0.83
C LEU D 253 -19.36 -6.55 -0.21
N THR D 254 -19.45 -5.94 -1.40
CA THR D 254 -18.38 -6.12 -2.37
C THR D 254 -17.10 -5.41 -1.91
N VAL D 255 -17.23 -4.28 -1.20
CA VAL D 255 -16.04 -3.66 -0.62
C VAL D 255 -15.41 -4.59 0.40
N PHE D 256 -16.23 -5.23 1.25
CA PHE D 256 -15.66 -6.14 2.23
C PHE D 256 -15.09 -7.38 1.56
N LEU D 257 -15.64 -7.80 0.42
CA LEU D 257 -15.01 -8.87 -0.35
C LEU D 257 -13.63 -8.46 -0.82
N LEU D 258 -13.51 -7.22 -1.31
CA LEU D 258 -12.21 -6.71 -1.70
C LEU D 258 -11.25 -6.70 -0.51
N VAL D 259 -11.76 -6.35 0.67
CA VAL D 259 -10.92 -6.34 1.88
C VAL D 259 -10.52 -7.75 2.26
N ILE D 260 -11.40 -8.72 2.06
CA ILE D 260 -11.16 -10.08 2.55
C ILE D 260 -10.20 -10.83 1.63
N VAL D 261 -10.36 -10.67 0.32
CA VAL D 261 -9.52 -11.44 -0.61
C VAL D 261 -8.05 -11.08 -0.47
N GLU D 262 -7.74 -9.95 0.15
CA GLU D 262 -6.36 -9.55 0.40
C GLU D 262 -5.88 -9.95 1.79
N LEU D 263 -6.70 -10.65 2.57
CA LEU D 263 -6.29 -11.12 3.89
C LEU D 263 -5.84 -12.57 3.91
N ILE D 264 -6.06 -13.32 2.83
CA ILE D 264 -5.82 -14.75 2.83
C ILE D 264 -5.10 -15.15 1.55
N PRO D 265 -4.38 -16.27 1.59
CA PRO D 265 -3.69 -16.72 0.38
C PRO D 265 -4.68 -17.13 -0.70
N SER D 266 -4.25 -16.99 -1.95
CA SER D 266 -5.06 -17.33 -3.10
C SER D 266 -5.10 -18.82 -3.37
N THR D 267 -4.69 -19.64 -2.41
CA THR D 267 -4.68 -21.07 -2.61
C THR D 267 -6.09 -21.61 -2.74
N SER D 268 -6.24 -22.65 -3.55
CA SER D 268 -7.52 -23.32 -3.76
C SER D 268 -7.55 -24.70 -3.14
N SER D 269 -6.52 -25.07 -2.38
CA SER D 269 -6.53 -26.38 -1.74
C SER D 269 -7.69 -26.53 -0.77
N ALA D 270 -8.17 -25.42 -0.22
CA ALA D 270 -9.32 -25.43 0.67
C ALA D 270 -10.07 -24.11 0.50
N VAL D 271 -11.39 -24.19 0.44
CA VAL D 271 -12.21 -23.00 0.27
C VAL D 271 -12.35 -22.32 1.62
N PRO D 272 -11.93 -21.07 1.78
CA PRO D 272 -12.09 -20.40 3.08
C PRO D 272 -13.55 -20.17 3.38
N LEU D 273 -13.99 -20.66 4.55
CA LEU D 273 -15.39 -20.52 4.91
C LEU D 273 -15.80 -19.06 5.00
N ILE D 274 -14.86 -18.16 5.28
CA ILE D 274 -15.20 -16.74 5.26
C ILE D 274 -15.56 -16.31 3.85
N GLY D 275 -14.78 -16.74 2.86
CA GLY D 275 -15.11 -16.43 1.49
C GLY D 275 -16.39 -17.11 1.03
N LYS D 276 -16.61 -18.35 1.46
CA LYS D 276 -17.85 -19.03 1.11
C LYS D 276 -19.05 -18.30 1.69
N TYR D 277 -18.95 -17.83 2.92
CA TYR D 277 -20.07 -17.13 3.53
C TYR D 277 -20.25 -15.75 2.94
N MET D 278 -19.17 -15.10 2.51
CA MET D 278 -19.32 -13.86 1.77
C MET D 278 -20.06 -14.10 0.46
N LEU D 279 -19.70 -15.16 -0.27
CA LEU D 279 -20.41 -15.48 -1.49
C LEU D 279 -21.87 -15.81 -1.20
N PHE D 280 -22.14 -16.54 -0.13
CA PHE D 280 -23.52 -16.91 0.20
C PHE D 280 -24.34 -15.68 0.56
N THR D 281 -23.80 -14.80 1.39
CA THR D 281 -24.53 -13.59 1.74
C THR D 281 -24.66 -12.67 0.55
N MET D 282 -23.74 -12.71 -0.39
CA MET D 282 -23.88 -11.87 -1.58
C MET D 282 -24.93 -12.45 -2.51
N ILE D 283 -25.03 -13.77 -2.62
CA ILE D 283 -26.13 -14.38 -3.34
C ILE D 283 -27.44 -14.04 -2.66
N PHE D 284 -27.44 -14.01 -1.33
CA PHE D 284 -28.64 -13.61 -0.60
C PHE D 284 -29.02 -12.18 -0.92
N VAL D 285 -28.04 -11.27 -0.95
CA VAL D 285 -28.34 -9.87 -1.26
C VAL D 285 -28.82 -9.74 -2.70
N ILE D 286 -28.26 -10.51 -3.61
CA ILE D 286 -28.69 -10.46 -5.00
C ILE D 286 -30.13 -10.97 -5.12
N SER D 287 -30.46 -12.05 -4.42
CA SER D 287 -31.82 -12.54 -4.41
C SER D 287 -32.76 -11.52 -3.78
N SER D 288 -32.31 -10.85 -2.73
CA SER D 288 -33.11 -9.80 -2.10
C SER D 288 -33.36 -8.67 -3.09
N ILE D 289 -32.35 -8.28 -3.87
CA ILE D 289 -32.52 -7.23 -4.86
C ILE D 289 -33.49 -7.68 -5.93
N ILE D 290 -33.38 -8.92 -6.39
CA ILE D 290 -34.30 -9.42 -7.42
C ILE D 290 -35.73 -9.41 -6.90
N ILE D 291 -35.92 -9.90 -5.67
CA ILE D 291 -37.28 -9.98 -5.13
C ILE D 291 -37.84 -8.60 -4.83
N THR D 292 -37.01 -7.66 -4.37
CA THR D 292 -37.51 -6.31 -4.17
C THR D 292 -37.84 -5.64 -5.49
N VAL D 293 -37.10 -5.95 -6.55
CA VAL D 293 -37.48 -5.43 -7.87
C VAL D 293 -38.82 -6.02 -8.29
N VAL D 294 -39.03 -7.31 -8.03
CA VAL D 294 -40.32 -7.92 -8.34
C VAL D 294 -41.43 -7.25 -7.54
N VAL D 295 -41.16 -6.94 -6.26
CA VAL D 295 -42.16 -6.32 -5.41
C VAL D 295 -42.46 -4.90 -5.90
N ILE D 296 -41.44 -4.16 -6.31
CA ILE D 296 -41.66 -2.82 -6.86
C ILE D 296 -42.46 -2.92 -8.14
N ASN D 297 -42.14 -3.89 -8.99
CA ASN D 297 -42.89 -4.05 -10.24
C ASN D 297 -44.35 -4.38 -9.95
N THR D 298 -44.61 -5.26 -9.00
CA THR D 298 -45.98 -5.61 -8.65
C THR D 298 -46.71 -4.41 -8.06
N HIS D 299 -46.03 -3.65 -7.19
CA HIS D 299 -46.66 -2.51 -6.54
C HIS D 299 -47.14 -1.48 -7.55
N HIS D 300 -46.39 -1.31 -8.63
CA HIS D 300 -46.71 -0.33 -9.66
C HIS D 300 -47.45 -0.93 -10.85
N ARG D 301 -47.97 -2.15 -10.72
CA ARG D 301 -48.78 -2.71 -11.80
C ARG D 301 -49.94 -1.79 -12.11
N SER D 302 -50.09 -1.46 -13.38
CA SER D 302 -51.23 -0.65 -13.82
C SER D 302 -52.44 -1.56 -13.99
N PRO D 303 -53.56 -1.30 -13.32
CA PRO D 303 -54.75 -2.13 -13.56
C PRO D 303 -55.27 -2.02 -14.97
N SER D 304 -54.94 -0.96 -15.69
CA SER D 304 -55.41 -0.81 -17.07
C SER D 304 -54.87 -1.94 -17.94
N THR D 305 -53.58 -2.24 -17.82
CA THR D 305 -52.96 -3.26 -18.65
C THR D 305 -52.82 -4.61 -17.95
N HIS D 306 -53.05 -4.67 -16.65
CA HIS D 306 -52.85 -5.89 -15.87
C HIS D 306 -54.08 -6.15 -15.02
N THR D 307 -54.57 -7.38 -15.05
CA THR D 307 -55.66 -7.82 -14.19
C THR D 307 -55.12 -8.91 -13.27
N MET D 308 -55.39 -8.78 -11.99
CA MET D 308 -54.82 -9.70 -11.01
C MET D 308 -55.32 -11.11 -11.28
N PRO D 309 -54.43 -12.08 -11.46
CA PRO D 309 -54.88 -13.46 -11.64
C PRO D 309 -55.64 -13.96 -10.41
N GLN D 310 -56.57 -14.89 -10.64
CA GLN D 310 -57.37 -15.39 -9.54
C GLN D 310 -56.50 -16.10 -8.49
N TRP D 311 -55.49 -16.83 -8.94
CA TRP D 311 -54.63 -17.52 -7.98
C TRP D 311 -53.86 -16.53 -7.11
N VAL D 312 -53.39 -15.43 -7.71
CA VAL D 312 -52.75 -14.38 -6.92
C VAL D 312 -53.72 -13.83 -5.89
N ARG D 313 -54.97 -13.59 -6.31
CA ARG D 313 -55.97 -13.05 -5.40
C ARG D 313 -56.22 -14.00 -4.25
N LYS D 314 -56.26 -15.29 -4.53
CA LYS D 314 -56.57 -16.27 -3.48
C LYS D 314 -55.40 -16.50 -2.55
N ILE D 315 -54.17 -16.41 -3.06
CA ILE D 315 -53.00 -16.68 -2.24
C ILE D 315 -52.63 -15.46 -1.39
N PHE D 316 -52.32 -14.35 -2.05
CA PHE D 316 -51.73 -13.21 -1.36
C PHE D 316 -52.75 -12.29 -0.69
N ILE D 317 -54.03 -12.44 -1.00
CA ILE D 317 -55.05 -11.57 -0.42
C ILE D 317 -56.04 -12.32 0.47
N ASP D 318 -56.14 -13.65 0.35
CA ASP D 318 -57.17 -14.40 1.03
C ASP D 318 -56.66 -15.36 2.09
N THR D 319 -55.47 -15.93 1.92
CA THR D 319 -54.97 -16.93 2.88
C THR D 319 -53.77 -16.45 3.67
N ILE D 320 -52.68 -16.04 2.99
CA ILE D 320 -51.46 -15.68 3.72
C ILE D 320 -51.71 -14.54 4.70
N PRO D 321 -52.43 -13.48 4.36
CA PRO D 321 -52.65 -12.42 5.35
C PRO D 321 -53.31 -12.92 6.62
N ASN D 322 -54.09 -14.00 6.55
CA ASN D 322 -54.71 -14.58 7.72
C ASN D 322 -53.78 -15.50 8.49
N VAL D 323 -52.51 -15.59 8.09
CA VAL D 323 -51.53 -16.42 8.76
C VAL D 323 -50.66 -15.59 9.70
N MET D 324 -50.26 -14.39 9.28
CA MET D 324 -49.41 -13.52 10.09
C MET D 324 -50.26 -12.88 11.18
N PHE D 325 -50.19 -13.45 12.39
CA PHE D 325 -50.97 -12.93 13.50
C PHE D 325 -50.29 -11.73 14.16
N PHE D 326 -48.97 -11.64 14.04
CA PHE D 326 -48.21 -10.54 14.64
C PHE D 326 -48.14 -9.31 13.75
N SER D 327 -48.73 -9.35 12.57
CA SER D 327 -48.74 -8.22 11.65
C SER D 327 -50.08 -7.51 11.70
N THR D 328 -50.04 -6.18 11.55
CA THR D 328 -51.23 -5.35 11.69
C THR D 328 -51.89 -5.04 10.35
N MET D 329 -51.77 -5.94 9.38
CA MET D 329 -52.45 -5.74 8.11
C MET D 329 -53.95 -5.94 8.29
N LYS D 330 -54.71 -5.57 7.27
CA LYS D 330 -56.14 -5.84 7.24
C LYS D 330 -56.39 -7.13 6.47
N ARG D 331 -57.52 -7.77 6.77
CA ARG D 331 -57.85 -9.06 6.19
C ARG D 331 -59.35 -9.32 6.21
N PRO D 370 -82.77 23.15 -23.17
CA PRO D 370 -81.82 24.25 -23.17
C PRO D 370 -80.37 23.78 -23.04
N ASP D 371 -79.46 24.73 -22.78
CA ASP D 371 -78.06 24.38 -22.53
C ASP D 371 -77.87 23.64 -21.22
N VAL D 372 -78.89 23.64 -20.34
CA VAL D 372 -78.77 22.94 -19.07
C VAL D 372 -78.52 21.46 -19.29
N LYS D 373 -78.95 20.92 -20.42
CA LYS D 373 -78.67 19.52 -20.72
C LYS D 373 -77.17 19.28 -20.77
N SER D 374 -76.41 20.23 -21.33
CA SER D 374 -74.96 20.08 -21.39
C SER D 374 -74.36 20.08 -19.99
N ALA D 375 -74.86 20.94 -19.11
CA ALA D 375 -74.36 20.96 -17.73
C ALA D 375 -74.66 19.64 -17.02
N ILE D 376 -75.87 19.12 -17.19
CA ILE D 376 -76.21 17.84 -16.56
C ILE D 376 -75.32 16.74 -17.11
N GLU D 377 -75.11 16.71 -18.42
CA GLU D 377 -74.25 15.68 -19.01
C GLU D 377 -72.82 15.83 -18.52
N GLY D 378 -72.37 17.06 -18.29
CA GLY D 378 -71.03 17.25 -17.74
C GLY D 378 -70.90 16.73 -16.33
N VAL D 379 -71.91 16.99 -15.49
CA VAL D 379 -71.92 16.41 -14.15
C VAL D 379 -71.92 14.90 -14.22
N LYS D 380 -72.71 14.35 -15.14
CA LYS D 380 -72.75 12.89 -15.32
C LYS D 380 -71.38 12.36 -15.70
N TYR D 381 -70.70 13.05 -16.62
CA TYR D 381 -69.37 12.61 -17.02
C TYR D 381 -68.40 12.66 -15.85
N ILE D 382 -68.46 13.73 -15.06
CA ILE D 382 -67.61 13.81 -13.87
C ILE D 382 -67.87 12.61 -12.97
N ALA D 383 -69.13 12.33 -12.69
CA ALA D 383 -69.46 11.24 -11.78
C ALA D 383 -68.99 9.90 -12.32
N GLU D 384 -69.25 9.62 -13.60
CA GLU D 384 -68.89 8.31 -14.13
C GLU D 384 -67.38 8.16 -14.25
N HIS D 385 -66.68 9.23 -14.65
CA HIS D 385 -65.23 9.13 -14.74
C HIS D 385 -64.61 8.96 -13.37
N MET D 386 -65.13 9.65 -12.36
CA MET D 386 -64.61 9.44 -11.01
C MET D 386 -64.96 8.06 -10.48
N LYS D 387 -66.08 7.49 -10.94
CA LYS D 387 -66.39 6.10 -10.60
C LYS D 387 -65.37 5.15 -11.19
N SER D 388 -65.05 5.33 -12.48
CA SER D 388 -64.06 4.48 -13.12
C SER D 388 -62.70 4.67 -12.48
N ASP D 389 -62.38 5.91 -12.09
CA ASP D 389 -61.15 6.17 -11.36
C ASP D 389 -61.12 5.44 -10.03
N GLU D 390 -62.25 5.39 -9.33
CA GLU D 390 -62.32 4.66 -8.08
C GLU D 390 -62.11 3.17 -8.32
N GLU D 391 -62.70 2.63 -9.38
CA GLU D 391 -62.50 1.21 -9.68
C GLU D 391 -61.03 0.92 -9.98
N SER D 392 -60.40 1.76 -10.79
CA SER D 392 -58.99 1.59 -11.11
C SER D 392 -58.14 1.73 -9.86
N SER D 393 -58.48 2.68 -8.99
CA SER D 393 -57.74 2.86 -7.75
C SER D 393 -57.88 1.65 -6.85
N ASN D 394 -59.05 1.04 -6.80
CA ASN D 394 -59.22 -0.17 -6.01
C ASN D 394 -58.36 -1.30 -6.56
N ALA D 395 -58.33 -1.45 -7.88
CA ALA D 395 -57.47 -2.48 -8.47
C ALA D 395 -56.00 -2.22 -8.16
N ALA D 396 -55.57 -0.97 -8.29
CA ALA D 396 -54.19 -0.62 -7.98
C ALA D 396 -53.88 -0.87 -6.51
N GLU D 397 -54.81 -0.57 -5.62
CA GLU D 397 -54.62 -0.82 -4.21
C GLU D 397 -54.53 -2.31 -3.92
N GLU D 398 -55.27 -3.12 -4.67
CA GLU D 398 -55.11 -4.57 -4.55
C GLU D 398 -53.71 -5.00 -4.97
N TRP D 399 -53.20 -4.45 -6.06
CA TRP D 399 -51.84 -4.78 -6.48
C TRP D 399 -50.83 -4.36 -5.41
N LYS D 400 -51.02 -3.19 -4.82
CA LYS D 400 -50.14 -2.73 -3.77
C LYS D 400 -50.23 -3.64 -2.54
N TYR D 401 -51.43 -4.11 -2.22
CA TYR D 401 -51.59 -5.03 -1.10
C TYR D 401 -50.86 -6.34 -1.37
N VAL D 402 -50.95 -6.84 -2.59
CA VAL D 402 -50.20 -8.05 -2.94
C VAL D 402 -48.70 -7.81 -2.78
N ALA D 403 -48.22 -6.66 -3.25
CA ALA D 403 -46.80 -6.35 -3.09
C ALA D 403 -46.42 -6.29 -1.63
N MET D 404 -47.25 -5.65 -0.80
CA MET D 404 -46.97 -5.57 0.62
C MET D 404 -46.93 -6.95 1.26
N VAL D 405 -47.85 -7.82 0.88
CA VAL D 405 -47.91 -9.14 1.48
C VAL D 405 -46.69 -9.97 1.09
N ILE D 406 -46.33 -9.95 -0.19
CA ILE D 406 -45.10 -10.62 -0.62
C ILE D 406 -43.92 -10.09 0.17
N ASP D 407 -43.84 -8.78 0.30
CA ASP D 407 -42.70 -8.16 0.95
C ASP D 407 -42.63 -8.55 2.41
N HIS D 408 -43.78 -8.62 3.07
CA HIS D 408 -43.83 -9.01 4.47
C HIS D 408 -43.47 -10.48 4.65
N ILE D 409 -43.88 -11.33 3.71
CA ILE D 409 -43.47 -12.73 3.75
C ILE D 409 -41.95 -12.83 3.68
N LEU D 410 -41.35 -12.08 2.76
CA LEU D 410 -39.89 -12.10 2.65
C LEU D 410 -39.24 -11.58 3.93
N LEU D 411 -39.82 -10.54 4.52
CA LEU D 411 -39.29 -10.03 5.78
C LEU D 411 -39.31 -11.12 6.85
N CYS D 412 -40.43 -11.83 6.98
CA CYS D 412 -40.52 -12.88 7.99
C CYS D 412 -39.54 -14.00 7.70
N VAL D 413 -39.38 -14.37 6.44
CA VAL D 413 -38.39 -15.40 6.09
C VAL D 413 -37.00 -14.97 6.48
N PHE D 414 -36.64 -13.72 6.18
CA PHE D 414 -35.31 -13.23 6.54
C PHE D 414 -35.10 -13.23 8.05
N MET D 415 -36.11 -12.80 8.81
CA MET D 415 -35.94 -12.77 10.25
C MET D 415 -35.89 -14.17 10.83
N LEU D 416 -36.60 -15.12 10.23
CA LEU D 416 -36.48 -16.51 10.67
C LEU D 416 -35.07 -17.03 10.37
N ILE D 417 -34.51 -16.68 9.22
CA ILE D 417 -33.13 -17.05 8.93
C ILE D 417 -32.21 -16.47 9.99
N CYS D 418 -32.41 -15.20 10.35
CA CYS D 418 -31.57 -14.58 11.37
C CYS D 418 -31.67 -15.31 12.69
N ILE D 419 -32.89 -15.66 13.10
CA ILE D 419 -33.07 -16.32 14.39
C ILE D 419 -32.39 -17.68 14.39
N ILE D 420 -32.61 -18.47 13.34
CA ILE D 420 -32.02 -19.80 13.31
C ILE D 420 -30.50 -19.71 13.25
N GLY D 421 -29.98 -18.70 12.54
CA GLY D 421 -28.53 -18.55 12.47
C GLY D 421 -27.93 -18.16 13.81
N THR D 422 -28.51 -17.14 14.46
CA THR D 422 -27.96 -16.68 15.73
C THR D 422 -28.07 -17.75 16.80
N VAL D 423 -29.18 -18.49 16.83
CA VAL D 423 -29.30 -19.58 17.79
C VAL D 423 -28.31 -20.69 17.47
N SER D 424 -28.07 -20.95 16.18
CA SER D 424 -27.18 -22.03 15.79
C SER D 424 -25.75 -21.78 16.27
N VAL D 425 -25.26 -20.54 16.14
CA VAL D 425 -23.88 -20.26 16.51
C VAL D 425 -23.67 -20.49 18.00
N PHE D 426 -24.71 -20.30 18.81
CA PHE D 426 -24.60 -20.52 20.25
C PHE D 426 -24.33 -21.98 20.56
N GLU E 1 42.43 -41.96 15.70
CA GLU E 1 42.72 -40.61 15.11
C GLU E 1 41.94 -40.44 13.81
N ASN E 2 41.37 -39.25 13.62
CA ASN E 2 40.57 -38.98 12.43
C ASN E 2 41.50 -38.86 11.23
N GLU E 3 41.57 -39.92 10.44
CA GLU E 3 42.45 -39.94 9.28
C GLU E 3 42.03 -38.91 8.25
N GLU E 4 40.75 -38.49 8.28
CA GLU E 4 40.30 -37.45 7.36
C GLU E 4 41.10 -36.18 7.53
N GLY E 5 41.59 -35.90 8.74
CA GLY E 5 42.40 -34.72 8.92
C GLY E 5 43.64 -34.75 8.05
N ARG E 6 44.39 -35.85 8.11
CA ARG E 6 45.61 -35.96 7.32
C ARG E 6 45.26 -36.00 5.84
N LEU E 7 44.20 -36.72 5.47
CA LEU E 7 43.84 -36.80 4.06
C LEU E 7 43.52 -35.42 3.49
N ILE E 8 42.68 -34.65 4.18
CA ILE E 8 42.29 -33.34 3.67
C ILE E 8 43.47 -32.37 3.71
N GLU E 9 44.34 -32.47 4.72
CA GLU E 9 45.51 -31.61 4.71
C GLU E 9 46.45 -31.96 3.56
N LYS E 10 46.47 -33.22 3.14
CA LYS E 10 47.21 -33.58 1.94
C LYS E 10 46.53 -33.05 0.68
N LEU E 11 45.21 -33.16 0.60
CA LEU E 11 44.49 -32.74 -0.60
C LEU E 11 44.57 -31.22 -0.76
N LEU E 12 44.07 -30.49 0.22
CA LEU E 12 43.99 -29.04 0.11
C LEU E 12 45.36 -28.38 0.17
N GLY E 13 46.35 -29.05 0.74
CA GLY E 13 47.70 -28.51 0.70
C GLY E 13 48.22 -28.50 -0.72
N ASP E 14 48.70 -27.34 -1.17
CA ASP E 14 49.17 -27.17 -2.53
C ASP E 14 48.02 -27.33 -3.53
N TYR E 15 46.85 -26.84 -3.16
CA TYR E 15 45.67 -26.88 -4.02
C TYR E 15 45.22 -25.44 -4.25
N ASP E 16 45.10 -25.06 -5.51
CA ASP E 16 44.69 -23.72 -5.89
C ASP E 16 43.26 -23.77 -6.41
N LYS E 17 42.37 -23.03 -5.76
CA LYS E 17 40.95 -23.06 -6.09
C LYS E 17 40.58 -22.07 -7.19
N ARG E 18 41.52 -21.24 -7.64
CA ARG E 18 41.26 -20.41 -8.81
C ARG E 18 41.46 -21.17 -10.11
N ILE E 19 42.06 -22.35 -10.07
CA ILE E 19 42.50 -23.05 -11.27
C ILE E 19 41.45 -24.09 -11.62
N ILE E 20 40.93 -24.01 -12.84
CA ILE E 20 39.98 -25.02 -13.30
C ILE E 20 40.69 -26.36 -13.35
N PRO E 21 40.11 -27.44 -12.81
CA PRO E 21 40.83 -28.73 -12.77
C PRO E 21 40.86 -29.45 -14.10
N ALA E 22 41.51 -28.83 -15.09
CA ALA E 22 41.70 -29.45 -16.40
C ALA E 22 43.06 -30.14 -16.42
N LYS E 23 43.05 -31.44 -16.66
CA LYS E 23 44.31 -32.20 -16.62
C LYS E 23 45.27 -31.71 -17.69
N THR E 24 44.77 -31.52 -18.91
CA THR E 24 45.59 -31.09 -20.03
C THR E 24 44.96 -29.85 -20.66
N LEU E 25 45.58 -29.37 -21.73
CA LEU E 25 45.12 -28.13 -22.35
C LEU E 25 43.75 -28.28 -22.99
N ASP E 26 43.47 -29.45 -23.57
CA ASP E 26 42.23 -29.68 -24.28
C ASP E 26 41.14 -30.32 -23.42
N HIS E 27 41.40 -30.54 -22.14
CA HIS E 27 40.43 -31.18 -21.28
C HIS E 27 39.26 -30.23 -21.00
N ILE E 28 38.05 -30.75 -21.11
CA ILE E 28 36.83 -30.01 -20.82
C ILE E 28 36.17 -30.65 -19.61
N ILE E 29 35.83 -29.83 -18.62
CA ILE E 29 35.21 -30.32 -17.40
C ILE E 29 33.73 -30.55 -17.66
N ASP E 30 33.27 -31.77 -17.42
CA ASP E 30 31.84 -32.08 -17.52
C ASP E 30 31.19 -31.73 -16.20
N VAL E 31 30.30 -30.75 -16.22
CA VAL E 31 29.60 -30.30 -15.02
C VAL E 31 28.16 -30.79 -15.14
N THR E 32 27.90 -31.97 -14.60
CA THR E 32 26.55 -32.49 -14.53
C THR E 32 25.70 -31.63 -13.61
N LEU E 33 24.42 -31.51 -13.92
CA LEU E 33 23.55 -30.59 -13.22
C LEU E 33 22.16 -31.21 -13.08
N LYS E 34 21.65 -31.27 -11.85
CA LYS E 34 20.32 -31.78 -11.57
C LYS E 34 19.62 -30.83 -10.61
N LEU E 35 18.33 -30.58 -10.85
CA LEU E 35 17.54 -29.68 -10.03
C LEU E 35 16.46 -30.47 -9.31
N THR E 36 16.35 -30.25 -8.00
CA THR E 36 15.33 -30.86 -7.18
C THR E 36 14.45 -29.75 -6.61
N LEU E 37 13.19 -29.72 -7.01
CA LEU E 37 12.25 -28.71 -6.53
C LEU E 37 11.57 -29.24 -5.30
N THR E 38 11.82 -28.60 -4.16
CA THR E 38 11.16 -28.97 -2.92
C THR E 38 9.97 -28.11 -2.58
N ASN E 39 9.89 -26.91 -3.15
CA ASN E 39 8.78 -26.01 -2.85
C ASN E 39 8.70 -24.89 -3.86
N LEU E 40 7.57 -24.78 -4.54
CA LEU E 40 7.29 -23.64 -5.42
C LEU E 40 6.68 -22.57 -4.54
N ILE E 41 7.52 -21.73 -3.96
CA ILE E 41 7.07 -20.83 -2.91
C ILE E 41 5.99 -19.90 -3.43
N SER E 42 6.25 -19.24 -4.56
CA SER E 42 5.29 -18.29 -5.08
C SER E 42 5.61 -17.99 -6.53
N LEU E 43 4.60 -17.50 -7.24
CA LEU E 43 4.78 -16.86 -8.53
C LEU E 43 4.21 -15.45 -8.37
N ASN E 44 5.07 -14.52 -7.95
CA ASN E 44 4.64 -13.14 -7.77
C ASN E 44 4.24 -12.56 -9.11
N GLU E 45 2.95 -12.31 -9.29
CA GLU E 45 2.46 -11.85 -10.59
C GLU E 45 2.91 -10.43 -10.90
N LYS E 46 2.80 -9.53 -9.93
CA LYS E 46 3.07 -8.13 -10.21
C LYS E 46 4.51 -7.92 -10.68
N GLU E 47 5.46 -8.56 -10.01
CA GLU E 47 6.87 -8.43 -10.35
C GLU E 47 7.36 -9.56 -11.23
N GLU E 48 6.46 -10.44 -11.68
CA GLU E 48 6.79 -11.50 -12.63
C GLU E 48 8.04 -12.27 -12.20
N ALA E 49 7.98 -12.78 -10.98
CA ALA E 49 9.10 -13.53 -10.39
C ALA E 49 8.58 -14.82 -9.82
N LEU E 50 9.23 -15.92 -10.16
CA LEU E 50 8.95 -17.23 -9.60
C LEU E 50 9.96 -17.51 -8.49
N THR E 51 9.48 -17.80 -7.29
CA THR E 51 10.32 -18.13 -6.17
C THR E 51 10.23 -19.63 -5.91
N THR E 52 11.37 -20.30 -5.89
CA THR E 52 11.41 -21.74 -5.70
C THR E 52 12.48 -22.08 -4.66
N ASN E 53 12.18 -23.08 -3.84
CA ASN E 53 13.14 -23.68 -2.93
C ASN E 53 13.64 -24.93 -3.62
N VAL E 54 14.87 -24.88 -4.12
CA VAL E 54 15.43 -25.95 -4.94
C VAL E 54 16.74 -26.41 -4.34
N TRP E 55 17.00 -27.70 -4.43
CA TRP E 55 18.33 -28.25 -4.26
C TRP E 55 18.89 -28.49 -5.65
N ILE E 56 20.05 -27.89 -5.92
CA ILE E 56 20.70 -28.04 -7.22
C ILE E 56 21.90 -28.96 -7.04
N GLU E 57 21.85 -30.12 -7.68
CA GLU E 57 22.94 -31.07 -7.65
C GLU E 57 23.93 -30.74 -8.75
N ILE E 58 25.15 -30.43 -8.37
CA ILE E 58 26.21 -30.10 -9.32
C ILE E 58 27.32 -31.10 -9.12
N GLN E 59 27.69 -31.80 -10.19
CA GLN E 59 28.68 -32.87 -10.14
C GLN E 59 29.73 -32.62 -11.20
N TRP E 60 30.99 -32.68 -10.80
CA TRP E 60 32.11 -32.60 -11.72
C TRP E 60 33.22 -33.46 -11.16
N ASN E 61 34.34 -33.47 -11.85
CA ASN E 61 35.50 -34.25 -11.41
C ASN E 61 36.69 -33.31 -11.26
N ASP E 62 37.34 -33.38 -10.11
CA ASP E 62 38.52 -32.59 -9.81
C ASP E 62 39.65 -33.58 -9.56
N TYR E 63 40.47 -33.82 -10.59
CA TYR E 63 41.49 -34.86 -10.49
C TYR E 63 42.50 -34.56 -9.38
N ARG E 64 42.61 -33.31 -8.95
CA ARG E 64 43.52 -32.98 -7.87
C ARG E 64 43.08 -33.61 -6.55
N LEU E 65 41.77 -33.73 -6.36
CA LEU E 65 41.21 -34.23 -5.10
C LEU E 65 40.92 -35.73 -5.21
N SER E 66 41.94 -36.49 -5.55
CA SER E 66 41.85 -37.94 -5.63
C SER E 66 42.96 -38.54 -4.79
N TRP E 67 42.68 -39.67 -4.16
CA TRP E 67 43.65 -40.33 -3.31
C TRP E 67 43.48 -41.83 -3.41
N ASN E 68 44.32 -42.54 -2.69
CA ASN E 68 44.34 -43.99 -2.65
C ASN E 68 43.71 -44.41 -1.32
N THR E 69 42.51 -45.00 -1.38
CA THR E 69 41.77 -45.26 -0.16
C THR E 69 42.55 -46.15 0.80
N SER E 70 43.37 -47.07 0.26
CA SER E 70 44.13 -47.96 1.12
C SER E 70 45.14 -47.20 1.97
N GLU E 71 45.59 -46.04 1.49
CA GLU E 71 46.58 -45.26 2.21
C GLU E 71 45.98 -44.40 3.32
N TYR E 72 44.66 -44.35 3.42
CA TYR E 72 43.99 -43.50 4.40
C TYR E 72 42.90 -44.28 5.12
N GLU E 73 43.22 -45.49 5.54
CA GLU E 73 42.33 -46.30 6.38
C GLU E 73 40.98 -46.52 5.71
N GLY E 74 40.96 -46.61 4.39
CA GLY E 74 39.75 -46.95 3.67
C GLY E 74 38.77 -45.82 3.47
N ILE E 75 39.13 -44.58 3.80
CA ILE E 75 38.26 -43.45 3.55
C ILE E 75 38.11 -43.27 2.04
N ASP E 76 36.86 -43.19 1.58
CA ASP E 76 36.58 -42.97 0.17
C ASP E 76 35.74 -41.73 -0.07
N LEU E 77 35.36 -41.00 0.96
CA LEU E 77 34.50 -39.84 0.81
C LEU E 77 34.77 -38.88 1.95
N VAL E 78 35.05 -37.62 1.61
CA VAL E 78 35.25 -36.57 2.59
C VAL E 78 34.34 -35.40 2.24
N ARG E 79 34.09 -34.57 3.24
CA ARG E 79 33.31 -33.36 3.06
C ARG E 79 34.27 -32.18 3.23
N ILE E 80 34.34 -31.34 2.21
CA ILE E 80 35.22 -30.18 2.19
C ILE E 80 34.34 -28.96 1.95
N PRO E 81 34.47 -27.89 2.73
CA PRO E 81 33.63 -26.72 2.48
C PRO E 81 33.85 -26.19 1.07
N SER E 82 32.75 -25.84 0.42
CA SER E 82 32.81 -25.43 -0.98
C SER E 82 33.58 -24.13 -1.16
N GLU E 83 33.83 -23.39 -0.09
CA GLU E 83 34.63 -22.18 -0.20
C GLU E 83 36.11 -22.46 -0.36
N LEU E 84 36.56 -23.69 -0.13
CA LEU E 84 37.96 -24.05 -0.26
C LEU E 84 38.29 -24.73 -1.57
N LEU E 85 37.27 -25.02 -2.39
CA LEU E 85 37.45 -25.83 -3.59
C LEU E 85 37.13 -25.00 -4.82
N TRP E 86 37.60 -25.49 -5.96
CA TRP E 86 37.17 -24.93 -7.24
C TRP E 86 35.75 -25.34 -7.51
N LEU E 87 34.91 -24.39 -7.87
CA LEU E 87 33.54 -24.68 -8.24
C LEU E 87 33.28 -24.19 -9.65
N PRO E 88 32.50 -24.93 -10.44
CA PRO E 88 31.99 -24.36 -11.69
C PRO E 88 30.96 -23.30 -11.37
N ASP E 89 31.23 -22.06 -11.77
CA ASP E 89 30.39 -20.97 -11.29
C ASP E 89 29.02 -21.07 -11.94
N VAL E 90 28.28 -22.11 -11.57
CA VAL E 90 26.95 -22.32 -12.12
C VAL E 90 25.99 -21.38 -11.40
N VAL E 91 25.28 -20.56 -12.18
CA VAL E 91 24.44 -19.52 -11.63
C VAL E 91 23.08 -19.56 -12.32
N LEU E 92 22.12 -18.88 -11.73
CA LEU E 92 20.81 -18.67 -12.33
C LEU E 92 20.84 -17.32 -13.02
N GLU E 93 20.88 -17.33 -14.36
CA GLU E 93 21.00 -16.08 -15.10
C GLU E 93 19.70 -15.28 -15.07
N ASN E 94 18.56 -15.94 -15.29
CA ASN E 94 17.31 -15.22 -15.36
C ASN E 94 16.76 -15.01 -13.96
N ASN E 95 17.55 -14.39 -13.08
CA ASN E 95 17.13 -14.07 -11.73
C ASN E 95 16.67 -12.62 -11.68
N VAL E 96 15.57 -12.39 -10.97
CA VAL E 96 15.03 -11.04 -10.89
C VAL E 96 15.92 -10.17 -10.01
N ASP E 97 16.36 -10.70 -8.88
CA ASP E 97 17.27 -9.98 -8.00
C ASP E 97 18.69 -10.18 -8.50
N GLY E 98 19.68 -9.81 -7.70
CA GLY E 98 21.05 -10.03 -8.08
C GLY E 98 21.60 -11.34 -7.55
N GLN E 99 20.70 -12.24 -7.16
CA GLN E 99 21.10 -13.51 -6.53
C GLN E 99 21.41 -14.52 -7.63
N PHE E 100 22.66 -14.53 -8.07
CA PHE E 100 23.13 -15.53 -9.01
C PHE E 100 23.45 -16.84 -8.32
N GLU E 101 24.09 -16.77 -7.15
CA GLU E 101 24.67 -17.93 -6.51
C GLU E 101 23.66 -18.64 -5.63
N VAL E 102 24.08 -19.79 -5.08
CA VAL E 102 23.20 -20.55 -4.22
C VAL E 102 23.08 -19.88 -2.87
N ALA E 103 22.00 -20.21 -2.16
CA ALA E 103 21.73 -19.57 -0.88
C ALA E 103 22.77 -19.95 0.16
N TYR E 104 23.05 -21.24 0.28
CA TYR E 104 23.92 -21.75 1.33
C TYR E 104 25.03 -22.56 0.68
N TYR E 105 26.28 -22.22 0.99
CA TYR E 105 27.42 -22.91 0.42
C TYR E 105 27.70 -24.15 1.25
N ALA E 106 26.99 -25.22 0.93
CA ALA E 106 27.14 -26.46 1.66
C ALA E 106 28.49 -27.09 1.35
N ASN E 107 28.83 -28.11 2.13
CA ASN E 107 30.05 -28.85 1.86
C ASN E 107 29.95 -29.57 0.53
N VAL E 108 31.10 -29.86 -0.05
CA VAL E 108 31.19 -30.68 -1.27
C VAL E 108 31.58 -32.08 -0.84
N LEU E 109 30.86 -33.07 -1.35
CA LEU E 109 31.24 -34.46 -1.13
C LEU E 109 32.30 -34.83 -2.15
N VAL E 110 33.50 -35.14 -1.67
CA VAL E 110 34.64 -35.46 -2.52
C VAL E 110 34.94 -36.93 -2.37
N TYR E 111 34.98 -37.65 -3.49
CA TYR E 111 35.26 -39.07 -3.50
C TYR E 111 36.68 -39.34 -3.93
N ASN E 112 37.19 -40.51 -3.56
CA ASN E 112 38.60 -40.80 -3.74
C ASN E 112 39.02 -40.77 -5.20
N ASP E 113 38.09 -40.90 -6.13
CA ASP E 113 38.42 -40.88 -7.55
C ASP E 113 38.41 -39.47 -8.12
N GLY E 114 38.22 -38.45 -7.29
CA GLY E 114 38.09 -37.09 -7.76
C GLY E 114 36.67 -36.65 -8.03
N SER E 115 35.70 -37.55 -7.89
CA SER E 115 34.32 -37.19 -8.16
C SER E 115 33.82 -36.22 -7.09
N MET E 116 33.25 -35.11 -7.54
CA MET E 116 32.79 -34.04 -6.67
C MET E 116 31.27 -33.97 -6.73
N TYR E 117 30.64 -33.89 -5.57
CA TYR E 117 29.19 -33.92 -5.48
C TYR E 117 28.75 -32.78 -4.57
N TRP E 118 28.08 -31.80 -5.12
CA TRP E 118 27.66 -30.61 -4.39
C TRP E 118 26.15 -30.48 -4.54
N LEU E 119 25.45 -30.42 -3.41
CA LEU E 119 23.99 -30.31 -3.39
C LEU E 119 23.60 -29.17 -2.47
N PRO E 120 23.91 -27.94 -2.86
CA PRO E 120 23.52 -26.79 -2.05
C PRO E 120 22.05 -26.49 -2.21
N PRO E 121 21.41 -25.95 -1.18
CA PRO E 121 20.04 -25.44 -1.35
C PRO E 121 20.06 -24.00 -1.82
N ALA E 122 18.94 -23.58 -2.42
CA ALA E 122 18.85 -22.23 -2.94
C ALA E 122 17.40 -21.78 -2.94
N ILE E 123 17.20 -20.50 -2.65
CA ILE E 123 15.93 -19.83 -2.86
C ILE E 123 16.12 -18.95 -4.09
N TYR E 124 15.69 -19.42 -5.24
CA TYR E 124 15.88 -18.72 -6.49
C TYR E 124 14.62 -17.93 -6.83
N ARG E 125 14.82 -16.68 -7.22
CA ARG E 125 13.74 -15.84 -7.76
C ARG E 125 14.08 -15.59 -9.23
N SER E 126 13.34 -16.24 -10.12
CA SER E 126 13.65 -16.22 -11.54
C SER E 126 12.55 -15.50 -12.31
N THR E 127 12.96 -14.83 -13.39
CA THR E 127 12.01 -14.09 -14.20
C THR E 127 11.06 -15.06 -14.88
N CYS E 128 9.76 -14.87 -14.66
CA CYS E 128 8.72 -15.62 -15.36
C CYS E 128 7.82 -14.61 -16.06
N PRO E 129 8.10 -14.28 -17.33
CA PRO E 129 7.17 -13.43 -18.07
C PRO E 129 5.78 -14.05 -18.09
N ILE E 130 4.83 -13.39 -17.46
CA ILE E 130 3.52 -13.97 -17.20
C ILE E 130 2.56 -13.58 -18.32
N ALA E 131 1.92 -14.58 -18.91
CA ALA E 131 0.88 -14.36 -19.90
C ALA E 131 -0.45 -14.26 -19.15
N VAL E 132 -1.06 -13.07 -19.20
CA VAL E 132 -2.29 -12.82 -18.46
C VAL E 132 -3.53 -13.13 -19.26
N THR E 133 -3.39 -13.53 -20.52
CA THR E 133 -4.53 -13.55 -21.44
C THR E 133 -5.71 -14.29 -20.85
N TYR E 134 -5.46 -15.39 -20.15
CA TYR E 134 -6.52 -16.26 -19.64
C TYR E 134 -6.62 -16.24 -18.12
N PHE E 135 -6.13 -15.20 -17.48
CA PHE E 135 -6.24 -15.12 -16.03
C PHE E 135 -7.71 -15.06 -15.64
N PRO E 136 -8.13 -15.79 -14.60
CA PRO E 136 -7.38 -16.69 -13.71
C PRO E 136 -7.34 -18.15 -14.15
N PHE E 137 -7.71 -18.44 -15.40
CA PHE E 137 -7.65 -19.79 -15.94
C PHE E 137 -6.36 -20.03 -16.71
N ASP E 138 -5.28 -19.36 -16.33
CA ASP E 138 -4.05 -19.36 -17.10
C ASP E 138 -3.10 -20.43 -16.58
N TRP E 139 -2.19 -20.83 -17.46
CA TRP E 139 -1.05 -21.67 -17.11
C TRP E 139 0.20 -20.93 -17.52
N GLN E 140 1.17 -20.86 -16.62
CA GLN E 140 2.42 -20.15 -16.87
C GLN E 140 3.53 -21.13 -17.20
N ASN E 141 4.54 -20.61 -17.88
CA ASN E 141 5.64 -21.42 -18.39
C ASN E 141 6.93 -20.76 -17.89
N CYS E 142 7.32 -21.12 -16.66
CA CYS E 142 8.46 -20.49 -16.01
C CYS E 142 9.73 -21.28 -16.29
N SER E 143 10.85 -20.58 -16.30
CA SER E 143 12.13 -21.12 -16.72
C SER E 143 13.21 -20.76 -15.72
N LEU E 144 13.98 -21.74 -15.29
CA LEU E 144 15.19 -21.52 -14.50
C LEU E 144 16.38 -21.83 -15.39
N VAL E 145 17.01 -20.80 -15.91
CA VAL E 145 18.15 -20.96 -16.81
C VAL E 145 19.42 -20.96 -15.97
N PHE E 146 20.19 -22.04 -16.08
CA PHE E 146 21.46 -22.17 -15.40
C PHE E 146 22.59 -22.19 -16.42
N ARG E 147 23.69 -21.52 -16.10
CA ARG E 147 24.86 -21.59 -16.96
C ARG E 147 26.06 -21.18 -16.13
N SER E 148 27.25 -21.51 -16.61
CA SER E 148 28.45 -21.06 -15.94
C SER E 148 28.61 -19.56 -16.12
N GLN E 149 28.82 -18.86 -15.02
CA GLN E 149 29.04 -17.43 -15.06
C GLN E 149 30.45 -17.06 -15.50
N THR E 150 31.34 -18.03 -15.54
CA THR E 150 32.77 -17.80 -15.75
C THR E 150 33.35 -18.57 -16.91
N TYR E 151 32.89 -19.80 -17.13
CA TYR E 151 33.56 -20.73 -18.03
C TYR E 151 32.73 -20.98 -19.27
N ASN E 152 33.38 -20.97 -20.42
CA ASN E 152 32.72 -21.14 -21.69
C ASN E 152 32.64 -22.62 -22.03
N ALA E 153 32.20 -22.94 -23.24
CA ALA E 153 31.98 -24.34 -23.63
C ALA E 153 33.27 -25.03 -24.07
N HIS E 154 34.36 -24.29 -24.26
CA HIS E 154 35.64 -24.90 -24.56
C HIS E 154 36.34 -25.41 -23.32
N GLU E 155 35.83 -25.11 -22.13
CA GLU E 155 36.46 -25.50 -20.89
C GLU E 155 35.51 -26.04 -19.84
N VAL E 156 34.20 -25.88 -20.00
CA VAL E 156 33.21 -26.51 -19.14
C VAL E 156 32.08 -27.02 -20.02
N ASN E 157 31.64 -28.24 -19.78
CA ASN E 157 30.56 -28.86 -20.55
C ASN E 157 29.39 -29.11 -19.62
N LEU E 158 28.44 -28.19 -19.59
CA LEU E 158 27.23 -28.36 -18.79
C LEU E 158 26.39 -29.48 -19.37
N GLN E 159 25.90 -30.35 -18.50
CA GLN E 159 25.09 -31.48 -18.93
C GLN E 159 24.09 -31.79 -17.83
N LEU E 160 23.02 -32.48 -18.20
CA LEU E 160 22.06 -32.99 -17.24
C LEU E 160 22.54 -34.32 -16.69
N SER E 161 22.22 -34.57 -15.42
CA SER E 161 22.66 -35.79 -14.78
C SER E 161 21.99 -36.99 -15.43
N ALA E 162 22.39 -38.18 -14.99
CA ALA E 162 21.85 -39.42 -15.51
C ALA E 162 22.09 -40.53 -14.49
N GLU E 163 21.02 -41.16 -14.06
CA GLU E 163 21.11 -42.38 -13.25
C GLU E 163 20.75 -43.58 -14.11
N GLU E 164 21.52 -44.66 -13.95
CA GLU E 164 21.32 -45.88 -14.73
C GLU E 164 21.36 -45.60 -16.23
N GLY E 165 22.17 -44.62 -16.63
CA GLY E 165 22.45 -44.37 -18.03
C GLY E 165 21.46 -43.47 -18.74
N GLU E 166 20.31 -43.17 -18.13
CA GLU E 166 19.31 -42.34 -18.76
C GLU E 166 19.39 -40.92 -18.21
N ALA E 167 19.39 -39.94 -19.09
CA ALA E 167 19.49 -38.55 -18.68
C ALA E 167 18.23 -38.14 -17.90
N VAL E 168 18.44 -37.43 -16.80
CA VAL E 168 17.34 -36.85 -16.03
C VAL E 168 16.98 -35.54 -16.69
N GLU E 169 15.98 -35.57 -17.58
CA GLU E 169 15.58 -34.41 -18.35
C GLU E 169 14.34 -33.74 -17.76
N TRP E 170 14.22 -33.74 -16.44
CA TRP E 170 13.08 -33.13 -15.77
C TRP E 170 13.56 -32.61 -14.42
N ILE E 171 12.82 -31.64 -13.89
CA ILE E 171 13.06 -31.21 -12.53
C ILE E 171 12.68 -32.34 -11.59
N HIS E 172 13.57 -32.71 -10.69
CA HIS E 172 13.31 -33.82 -9.80
C HIS E 172 12.42 -33.35 -8.66
N ILE E 173 11.38 -34.11 -8.37
CA ILE E 173 10.45 -33.78 -7.30
C ILE E 173 10.48 -34.96 -6.33
N ASP E 174 11.14 -34.78 -5.21
CA ASP E 174 11.32 -35.83 -4.24
C ASP E 174 10.09 -35.93 -3.35
N PRO E 175 9.38 -37.05 -3.34
CA PRO E 175 8.20 -37.15 -2.47
C PRO E 175 8.51 -36.95 -1.00
N GLU E 176 9.69 -37.37 -0.55
CA GLU E 176 10.06 -37.20 0.85
C GLU E 176 10.14 -35.75 1.26
N ASP E 177 10.35 -34.84 0.31
CA ASP E 177 10.48 -33.42 0.65
C ASP E 177 9.96 -32.61 -0.53
N PHE E 178 8.66 -32.35 -0.52
CA PHE E 178 8.01 -31.53 -1.54
C PHE E 178 6.63 -31.14 -1.03
N THR E 179 6.28 -29.87 -1.22
CA THR E 179 5.00 -29.33 -0.77
C THR E 179 4.22 -28.81 -1.96
N GLU E 180 2.97 -29.23 -2.08
CA GLU E 180 2.09 -28.73 -3.13
C GLU E 180 1.74 -27.27 -2.86
N ASN E 181 1.82 -26.45 -3.90
CA ASN E 181 1.66 -25.01 -3.71
C ASN E 181 0.26 -24.66 -3.21
N GLY E 182 -0.77 -25.25 -3.82
CA GLY E 182 -2.14 -24.96 -3.50
C GLY E 182 -2.78 -23.96 -4.43
N GLU E 183 -1.99 -23.08 -5.05
CA GLU E 183 -2.45 -22.22 -6.12
C GLU E 183 -1.94 -22.64 -7.48
N TRP E 184 -0.83 -23.36 -7.55
CA TRP E 184 -0.18 -23.70 -8.80
C TRP E 184 0.08 -25.20 -8.82
N THR E 185 -0.38 -25.85 -9.88
CA THR E 185 -0.12 -27.26 -10.09
C THR E 185 0.94 -27.43 -11.15
N ILE E 186 1.95 -28.24 -10.86
CA ILE E 186 3.03 -28.50 -11.80
C ILE E 186 2.53 -29.54 -12.79
N ARG E 187 2.35 -29.15 -14.05
CA ARG E 187 1.90 -30.08 -15.08
C ARG E 187 3.07 -30.70 -15.81
N HIS E 188 4.03 -29.89 -16.23
CA HIS E 188 5.25 -30.37 -16.86
C HIS E 188 6.44 -29.74 -16.18
N ARG E 189 7.55 -30.46 -16.19
CA ARG E 189 8.76 -29.96 -15.57
C ARG E 189 9.98 -30.47 -16.32
N PRO E 190 10.09 -30.20 -17.62
CA PRO E 190 11.22 -30.71 -18.39
C PRO E 190 12.49 -29.91 -18.15
N ALA E 191 13.60 -30.54 -18.50
CA ALA E 191 14.91 -29.90 -18.43
C ALA E 191 15.67 -30.26 -19.70
N LYS E 192 16.42 -29.30 -20.23
CA LYS E 192 17.12 -29.54 -21.48
C LYS E 192 18.31 -28.60 -21.58
N LYS E 193 19.39 -29.10 -22.16
CA LYS E 193 20.51 -28.24 -22.52
C LYS E 193 20.14 -27.41 -23.73
N ASN E 194 20.37 -26.11 -23.64
CA ASN E 194 20.06 -25.18 -24.70
C ASN E 194 21.34 -24.47 -25.14
N TYR E 195 21.40 -24.14 -26.43
CA TYR E 195 22.53 -23.43 -26.99
C TYR E 195 22.06 -22.12 -27.59
N ASN E 196 22.89 -21.09 -27.48
CA ASN E 196 22.64 -19.80 -28.12
C ASN E 196 23.51 -19.75 -29.37
N TRP E 197 22.92 -20.11 -30.50
CA TRP E 197 23.67 -20.17 -31.74
C TRP E 197 24.07 -18.79 -32.27
N GLN E 198 23.54 -17.72 -31.69
CA GLN E 198 24.07 -16.39 -31.99
C GLN E 198 25.44 -16.18 -31.38
N LEU E 199 25.82 -16.99 -30.39
CA LEU E 199 27.13 -16.92 -29.77
C LEU E 199 27.99 -18.08 -30.21
N THR E 200 29.30 -17.91 -30.09
CA THR E 200 30.24 -18.94 -30.48
C THR E 200 30.51 -19.88 -29.30
N LYS E 201 31.35 -20.88 -29.54
CA LYS E 201 31.60 -21.88 -28.51
C LYS E 201 32.24 -21.26 -27.28
N ASP E 202 32.80 -20.06 -27.42
CA ASP E 202 33.24 -19.24 -26.30
C ASP E 202 32.04 -18.45 -25.77
N ASP E 203 32.30 -17.42 -24.99
CA ASP E 203 31.35 -16.40 -24.54
C ASP E 203 30.56 -16.77 -23.29
N THR E 204 30.69 -17.98 -22.76
CA THR E 204 30.15 -18.26 -21.43
C THR E 204 28.63 -18.30 -21.41
N ASP E 205 28.00 -17.92 -22.51
CA ASP E 205 26.56 -17.92 -22.64
C ASP E 205 26.10 -18.82 -23.77
N PHE E 206 27.04 -19.49 -24.45
CA PHE E 206 26.69 -20.37 -25.55
C PHE E 206 25.81 -21.51 -25.05
N GLN E 207 26.18 -22.12 -23.93
CA GLN E 207 25.48 -23.28 -23.40
C GLN E 207 24.78 -22.91 -22.10
N GLU E 208 23.72 -23.65 -21.80
CA GLU E 208 22.93 -23.44 -20.59
C GLU E 208 22.06 -24.66 -20.37
N ILE E 209 21.69 -24.88 -19.12
CA ILE E 209 20.69 -25.89 -18.76
C ILE E 209 19.45 -25.13 -18.33
N ILE E 210 18.34 -25.38 -19.00
CA ILE E 210 17.07 -24.73 -18.70
C ILE E 210 16.15 -25.76 -18.05
N PHE E 211 15.61 -25.40 -16.89
CA PHE E 211 14.60 -26.20 -16.22
C PHE E 211 13.29 -25.46 -16.33
N PHE E 212 12.29 -26.10 -16.93
CA PHE E 212 11.01 -25.47 -17.20
C PHE E 212 10.00 -25.92 -16.16
N LEU E 213 9.14 -25.00 -15.76
CA LEU E 213 8.04 -25.30 -14.85
C LEU E 213 6.77 -24.78 -15.52
N ILE E 214 6.03 -25.69 -16.15
CA ILE E 214 4.72 -25.36 -16.71
C ILE E 214 3.70 -25.61 -15.61
N ILE E 215 3.18 -24.53 -15.04
CA ILE E 215 2.33 -24.60 -13.86
C ILE E 215 0.97 -24.02 -14.23
N GLN E 216 -0.08 -24.64 -13.74
CA GLN E 216 -1.45 -24.23 -13.99
C GLN E 216 -2.04 -23.65 -12.72
N ARG E 217 -2.68 -22.49 -12.83
CA ARG E 217 -3.37 -21.91 -11.69
C ARG E 217 -4.56 -22.79 -11.31
N LYS E 218 -4.77 -22.94 -10.00
CA LYS E 218 -6.03 -23.47 -9.52
C LYS E 218 -6.99 -22.30 -9.40
N PRO E 219 -8.06 -22.25 -10.19
CA PRO E 219 -8.90 -21.04 -10.22
C PRO E 219 -10.10 -21.04 -9.28
N LEU E 220 -10.24 -22.04 -8.42
CA LEU E 220 -11.41 -22.08 -7.55
C LEU E 220 -11.46 -20.85 -6.64
N PHE E 221 -10.32 -20.46 -6.08
CA PHE E 221 -10.30 -19.26 -5.25
C PHE E 221 -10.76 -18.06 -6.04
N TYR E 222 -10.16 -17.83 -7.21
CA TYR E 222 -10.51 -16.66 -8.00
C TYR E 222 -11.95 -16.74 -8.48
N ILE E 223 -12.39 -17.92 -8.92
CA ILE E 223 -13.80 -18.06 -9.29
C ILE E 223 -14.67 -17.59 -8.14
N ILE E 224 -14.59 -18.29 -7.01
CA ILE E 224 -15.53 -18.08 -5.91
C ILE E 224 -15.47 -16.64 -5.40
N ASN E 225 -14.29 -16.06 -5.34
CA ASN E 225 -14.13 -14.78 -4.66
C ASN E 225 -14.16 -13.57 -5.57
N ILE E 226 -14.05 -13.74 -6.89
CA ILE E 226 -14.05 -12.60 -7.79
C ILE E 226 -15.08 -12.80 -8.90
N ILE E 227 -15.01 -13.95 -9.58
CA ILE E 227 -15.79 -14.11 -10.80
C ILE E 227 -17.26 -14.32 -10.46
N ALA E 228 -17.53 -15.19 -9.49
CA ALA E 228 -18.92 -15.36 -9.07
C ALA E 228 -19.51 -14.07 -8.52
N PRO E 229 -18.87 -13.39 -7.57
CA PRO E 229 -19.40 -12.07 -7.17
C PRO E 229 -19.51 -11.11 -8.33
N CYS E 230 -18.51 -11.10 -9.22
CA CYS E 230 -18.53 -10.18 -10.34
C CYS E 230 -19.71 -10.46 -11.26
N VAL E 231 -19.90 -11.72 -11.62
CA VAL E 231 -21.00 -12.07 -12.53
C VAL E 231 -22.34 -11.80 -11.86
N LEU E 232 -22.47 -12.15 -10.59
CA LEU E 232 -23.74 -11.94 -9.90
C LEU E 232 -24.09 -10.45 -9.84
N ILE E 233 -23.12 -9.62 -9.47
CA ILE E 233 -23.39 -8.19 -9.37
C ILE E 233 -23.65 -7.60 -10.75
N SER E 234 -22.95 -8.08 -11.77
CA SER E 234 -23.15 -7.56 -13.12
C SER E 234 -24.48 -8.01 -13.72
N SER E 235 -25.05 -9.09 -13.22
CA SER E 235 -26.35 -9.53 -13.67
C SER E 235 -27.49 -8.68 -13.13
N LEU E 236 -27.19 -7.70 -12.29
CA LEU E 236 -28.22 -6.84 -11.70
C LEU E 236 -28.68 -5.74 -12.65
N VAL E 237 -27.91 -5.43 -13.69
CA VAL E 237 -28.29 -4.33 -14.57
C VAL E 237 -29.60 -4.63 -15.27
N VAL E 238 -29.80 -5.89 -15.67
CA VAL E 238 -31.01 -6.24 -16.41
C VAL E 238 -32.25 -6.00 -15.57
N LEU E 239 -32.12 -5.97 -14.25
CA LEU E 239 -33.27 -5.75 -13.38
C LEU E 239 -33.89 -4.37 -13.58
N VAL E 240 -33.13 -3.41 -14.11
CA VAL E 240 -33.65 -2.04 -14.24
C VAL E 240 -34.83 -1.97 -15.18
N TYR E 241 -34.98 -2.94 -16.07
CA TYR E 241 -36.08 -2.91 -17.04
C TYR E 241 -37.41 -3.30 -16.42
N PHE E 242 -37.42 -3.77 -15.18
CA PHE E 242 -38.64 -4.05 -14.45
C PHE E 242 -38.98 -2.98 -13.43
N LEU E 243 -38.14 -1.99 -13.26
CA LEU E 243 -38.47 -0.90 -12.36
C LEU E 243 -39.31 0.14 -13.09
N PRO E 244 -40.23 0.80 -12.38
CA PRO E 244 -41.06 1.81 -13.04
C PRO E 244 -40.21 2.97 -13.56
N ALA E 245 -40.60 3.50 -14.71
CA ALA E 245 -39.89 4.61 -15.33
C ALA E 245 -40.52 5.93 -14.87
N GLN E 246 -40.27 6.25 -13.61
CA GLN E 246 -40.81 7.46 -13.00
C GLN E 246 -40.01 7.76 -11.75
N ALA E 247 -40.22 8.95 -11.19
CA ALA E 247 -39.55 9.32 -9.96
C ALA E 247 -39.89 8.30 -8.87
N GLY E 248 -38.86 7.85 -8.16
CA GLY E 248 -39.02 6.80 -7.18
C GLY E 248 -38.82 5.40 -7.71
N GLY E 249 -38.67 5.23 -9.03
CA GLY E 249 -38.33 3.94 -9.57
C GLY E 249 -36.89 3.54 -9.37
N GLN E 250 -36.01 4.52 -9.14
CA GLN E 250 -34.60 4.26 -8.87
C GLN E 250 -34.00 3.38 -9.96
N LYS E 251 -34.30 3.70 -11.21
CA LYS E 251 -33.78 2.94 -12.33
C LYS E 251 -32.32 3.27 -12.58
N CYS E 252 -32.02 4.55 -12.84
CA CYS E 252 -30.64 4.97 -13.00
C CYS E 252 -29.83 4.72 -11.74
N THR E 253 -30.45 4.82 -10.57
CA THR E 253 -29.73 4.51 -9.34
C THR E 253 -29.17 3.09 -9.39
N LEU E 254 -30.02 2.12 -9.69
CA LEU E 254 -29.56 0.73 -9.73
C LEU E 254 -28.51 0.52 -10.80
N SER E 255 -28.75 1.04 -12.02
CA SER E 255 -27.80 0.79 -13.10
C SER E 255 -26.45 1.43 -12.79
N ILE E 256 -26.46 2.68 -12.32
CA ILE E 256 -25.23 3.38 -12.02
C ILE E 256 -24.49 2.70 -10.88
N SER E 257 -25.21 2.22 -9.87
CA SER E 257 -24.54 1.54 -8.77
C SER E 257 -23.91 0.23 -9.22
N VAL E 258 -24.57 -0.49 -10.13
CA VAL E 258 -23.94 -1.70 -10.66
C VAL E 258 -22.68 -1.34 -11.43
N LEU E 259 -22.72 -0.24 -12.18
CA LEU E 259 -21.53 0.20 -12.88
C LEU E 259 -20.40 0.54 -11.90
N LEU E 260 -20.74 1.18 -10.78
CA LEU E 260 -19.74 1.48 -9.77
C LEU E 260 -19.15 0.21 -9.17
N ALA E 261 -20.00 -0.79 -8.91
CA ALA E 261 -19.51 -2.05 -8.37
C ALA E 261 -18.55 -2.72 -9.35
N GLN E 262 -18.88 -2.67 -10.64
CA GLN E 262 -17.98 -3.23 -11.64
C GLN E 262 -16.65 -2.48 -11.66
N THR E 263 -16.69 -1.16 -11.47
CA THR E 263 -15.45 -0.40 -11.38
C THR E 263 -14.62 -0.84 -10.17
N ILE E 264 -15.29 -1.04 -9.04
CA ILE E 264 -14.60 -1.56 -7.86
C ILE E 264 -13.94 -2.89 -8.17
N PHE E 265 -14.63 -3.74 -8.94
CA PHE E 265 -14.07 -5.03 -9.29
C PHE E 265 -12.88 -4.88 -10.23
N LEU E 266 -12.92 -3.88 -11.11
CA LEU E 266 -11.75 -3.58 -11.93
C LEU E 266 -10.56 -3.22 -11.05
N PHE E 267 -10.79 -2.40 -10.03
CA PHE E 267 -9.72 -2.08 -9.10
C PHE E 267 -9.23 -3.33 -8.37
N LEU E 268 -10.15 -4.22 -8.01
CA LEU E 268 -9.77 -5.47 -7.37
C LEU E 268 -8.85 -6.28 -8.28
N ILE E 269 -9.23 -6.44 -9.55
CA ILE E 269 -8.39 -7.19 -10.49
C ILE E 269 -7.04 -6.52 -10.65
N ALA E 270 -6.99 -5.20 -10.57
CA ALA E 270 -5.72 -4.51 -10.75
C ALA E 270 -4.65 -5.02 -9.79
N GLN E 271 -5.05 -5.48 -8.61
CA GLN E 271 -4.10 -5.93 -7.60
C GLN E 271 -3.76 -7.41 -7.71
N LYS E 272 -4.31 -8.13 -8.69
CA LYS E 272 -4.06 -9.55 -8.83
C LYS E 272 -3.29 -9.92 -10.08
N VAL E 273 -3.13 -9.01 -11.03
CA VAL E 273 -2.50 -9.32 -12.31
C VAL E 273 -1.34 -8.37 -12.52
N PRO E 274 -0.35 -8.76 -13.32
CA PRO E 274 0.79 -7.89 -13.56
C PRO E 274 0.39 -6.65 -14.34
N GLU E 275 1.25 -5.64 -14.26
CA GLU E 275 1.05 -4.38 -14.96
C GLU E 275 1.59 -4.41 -16.38
N THR E 276 1.78 -5.59 -16.96
CA THR E 276 2.24 -5.69 -18.33
C THR E 276 1.10 -5.32 -19.28
N SER E 277 1.49 -4.84 -20.47
CA SER E 277 0.55 -4.33 -21.45
C SER E 277 0.55 -5.15 -22.73
N LEU E 278 0.96 -6.41 -22.67
CA LEU E 278 0.97 -7.25 -23.86
C LEU E 278 -0.40 -7.86 -24.14
N ASN E 279 -1.19 -8.10 -23.10
CA ASN E 279 -2.51 -8.71 -23.24
C ASN E 279 -3.39 -8.20 -22.11
N VAL E 280 -4.69 -8.30 -22.33
CA VAL E 280 -5.69 -7.94 -21.32
C VAL E 280 -6.16 -9.24 -20.66
N PRO E 281 -6.14 -9.33 -19.33
CA PRO E 281 -6.59 -10.57 -18.70
C PRO E 281 -8.04 -10.88 -19.03
N LEU E 282 -8.34 -12.18 -19.07
CA LEU E 282 -9.69 -12.61 -19.42
C LEU E 282 -10.72 -11.98 -18.50
N ILE E 283 -10.48 -11.99 -17.20
CA ILE E 283 -11.39 -11.34 -16.28
C ILE E 283 -11.40 -9.84 -16.53
N GLY E 284 -10.26 -9.27 -16.92
CA GLY E 284 -10.24 -7.87 -17.29
C GLY E 284 -11.08 -7.58 -18.52
N LYS E 285 -10.99 -8.45 -19.54
CA LYS E 285 -11.84 -8.29 -20.70
C LYS E 285 -13.31 -8.39 -20.33
N TYR E 286 -13.65 -9.33 -19.45
CA TYR E 286 -15.04 -9.45 -19.01
C TYR E 286 -15.49 -8.20 -18.27
N LEU E 287 -14.66 -7.66 -17.40
CA LEU E 287 -15.03 -6.45 -16.68
C LEU E 287 -15.24 -5.29 -17.64
N ILE E 288 -14.34 -5.13 -18.62
CA ILE E 288 -14.52 -4.06 -19.59
C ILE E 288 -15.83 -4.26 -20.34
N PHE E 289 -16.11 -5.50 -20.74
CA PHE E 289 -17.34 -5.78 -21.48
C PHE E 289 -18.57 -5.44 -20.65
N VAL E 290 -18.60 -5.87 -19.39
CA VAL E 290 -19.79 -5.64 -18.59
C VAL E 290 -19.93 -4.19 -18.19
N MET E 291 -18.81 -3.48 -18.00
CA MET E 291 -18.90 -2.05 -17.77
C MET E 291 -19.48 -1.33 -19.00
N PHE E 292 -19.07 -1.75 -20.20
CA PHE E 292 -19.64 -1.17 -21.40
C PHE E 292 -21.14 -1.48 -21.50
N VAL E 293 -21.52 -2.72 -21.18
CA VAL E 293 -22.93 -3.10 -21.25
C VAL E 293 -23.72 -2.33 -20.21
N SER E 294 -23.15 -2.10 -19.03
CA SER E 294 -23.84 -1.33 -18.01
C SER E 294 -23.96 0.13 -18.40
N MET E 295 -22.97 0.68 -19.10
CA MET E 295 -23.12 2.03 -19.61
C MET E 295 -24.22 2.09 -20.66
N LEU E 296 -24.30 1.06 -21.51
CA LEU E 296 -25.39 1.00 -22.48
C LEU E 296 -26.74 0.90 -21.79
N ILE E 297 -26.80 0.13 -20.70
CA ILE E 297 -28.06 0.00 -19.98
C ILE E 297 -28.40 1.29 -19.23
N VAL E 298 -27.41 2.05 -18.79
CA VAL E 298 -27.69 3.36 -18.21
C VAL E 298 -28.23 4.30 -19.28
N MET E 299 -27.63 4.28 -20.46
CA MET E 299 -28.19 5.02 -21.59
C MET E 299 -29.63 4.60 -21.86
N ASN E 300 -29.88 3.29 -21.83
CA ASN E 300 -31.21 2.78 -22.13
C ASN E 300 -32.20 3.23 -21.07
N CYS E 301 -31.78 3.22 -19.81
CA CYS E 301 -32.64 3.68 -18.73
C CYS E 301 -32.96 5.15 -18.88
N VAL E 302 -31.96 5.95 -19.24
CA VAL E 302 -32.19 7.38 -19.42
C VAL E 302 -33.16 7.62 -20.57
N ILE E 303 -32.98 6.88 -21.67
CA ILE E 303 -33.86 7.04 -22.82
C ILE E 303 -35.28 6.63 -22.47
N VAL E 304 -35.44 5.52 -21.75
CA VAL E 304 -36.77 5.08 -21.36
C VAL E 304 -37.42 6.08 -20.41
N LEU E 305 -36.65 6.62 -19.47
CA LEU E 305 -37.21 7.62 -18.56
C LEU E 305 -37.63 8.86 -19.33
N ASN E 306 -36.82 9.27 -20.31
CA ASN E 306 -37.18 10.41 -21.13
C ASN E 306 -38.47 10.15 -21.90
N VAL E 307 -38.62 8.95 -22.45
CA VAL E 307 -39.80 8.64 -23.25
C VAL E 307 -41.03 8.54 -22.36
N SER E 308 -40.91 7.85 -21.22
CA SER E 308 -42.07 7.60 -20.38
C SER E 308 -42.60 8.88 -19.77
N LEU E 309 -41.72 9.80 -19.39
CA LEU E 309 -42.11 11.03 -18.73
C LEU E 309 -42.41 12.15 -19.73
N ARG E 310 -42.69 11.81 -20.97
CA ARG E 310 -43.10 12.80 -21.96
C ARG E 310 -44.54 13.21 -21.71
N THR E 311 -44.83 14.46 -22.00
CA THR E 311 -46.13 15.07 -21.78
C THR E 311 -46.61 15.73 -23.06
N PRO E 312 -47.90 15.99 -23.18
CA PRO E 312 -48.37 16.76 -24.35
C PRO E 312 -47.70 18.11 -24.44
N ASN E 313 -47.36 18.72 -23.30
CA ASN E 313 -46.66 20.00 -23.30
C ASN E 313 -45.38 19.91 -24.12
N THR E 314 -44.55 18.91 -23.84
CA THR E 314 -43.22 18.84 -24.40
C THR E 314 -43.18 18.16 -25.76
N HIS E 315 -43.73 16.96 -25.86
CA HIS E 315 -43.60 16.15 -27.06
C HIS E 315 -44.97 15.74 -27.55
N SER E 316 -45.14 15.74 -28.87
CA SER E 316 -46.38 15.30 -29.50
C SER E 316 -46.29 13.80 -29.77
N LEU E 317 -47.22 13.03 -29.22
CA LEU E 317 -47.24 11.59 -29.42
C LEU E 317 -47.74 11.31 -30.82
N SER E 318 -46.82 11.05 -31.75
CA SER E 318 -47.17 10.84 -33.13
C SER E 318 -48.05 9.61 -33.29
N GLU E 319 -48.96 9.67 -34.25
CA GLU E 319 -49.81 8.51 -34.54
C GLU E 319 -48.98 7.35 -35.07
N LYS E 320 -47.98 7.63 -35.89
CA LYS E 320 -47.14 6.56 -36.41
C LYS E 320 -46.34 5.89 -35.29
N ILE E 321 -45.88 6.67 -34.31
CA ILE E 321 -45.18 6.08 -33.17
C ILE E 321 -46.11 5.18 -32.38
N LYS E 322 -47.36 5.62 -32.18
CA LYS E 322 -48.34 4.76 -31.50
C LYS E 322 -48.57 3.48 -32.29
N HIS E 323 -48.66 3.59 -33.61
CA HIS E 323 -48.88 2.41 -34.44
C HIS E 323 -47.71 1.45 -34.33
N LEU E 324 -46.48 1.97 -34.34
CA LEU E 324 -45.30 1.11 -34.32
C LEU E 324 -45.11 0.46 -32.96
N PHE E 325 -45.28 1.23 -31.89
CA PHE E 325 -44.93 0.76 -30.55
C PHE E 325 -46.09 0.09 -29.82
N LEU E 326 -47.32 0.24 -30.30
CA LEU E 326 -48.47 -0.39 -29.68
C LEU E 326 -49.27 -1.24 -30.66
N GLY E 327 -48.76 -1.46 -31.86
CA GLY E 327 -49.43 -2.31 -32.82
C GLY E 327 -48.60 -3.49 -33.26
N PHE E 328 -47.28 -3.35 -33.18
CA PHE E 328 -46.36 -4.38 -33.67
C PHE E 328 -45.54 -5.01 -32.55
N LEU E 329 -44.81 -4.21 -31.78
CA LEU E 329 -43.93 -4.79 -30.76
C LEU E 329 -44.70 -5.50 -29.67
N PRO E 330 -45.76 -4.93 -29.08
CA PRO E 330 -46.49 -5.64 -28.02
C PRO E 330 -47.56 -6.57 -28.58
N PRO E 411 -80.46 35.51 -13.99
CA PRO E 411 -79.03 35.40 -14.35
C PRO E 411 -78.28 34.39 -13.49
N GLU E 412 -78.80 34.15 -12.29
CA GLU E 412 -78.14 33.20 -11.39
C GLU E 412 -78.12 31.80 -12.01
N ILE E 413 -79.24 31.39 -12.60
CA ILE E 413 -79.31 30.05 -13.20
C ILE E 413 -78.35 29.95 -14.37
N LYS E 414 -78.32 30.97 -15.23
CA LYS E 414 -77.41 30.95 -16.38
C LYS E 414 -75.96 30.89 -15.92
N SER E 415 -75.63 31.67 -14.88
CA SER E 415 -74.27 31.68 -14.38
C SER E 415 -73.87 30.34 -13.79
N CYS E 416 -74.78 29.71 -13.04
CA CYS E 416 -74.51 28.38 -12.51
C CYS E 416 -74.33 27.37 -13.64
N VAL E 417 -75.13 27.49 -14.70
CA VAL E 417 -75.04 26.56 -15.81
C VAL E 417 -73.69 26.68 -16.50
N GLU E 418 -73.25 27.91 -16.78
CA GLU E 418 -71.95 28.08 -17.42
C GLU E 418 -70.84 27.60 -16.50
N ALA E 419 -70.97 27.81 -15.19
CA ALA E 419 -69.96 27.32 -14.26
C ALA E 419 -69.87 25.80 -14.33
N CYS E 420 -71.01 25.12 -14.30
CA CYS E 420 -71.01 23.66 -14.37
C CYS E 420 -70.40 23.18 -15.68
N ASN E 421 -70.77 23.83 -16.79
CA ASN E 421 -70.22 23.43 -18.08
C ASN E 421 -68.71 23.60 -18.10
N PHE E 422 -68.21 24.72 -17.57
CA PHE E 422 -66.77 24.93 -17.55
C PHE E 422 -66.08 23.89 -16.68
N ILE E 423 -66.66 23.56 -15.53
CA ILE E 423 -66.06 22.54 -14.66
C ILE E 423 -65.94 21.23 -15.42
N ALA E 424 -67.03 20.80 -16.06
CA ALA E 424 -67.01 19.53 -16.77
C ALA E 424 -65.99 19.55 -17.91
N LYS E 425 -65.96 20.64 -18.67
CA LYS E 425 -65.06 20.74 -19.80
C LYS E 425 -63.60 20.68 -19.36
N SER E 426 -63.27 21.44 -18.33
CA SER E 426 -61.89 21.44 -17.81
C SER E 426 -61.51 20.06 -17.30
N THR E 427 -62.41 19.41 -16.56
CA THR E 427 -62.12 18.05 -16.08
C THR E 427 -61.87 17.11 -17.25
N LYS E 428 -62.67 17.22 -18.30
CA LYS E 428 -62.51 16.33 -19.45
C LYS E 428 -61.14 16.54 -20.10
N GLU E 429 -60.74 17.79 -20.31
CA GLU E 429 -59.43 18.02 -20.92
C GLU E 429 -58.30 17.52 -20.03
N GLN E 430 -58.40 17.73 -18.72
CA GLN E 430 -57.38 17.23 -17.82
C GLN E 430 -57.27 15.72 -17.92
N ASN E 431 -58.41 15.04 -18.02
CA ASN E 431 -58.39 13.58 -18.09
C ASN E 431 -57.80 13.11 -19.41
N ASP E 432 -58.08 13.81 -20.50
CA ASP E 432 -57.46 13.45 -21.77
C ASP E 432 -55.94 13.60 -21.73
N SER E 433 -55.47 14.68 -21.10
CA SER E 433 -54.03 14.87 -20.93
C SER E 433 -53.44 13.70 -20.15
N GLY E 434 -54.11 13.30 -19.06
CA GLY E 434 -53.66 12.15 -18.31
C GLY E 434 -53.60 10.90 -19.16
N SER E 435 -54.58 10.72 -20.03
CA SER E 435 -54.59 9.54 -20.90
C SER E 435 -53.39 9.53 -21.83
N GLU E 436 -53.05 10.68 -22.41
CA GLU E 436 -51.89 10.69 -23.30
C GLU E 436 -50.60 10.44 -22.53
N ASN E 437 -50.51 10.95 -21.29
CA ASN E 437 -49.37 10.60 -20.45
C ASN E 437 -49.27 9.10 -20.25
N GLU E 438 -50.41 8.46 -19.96
CA GLU E 438 -50.43 7.02 -19.77
C GLU E 438 -49.97 6.30 -21.01
N ASN E 439 -50.33 6.82 -22.18
CA ASN E 439 -49.91 6.20 -23.43
C ASN E 439 -48.40 6.28 -23.63
N TRP E 440 -47.81 7.43 -23.30
CA TRP E 440 -46.36 7.52 -23.33
C TRP E 440 -45.72 6.51 -22.37
N VAL E 441 -46.31 6.36 -21.19
CA VAL E 441 -45.78 5.38 -20.23
C VAL E 441 -45.83 3.97 -20.82
N LEU E 442 -46.91 3.66 -21.55
CA LEU E 442 -47.01 2.34 -22.16
C LEU E 442 -45.91 2.14 -23.20
N ILE E 443 -45.64 3.16 -24.01
CA ILE E 443 -44.54 3.04 -24.96
C ILE E 443 -43.24 2.78 -24.23
N GLY E 444 -43.01 3.49 -23.13
CA GLY E 444 -41.80 3.26 -22.36
C GLY E 444 -41.70 1.84 -21.85
N LYS E 445 -42.82 1.28 -21.41
CA LYS E 445 -42.82 -0.11 -20.92
C LYS E 445 -42.48 -1.08 -22.05
N VAL E 446 -43.00 -0.84 -23.25
CA VAL E 446 -42.69 -1.71 -24.38
C VAL E 446 -41.19 -1.66 -24.68
N ILE E 447 -40.62 -0.45 -24.68
CA ILE E 447 -39.19 -0.33 -24.92
C ILE E 447 -38.41 -1.06 -23.83
N ASP E 448 -38.85 -0.97 -22.58
CA ASP E 448 -38.19 -1.71 -21.51
C ASP E 448 -38.22 -3.21 -21.78
N LYS E 449 -39.36 -3.73 -22.23
CA LYS E 449 -39.44 -5.17 -22.47
C LYS E 449 -38.43 -5.59 -23.54
N ALA E 450 -38.46 -4.91 -24.69
CA ALA E 450 -37.56 -5.28 -25.78
C ALA E 450 -36.10 -5.13 -25.37
N CYS E 451 -35.78 -4.01 -24.74
CA CYS E 451 -34.40 -3.75 -24.35
C CYS E 451 -33.95 -4.71 -23.27
N PHE E 452 -34.85 -5.14 -22.39
CA PHE E 452 -34.49 -6.17 -21.42
C PHE E 452 -34.07 -7.44 -22.12
N TRP E 453 -34.86 -7.87 -23.10
CA TRP E 453 -34.50 -9.12 -23.75
C TRP E 453 -33.15 -8.99 -24.45
N ILE E 454 -32.93 -7.87 -25.13
CA ILE E 454 -31.65 -7.67 -25.81
C ILE E 454 -30.51 -7.67 -24.80
N ALA E 455 -30.65 -6.92 -23.70
CA ALA E 455 -29.57 -6.79 -22.74
C ALA E 455 -29.29 -8.11 -22.02
N LEU E 456 -30.34 -8.85 -21.68
CA LEU E 456 -30.14 -10.15 -21.07
C LEU E 456 -29.38 -11.07 -22.00
N LEU E 457 -29.77 -11.12 -23.27
CA LEU E 457 -29.06 -11.97 -24.22
C LEU E 457 -27.61 -11.53 -24.33
N LEU E 458 -27.37 -10.23 -24.45
CA LEU E 458 -26.00 -9.73 -24.61
C LEU E 458 -25.15 -10.09 -23.41
N PHE E 459 -25.64 -9.80 -22.21
CA PHE E 459 -24.87 -10.08 -20.99
C PHE E 459 -24.63 -11.57 -20.83
N SER E 460 -25.66 -12.38 -21.05
CA SER E 460 -25.53 -13.83 -20.87
C SER E 460 -24.52 -14.41 -21.86
N ILE E 461 -24.62 -14.01 -23.13
CA ILE E 461 -23.70 -14.52 -24.12
C ILE E 461 -22.28 -14.07 -23.83
N GLY E 462 -22.09 -12.81 -23.45
CA GLY E 462 -20.76 -12.35 -23.14
C GLY E 462 -20.14 -13.10 -21.98
N THR E 463 -20.89 -13.23 -20.88
CA THR E 463 -20.38 -13.98 -19.74
C THR E 463 -20.04 -15.41 -20.13
N LEU E 464 -20.98 -16.09 -20.77
CA LEU E 464 -20.76 -17.48 -21.14
C LEU E 464 -19.54 -17.61 -22.05
N ALA E 465 -19.46 -16.79 -23.08
CA ALA E 465 -18.36 -16.89 -24.03
C ALA E 465 -17.02 -16.66 -23.36
N ILE E 466 -16.90 -15.58 -22.59
CA ILE E 466 -15.61 -15.24 -22.01
C ILE E 466 -15.18 -16.30 -21.01
N PHE E 467 -16.07 -16.71 -20.11
CA PHE E 467 -15.64 -17.64 -19.08
C PHE E 467 -15.59 -19.09 -19.58
N LEU E 468 -16.22 -19.38 -20.71
CA LEU E 468 -16.03 -20.67 -21.37
C LEU E 468 -14.70 -20.70 -22.11
N THR E 469 -14.29 -19.57 -22.67
CA THR E 469 -12.93 -19.45 -23.18
C THR E 469 -11.92 -19.68 -22.08
N GLY E 470 -12.17 -19.09 -20.91
CA GLY E 470 -11.33 -19.38 -19.75
C GLY E 470 -11.34 -20.85 -19.41
N HIS E 471 -12.51 -21.47 -19.43
CA HIS E 471 -12.61 -22.89 -19.09
C HIS E 471 -11.84 -23.76 -20.07
N PHE E 472 -11.91 -23.44 -21.37
CA PHE E 472 -11.26 -24.24 -22.41
C PHE E 472 -9.80 -23.91 -22.59
N ASN E 473 -9.18 -23.18 -21.66
CA ASN E 473 -7.74 -22.93 -21.72
C ASN E 473 -7.03 -24.16 -21.16
N GLN E 474 -6.34 -24.88 -22.03
CA GLN E 474 -5.74 -26.16 -21.68
C GLN E 474 -4.22 -26.03 -21.64
N VAL E 475 -3.62 -26.69 -20.68
CA VAL E 475 -2.16 -26.83 -20.70
C VAL E 475 -1.78 -27.78 -21.83
N PRO E 476 -0.79 -27.44 -22.65
CA PRO E 476 -0.45 -28.33 -23.78
C PRO E 476 -0.09 -29.72 -23.30
N GLU E 477 -0.44 -30.71 -24.12
CA GLU E 477 -0.25 -32.10 -23.71
C GLU E 477 1.22 -32.43 -23.53
N PHE E 478 2.08 -31.89 -24.38
CA PHE E 478 3.51 -32.16 -24.30
C PHE E 478 4.26 -30.94 -23.78
N PRO E 479 5.35 -31.14 -23.03
CA PRO E 479 6.10 -29.99 -22.53
C PRO E 479 6.61 -29.08 -23.64
N PHE E 480 7.04 -29.67 -24.75
CA PHE E 480 7.43 -28.93 -25.94
C PHE E 480 6.55 -29.41 -27.09
N PRO E 481 5.80 -28.54 -27.77
CA PRO E 481 4.88 -29.03 -28.81
C PRO E 481 5.57 -29.86 -29.89
N GLY E 482 6.79 -29.48 -30.28
CA GLY E 482 7.48 -30.26 -31.29
C GLY E 482 7.87 -31.64 -30.79
N ASP E 483 8.40 -31.73 -29.58
CA ASP E 483 8.91 -32.99 -29.06
C ASP E 483 7.77 -33.96 -28.79
N PRO E 484 7.86 -35.22 -29.25
CA PRO E 484 6.89 -36.22 -28.81
C PRO E 484 7.07 -36.69 -27.38
N ARG E 485 8.21 -36.40 -26.75
CA ARG E 485 8.51 -36.98 -25.44
C ARG E 485 7.76 -36.25 -24.33
N LYS E 486 7.56 -36.97 -23.22
CA LYS E 486 6.85 -36.45 -22.07
C LYS E 486 7.75 -35.81 -21.03
N TYR E 487 9.03 -36.18 -21.00
CA TYR E 487 9.98 -35.58 -20.07
C TYR E 487 9.52 -35.79 -18.63
N VAL E 488 9.29 -37.04 -18.26
CA VAL E 488 8.89 -37.39 -16.91
C VAL E 488 9.71 -38.58 -16.43
N PRO E 489 9.91 -38.76 -15.12
CA PRO E 489 10.65 -39.91 -14.62
C PRO E 489 9.89 -41.22 -14.84
C1 NAG F . 18.22 11.41 -24.34
C2 NAG F . 18.45 12.27 -25.57
C3 NAG F . 19.94 12.31 -25.91
C4 NAG F . 20.76 12.71 -24.67
C5 NAG F . 20.36 11.86 -23.47
C6 NAG F . 21.02 12.32 -22.19
C7 NAG F . 16.38 12.02 -26.85
C8 NAG F . 15.75 11.44 -28.07
N2 NAG F . 17.69 11.79 -26.70
O3 NAG F . 20.17 13.23 -26.97
O4 NAG F . 22.14 12.46 -24.93
O5 NAG F . 18.95 11.93 -23.25
O6 NAG F . 20.15 13.13 -21.42
O7 NAG F . 15.74 12.67 -26.03
C1 NAG F . 22.74 13.50 -25.72
C2 NAG F . 24.21 13.55 -25.31
C3 NAG F . 24.96 14.57 -26.17
C4 NAG F . 24.75 14.27 -27.64
C5 NAG F . 23.26 14.19 -27.95
C6 NAG F . 22.97 13.78 -29.37
C7 NAG F . 24.28 12.94 -22.94
C8 NAG F . 24.45 13.44 -21.53
N2 NAG F . 24.35 13.87 -23.90
O3 NAG F . 26.34 14.53 -25.86
O4 NAG F . 25.35 15.29 -28.42
O5 NAG F . 22.65 13.20 -27.11
O6 NAG F . 21.65 13.28 -29.51
O7 NAG F . 24.11 11.76 -23.20
C1 BMA F . 26.58 14.78 -28.97
C2 BMA F . 26.92 15.67 -30.17
C3 BMA F . 28.29 15.28 -30.72
C4 BMA F . 29.33 15.27 -29.61
C5 BMA F . 28.87 14.33 -28.50
C6 BMA F . 29.85 14.26 -27.34
O2 BMA F . 27.03 17.02 -29.77
O3 BMA F . 28.69 16.16 -31.75
O4 BMA F . 30.57 14.82 -30.12
O5 BMA F . 27.62 14.81 -28.00
O6 BMA F . 30.07 15.58 -26.87
C1 MAN F . 31.20 15.58 -25.98
C2 MAN F . 31.07 16.84 -25.10
C3 MAN F . 31.29 18.09 -25.94
C4 MAN F . 32.61 17.98 -26.70
C5 MAN F . 32.58 16.72 -27.58
C6 MAN F . 33.85 16.51 -28.39
O2 MAN F . 32.10 16.87 -24.11
O3 MAN F . 31.27 19.27 -25.16
O4 MAN F . 32.79 19.11 -27.53
O5 MAN F . 32.40 15.59 -26.73
O6 MAN F . 34.96 16.46 -27.52
C1 MAN F . 36.09 17.02 -28.22
C2 MAN F . 37.08 15.84 -28.57
C3 MAN F . 37.99 15.47 -27.39
C4 MAN F . 38.55 16.72 -26.73
C5 MAN F . 37.39 17.59 -26.28
C6 MAN F . 37.82 18.82 -25.51
O2 MAN F . 37.95 16.19 -29.64
O3 MAN F . 39.06 14.63 -27.81
O4 MAN F . 39.33 16.35 -25.61
O5 MAN F . 36.71 18.03 -27.44
O6 MAN F . 36.67 19.61 -25.29
C1 NAG G . 17.04 25.26 9.79
C2 NAG G . 16.75 26.72 10.17
C3 NAG G . 17.89 27.29 11.00
C4 NAG G . 18.20 26.39 12.19
C5 NAG G . 18.45 24.97 11.69
C6 NAG G . 18.68 23.99 12.82
C7 NAG G . 15.31 27.92 8.59
C8 NAG G . 15.28 28.75 7.35
N2 NAG G . 16.53 27.52 8.99
O3 NAG G . 17.52 28.59 11.46
O4 NAG G . 19.34 26.88 12.86
O5 NAG G . 17.32 24.52 10.96
O6 NAG G . 18.33 22.67 12.41
O7 NAG G . 14.30 27.62 9.20
C1 NAG G . 19.11 27.03 14.27
C2 NAG G . 20.37 27.70 14.83
C3 NAG G . 20.23 27.92 16.32
C4 NAG G . 18.96 28.72 16.61
C5 NAG G . 17.75 28.04 15.97
C6 NAG G . 16.49 28.85 16.10
C7 NAG G . 21.63 25.59 14.70
C8 NAG G . 22.93 24.96 14.32
N2 NAG G . 21.55 26.92 14.53
O3 NAG G . 21.36 28.61 16.82
O4 NAG G . 18.76 28.81 18.02
O5 NAG G . 17.98 27.85 14.56
O6 NAG G . 16.55 30.03 15.31
O7 NAG G . 20.70 24.95 15.16
C1 BMA G . 19.13 30.14 18.47
C2 BMA G . 17.85 30.85 18.97
C3 BMA G . 18.21 32.24 19.47
C4 BMA G . 19.38 32.20 20.46
C5 BMA G . 20.57 31.40 19.91
C6 BMA G . 21.64 31.21 20.96
O2 BMA G . 17.31 30.15 20.08
O3 BMA G . 17.11 32.88 20.09
O4 BMA G . 19.81 33.52 20.75
O5 BMA G . 20.10 30.10 19.49
O6 BMA G . 22.79 30.65 20.36
C1 MAN G . 23.92 31.02 21.19
C2 MAN G . 25.15 30.15 20.77
C3 MAN G . 25.02 28.72 21.31
C4 MAN G . 24.70 28.73 22.81
C5 MAN G . 23.40 29.50 23.02
C6 MAN G . 22.95 29.56 24.47
O2 MAN G . 26.36 30.66 21.34
O3 MAN G . 26.20 27.96 21.07
O4 MAN G . 24.54 27.41 23.28
O5 MAN G . 23.59 30.86 22.58
O6 MAN G . 21.80 30.39 24.54
C1 NAG H . 37.91 15.27 29.58
C2 NAG H . 37.97 14.31 30.76
C3 NAG H . 36.98 14.73 31.86
C4 NAG H . 37.22 16.18 32.24
C5 NAG H . 37.11 17.06 30.99
C6 NAG H . 37.38 18.51 31.27
C7 NAG H . 38.61 12.14 29.82
C8 NAG H . 38.15 10.77 29.43
N2 NAG H . 37.69 12.94 30.34
O3 NAG H . 37.16 13.90 32.99
O4 NAG H . 36.28 16.60 33.22
O5 NAG H . 38.07 16.62 30.03
O6 NAG H . 38.78 18.78 31.30
O7 NAG H . 39.77 12.51 29.66
C1 NAG H . 36.89 16.41 34.50
C2 NAG H . 36.37 17.48 35.46
C3 NAG H . 36.94 17.27 36.86
C4 NAG H . 36.68 15.84 37.33
C5 NAG H . 37.22 14.85 36.31
C6 NAG H . 36.92 13.40 36.65
C7 NAG H . 35.78 19.68 34.55
C8 NAG H . 36.31 21.00 34.08
N2 NAG H . 36.70 18.81 34.97
O3 NAG H . 36.33 18.19 37.76
O4 NAG H . 37.33 15.61 38.58
O5 NAG H . 36.59 15.11 35.03
O6 NAG H . 35.66 13.27 37.27
O7 NAG H . 34.59 19.42 34.55
C1 NAG I . 7.07 -1.17 31.63
C2 NAG I . 6.41 -0.95 32.99
C3 NAG I . 7.28 -1.55 34.10
C4 NAG I . 7.65 -2.99 33.78
C5 NAG I . 8.24 -3.08 32.39
C6 NAG I . 8.52 -4.49 31.95
C7 NAG I . 4.97 1.00 33.35
C8 NAG I . 4.92 2.47 33.60
N2 NAG I . 6.19 0.46 33.24
O3 NAG I . 6.57 -1.50 35.33
O4 NAG I . 8.63 -3.45 34.70
O5 NAG I . 7.31 -2.54 31.43
O6 NAG I . 8.09 -4.72 30.61
O7 NAG I . 3.95 0.32 33.26
C1 NAG I . 8.01 -4.31 35.66
C2 NAG I . 9.01 -5.39 36.05
C3 NAG I . 8.42 -6.30 37.12
C4 NAG I . 7.94 -5.46 38.30
C5 NAG I . 6.97 -4.40 37.82
C6 NAG I . 6.53 -3.45 38.91
C7 NAG I . 10.53 -5.89 34.19
C8 NAG I . 10.82 -6.79 33.03
N2 NAG I . 9.43 -6.17 34.89
O3 NAG I . 9.40 -7.23 37.55
O4 NAG I . 7.31 -6.29 39.27
O5 NAG I . 7.60 -3.59 36.82
O6 NAG I . 7.63 -2.80 39.51
O7 NAG I . 11.26 -4.95 34.48
C1 BMA I . 7.73 -5.87 40.58
C2 BMA I . 6.98 -6.70 41.63
C3 BMA I . 7.43 -6.29 43.02
C4 BMA I . 8.97 -6.29 43.14
C5 BMA I . 9.60 -5.50 42.00
C6 BMA I . 11.12 -5.57 42.00
O2 BMA I . 7.27 -8.08 41.48
O3 BMA I . 6.86 -7.12 44.02
O4 BMA I . 9.34 -5.71 44.38
O5 BMA I . 9.14 -6.04 40.76
O6 BMA I . 11.50 -6.92 41.91
C1 NAG J . 1.44 -30.93 12.77
C2 NAG J . 0.83 -32.25 13.21
C3 NAG J . 1.93 -33.23 13.61
C4 NAG J . 2.99 -33.33 12.54
C5 NAG J . 3.45 -31.93 12.09
C6 NAG J . 4.39 -31.96 10.91
C7 NAG J . -1.38 -31.67 14.12
C8 NAG J . -2.19 -31.51 15.36
N2 NAG J . -0.10 -32.05 14.30
O3 NAG J . 1.36 -34.52 13.85
O4 NAG J . 4.14 -33.99 13.06
O5 NAG J . 2.31 -31.15 11.70
O6 NAG J . 3.75 -32.51 9.77
O7 NAG J . -1.83 -31.46 13.01
C1 NAG J . 3.98 -35.40 13.05
C2 NAG J . 5.35 -35.98 12.73
C3 NAG J . 5.34 -37.49 12.81
C4 NAG J . 4.77 -37.95 14.14
C5 NAG J . 3.42 -37.30 14.37
C6 NAG J . 2.83 -37.61 15.74
C7 NAG J . 6.69 -34.56 11.24
C8 NAG J . 7.03 -34.23 9.82
N2 NAG J . 5.81 -35.54 11.42
O3 NAG J . 6.67 -37.97 12.66
O4 NAG J . 4.61 -39.36 14.13
O5 NAG J . 3.54 -35.88 14.30
O6 NAG J . 1.56 -37.01 15.89
O7 NAG J . 7.20 -33.96 12.18
C1 BMA J . 5.54 -39.95 15.05
C2 BMA J . 4.93 -41.28 15.47
C3 BMA J . 5.91 -42.07 16.31
C4 BMA J . 7.29 -42.13 15.65
C5 BMA J . 7.76 -40.73 15.29
C6 BMA J . 9.08 -40.73 14.56
O2 BMA J . 4.65 -42.07 14.33
O3 BMA J . 5.43 -43.38 16.55
O4 BMA J . 8.21 -42.73 16.54
O5 BMA J . 6.79 -40.14 14.43
O6 BMA J . 8.86 -41.17 13.25
C1 MAN J . 10.12 -41.44 12.62
C2 MAN J . 9.84 -41.83 11.16
C3 MAN J . 9.14 -43.18 11.12
C4 MAN J . 9.95 -44.22 11.90
C5 MAN J . 10.13 -43.73 13.34
C6 MAN J . 10.95 -44.67 14.19
O2 MAN J . 11.05 -42.01 10.45
O3 MAN J . 8.91 -43.63 9.79
O4 MAN J . 9.25 -45.44 11.91
O5 MAN J . 10.80 -42.46 13.32
O6 MAN J . 12.24 -44.82 13.61
C1 MAN J . 12.64 -46.20 13.78
C2 MAN J . 13.78 -46.26 14.85
C3 MAN J . 15.12 -45.82 14.27
C4 MAN J . 15.38 -46.46 12.91
C5 MAN J . 14.21 -46.13 11.99
C6 MAN J . 14.40 -46.67 10.60
O2 MAN J . 13.99 -47.59 15.31
O3 MAN J . 16.19 -46.12 15.16
O4 MAN J . 16.57 -45.96 12.34
O5 MAN J . 13.05 -46.75 12.54
O6 MAN J . 13.86 -47.98 10.56
C1 NAG K . 7.68 -23.01 -22.59
C2 NAG K . 7.08 -23.84 -23.72
C3 NAG K . 8.18 -24.54 -24.50
C4 NAG K . 9.26 -23.56 -24.93
C5 NAG K . 9.72 -22.69 -23.76
C6 NAG K . 10.63 -21.57 -24.19
C7 NAG K . 4.84 -24.82 -23.52
C8 NAG K . 4.01 -25.89 -22.90
N2 NAG K . 6.13 -24.81 -23.20
O3 NAG K . 7.61 -25.15 -25.65
O4 NAG K . 10.39 -24.29 -25.39
O5 NAG K . 8.59 -22.08 -23.13
O6 NAG K . 10.87 -20.67 -23.12
O7 NAG K . 4.35 -23.98 -24.27
C1 NAG K . 10.51 -24.18 -26.81
C2 NAG K . 11.99 -24.27 -27.13
C3 NAG K . 12.22 -24.25 -28.64
C4 NAG K . 11.40 -25.34 -29.31
C5 NAG K . 9.94 -25.23 -28.88
C6 NAG K . 9.09 -26.39 -29.38
C7 NAG K . 13.77 -23.40 -25.68
C8 NAG K . 14.41 -22.17 -25.10
N2 NAG K . 12.73 -23.19 -26.49
O3 NAG K . 13.60 -24.43 -28.91
O4 NAG K . 11.49 -25.24 -30.71
O5 NAG K . 9.84 -25.24 -27.45
O6 NAG K . 8.29 -25.99 -30.48
O7 NAG K . 14.20 -24.53 -25.44
C1 BMA K . 12.32 -26.31 -31.19
C2 BMA K . 11.81 -26.70 -32.59
C3 BMA K . 12.74 -27.74 -33.19
C4 BMA K . 14.19 -27.24 -33.16
C5 BMA K . 14.58 -26.88 -31.72
C6 BMA K . 15.97 -26.29 -31.63
O2 BMA K . 11.84 -25.57 -33.45
O3 BMA K . 12.37 -28.06 -34.53
O4 BMA K . 15.06 -28.25 -33.66
O5 BMA K . 13.67 -25.89 -31.23
O6 BMA K . 15.86 -24.90 -31.92
C1 MAN K . 17.18 -24.30 -31.84
C2 MAN K . 17.02 -22.78 -32.20
C3 MAN K . 16.95 -22.55 -33.72
C4 MAN K . 18.00 -23.38 -34.45
C5 MAN K . 17.75 -24.84 -34.09
C6 MAN K . 18.60 -25.82 -34.87
O2 MAN K . 18.12 -22.02 -31.74
O3 MAN K . 17.11 -21.18 -34.04
O4 MAN K . 17.88 -23.21 -35.85
O5 MAN K . 18.06 -24.98 -32.70
O6 MAN K . 19.98 -25.56 -34.63
C1 MAN K . 20.68 -25.82 -35.87
C2 MAN K . 21.79 -26.94 -35.59
C3 MAN K . 23.14 -26.34 -35.15
C4 MAN K . 23.48 -25.07 -35.91
C5 MAN K . 22.34 -24.09 -35.71
C6 MAN K . 22.61 -22.73 -36.28
O2 MAN K . 22.07 -27.68 -36.78
O3 MAN K . 24.19 -27.29 -35.29
O4 MAN K . 24.68 -24.52 -35.43
O5 MAN K . 21.21 -24.61 -36.40
O6 MAN K . 21.36 -22.07 -36.45
O13 SCK L . 37.51 11.22 -6.33
C12 SCK L . 37.76 11.94 -7.26
O14 SCK L . 36.84 12.41 -8.11
C15 SCK L . 35.46 12.08 -7.81
C16 SCK L . 34.47 13.03 -8.46
N17 SCK L . 34.47 13.08 -9.97
C20 SCK L . 34.60 11.70 -10.52
C19 SCK L . 35.60 13.92 -10.47
C18 SCK L . 33.18 13.67 -10.44
C11 SCK L . 39.12 12.48 -7.56
C6 SCK L . 39.06 13.92 -8.03
C5 SCK L . 39.12 14.90 -6.89
O7 SCK L . 38.29 15.00 -6.04
O4 SCK L . 40.24 15.63 -6.92
C3 SCK L . 40.69 16.16 -5.64
C2 SCK L . 40.11 17.53 -5.37
N1 SCK L . 41.04 18.70 -5.59
C8 SCK L . 40.31 19.98 -5.35
C9 SCK L . 42.19 18.63 -4.63
C10 SCK L . 41.57 18.70 -6.99
C1 CLR M . -32.08 33.48 -15.11
C2 CLR M . -33.22 33.94 -14.20
C3 CLR M . -34.57 33.73 -14.92
C4 CLR M . -34.76 32.23 -15.25
C5 CLR M . -33.59 31.64 -16.01
C6 CLR M . -33.83 30.84 -17.06
C7 CLR M . -32.72 30.18 -17.92
C8 CLR M . -31.31 30.33 -17.29
C9 CLR M . -31.15 31.74 -16.65
C10 CLR M . -32.17 31.99 -15.51
C11 CLR M . -29.71 32.07 -16.23
C12 CLR M . -28.64 31.70 -17.28
C13 CLR M . -28.78 30.24 -17.79
C14 CLR M . -30.24 30.12 -18.34
C15 CLR M . -30.18 28.79 -19.14
C16 CLR M . -28.80 28.82 -19.81
C17 CLR M . -27.94 29.86 -19.07
C18 CLR M . -28.50 29.24 -16.66
C19 CLR M . -31.82 31.12 -14.26
C20 CLR M . -26.50 29.37 -18.92
C21 CLR M . -25.52 30.42 -18.33
C22 CLR M . -25.96 28.85 -20.29
C23 CLR M . -24.75 27.95 -20.12
C24 CLR M . -24.07 27.52 -21.47
C25 CLR M . -22.90 26.56 -21.16
C26 CLR M . -21.94 27.31 -20.20
C27 CLR M . -22.21 25.95 -22.41
O1 CLR M . -35.68 34.31 -14.26
C1 NAG N . 64.60 16.11 -3.91
C2 NAG N . 65.28 16.99 -2.87
C3 NAG N . 66.23 17.99 -3.57
C4 NAG N . 67.20 17.24 -4.48
C5 NAG N . 66.43 16.35 -5.44
C6 NAG N . 67.33 15.49 -6.29
C7 NAG N . 64.26 17.60 -0.73
C8 NAG N . 63.18 18.39 -0.06
N2 NAG N . 64.32 17.70 -2.06
O3 NAG N . 66.94 18.71 -2.58
O4 NAG N . 67.97 18.18 -5.23
O5 NAG N . 65.58 15.46 -4.71
O6 NAG N . 67.50 14.20 -5.73
O7 NAG N . 65.04 16.89 -0.10
N POV O . -1.11 24.73 15.11
P POV O . -5.25 24.20 14.52
C1 POV O . -7.01 23.24 12.81
C2 POV O . -8.47 22.78 12.76
C3 POV O . -8.53 21.27 13.00
C310 POV O . -16.18 20.15 15.09
C11 POV O . -2.88 23.13 14.65
O11 POV O . -6.67 23.44 14.15
C311 POV O . -15.13 19.63 16.06
C12 POV O . -1.70 23.90 14.07
O12 POV O . -4.00 23.35 13.86
C13 POV O . -2.06 25.74 15.52
O13 POV O . -5.09 24.21 16.02
C14 POV O . -0.75 23.92 16.26
O14 POV O . -5.25 25.61 14.00
C15 POV O . 0.08 25.38 14.59
C21 POV O . -9.69 24.33 11.51
O21 POV O . -9.03 23.10 11.52
C22 POV O . -10.76 24.62 10.47
O22 POV O . -9.43 25.17 12.30
C23 POV O . -11.43 25.96 10.77
C24 POV O . -12.54 25.78 11.80
C25 POV O . -13.31 24.49 11.53
C26 POV O . -14.81 24.76 11.64
C27 POV O . -15.22 25.86 10.67
C28 POV O . -16.73 26.03 10.67
C31 POV O . -7.95 20.77 15.26
O31 POV O . -7.54 20.89 13.92
C32 POV O . -9.33 20.17 15.60
O32 POV O . -7.24 21.11 16.13
C33 POV O . -10.12 21.14 16.46
C34 POV O . -10.72 22.25 15.59
C35 POV O . -12.08 21.81 15.06
C36 POV O . -12.02 21.68 13.54
C37 POV O . -13.24 20.92 13.03
C38 POV O . -14.49 21.40 13.76
C39 POV O . -15.55 20.31 13.71
C1 DD9 P . -61.73 15.69 -7.76
C2 DD9 P . -62.64 16.89 -7.45
C3 DD9 P . -63.90 16.81 -8.30
C4 DD9 P . -64.76 18.04 -8.05
C5 DD9 P . -65.96 18.03 -8.98
C6 DD9 P . -67.00 19.02 -8.46
C7 DD9 P . -68.29 18.85 -9.26
C8 DD9 P . -69.32 19.85 -8.74
C9 DD9 P . -70.60 19.70 -9.57
C1 CLR Q . -43.46 -2.96 15.50
C2 CLR Q . -44.25 -3.54 14.33
C3 CLR Q . -45.54 -2.73 14.08
C4 CLR Q . -45.21 -1.25 13.85
C5 CLR Q . -44.32 -0.67 14.94
C6 CLR Q . -44.68 0.47 15.56
C7 CLR Q . -43.86 1.14 16.67
C8 CLR Q . -42.43 0.57 16.78
C9 CLR Q . -42.35 -0.96 16.57
C10 CLR Q . -43.04 -1.48 15.27
C11 CLR Q . -40.90 -1.47 16.74
C12 CLR Q . -40.19 -0.97 18.01
C13 CLR Q . -40.37 0.55 18.28
C14 CLR Q . -41.90 0.79 18.17
C15 CLR Q . -42.10 2.14 18.92
C16 CLR Q . -41.26 1.91 20.18
C17 CLR Q . -40.05 1.05 19.74
C18 CLR Q . -39.62 1.35 17.21
C19 CLR Q . -42.06 -1.42 14.05
C20 CLR Q . -38.73 1.78 20.02
C21 CLR Q . -37.53 0.81 20.18
C22 CLR Q . -38.86 2.72 21.29
C23 CLR Q . -37.53 3.06 21.98
C24 CLR Q . -37.52 4.44 22.75
C25 CLR Q . -38.21 4.30 24.13
C26 CLR Q . -37.32 5.05 25.16
C27 CLR Q . -39.69 4.73 24.16
O1 CLR Q . -46.35 -3.26 13.04
N POV R . -16.63 -7.96 21.50
P POV R . -16.92 -3.49 20.07
C1 POV R . -19.00 -2.01 20.62
C2 POV R . -19.50 -0.74 21.28
C3 POV R . -18.54 -0.29 22.39
C310 POV R . -28.10 5.38 28.42
C11 POV R . -15.85 -5.70 20.92
O11 POV R . -17.61 -2.17 20.77
C311 POV R . -29.09 4.27 28.06
C12 POV R . -16.93 -6.54 21.61
O12 POV R . -16.08 -4.35 21.19
C13 POV R . -17.68 -8.72 22.14
O13 POV R . -15.97 -3.02 18.98
C14 POV R . -15.36 -8.25 22.14
O14 POV R . -17.98 -4.36 19.45
C15 POV R . -16.58 -8.33 20.09
C21 POV R . -21.82 -0.64 20.98
O21 POV R . -20.76 -0.98 21.83
C22 POV R . -23.25 -0.55 21.50
O22 POV R . -21.61 -0.41 19.84
C23 POV R . -23.98 0.56 20.75
C24 POV R . -25.48 0.46 20.98
C25 POV R . -26.19 1.38 19.98
C26 POV R . -27.63 1.60 20.42
C31 POV R . -19.08 1.57 23.74
O31 POV R . -19.29 0.21 23.46
C32 POV R . -19.84 2.25 24.88
O32 POV R . -18.30 2.18 23.11
C33 POV R . -21.03 3.03 24.32
C34 POV R . -21.78 3.71 25.47
C35 POV R . -23.11 4.25 24.96
C36 POV R . -23.99 4.67 26.13
C37 POV R . -25.46 4.50 25.75
C38 POV R . -26.31 4.33 27.02
C39 POV R . -27.13 5.58 27.25
N POV S . -47.15 24.02 19.08
P POV S . -42.60 23.29 17.34
C1 POV S . -40.76 21.63 16.49
C2 POV S . -39.57 21.97 15.59
C3 POV S . -38.45 20.98 15.89
C310 POV S . -27.79 17.45 14.65
C11 POV S . -45.18 23.45 17.74
O11 POV S . -41.85 22.43 16.15
C311 POV S . -26.97 17.56 15.93
C12 POV S . -45.97 23.18 19.02
O12 POV S . -44.06 22.61 17.69
C13 POV S . -47.78 23.87 20.38
O13 POV S . -41.74 23.30 18.58
C14 POV S . -48.09 23.60 18.05
O14 POV S . -42.81 24.71 16.88
C15 POV S . -46.80 25.41 18.88
C21 POV S . -39.61 24.27 15.05
O21 POV S . -39.11 23.26 15.88
C22 POV S . -38.94 25.64 15.04
O22 POV S . -40.54 24.07 14.36
C23 POV S . -37.75 25.63 14.07
C24 POV S . -36.51 25.07 14.76
C25 POV S . -35.27 25.44 13.94
C26 POV S . -34.26 24.30 13.97
C31 POV S . -36.57 20.62 17.25
O31 POV S . -37.56 21.53 16.82
C32 POV S . -35.10 20.97 17.11
O32 POV S . -36.88 19.58 17.72
C33 POV S . -34.51 20.17 15.95
C34 POV S . -33.54 21.05 15.16
C35 POV S . -32.90 20.23 14.05
C36 POV S . -31.63 19.58 14.58
C37 POV S . -31.43 18.24 13.89
C38 POV S . -29.94 18.05 13.56
C39 POV S . -29.12 18.17 14.84
O13 SCK T . 24.60 -32.68 0.05
C12 SCK T . 24.15 -33.76 0.28
O14 SCK T . 22.85 -34.00 0.48
C15 SCK T . 22.09 -32.92 1.08
C16 SCK T . 20.61 -33.09 0.84
N17 SCK T . 19.85 -33.81 1.94
C20 SCK T . 19.73 -32.91 3.11
C19 SCK T . 20.56 -35.05 2.35
C18 SCK T . 18.49 -34.19 1.45
C11 SCK T . 24.95 -35.03 0.32
C6 SCK T . 24.13 -36.29 0.57
C5 SCK T . 23.82 -37.02 -0.70
O7 SCK T . 22.88 -36.79 -1.41
O4 SCK T . 24.73 -37.97 -0.96
C3 SCK T . 25.39 -37.88 -2.24
C2 SCK T . 24.69 -38.65 -3.32
N1 SCK T . 25.31 -39.98 -3.70
C8 SCK T . 24.41 -40.70 -4.65
C9 SCK T . 26.61 -39.72 -4.37
C10 SCK T . 25.53 -40.82 -2.49
N POV U . -48.25 -10.85 -17.45
P POV U . -43.75 -8.86 -16.98
C1 POV U . -43.41 -8.79 -14.40
C2 POV U . -42.74 -9.50 -13.22
C3 POV U . -41.55 -8.68 -12.75
C310 POV U . -30.18 -13.24 -14.45
C11 POV U . -46.06 -9.79 -17.78
O11 POV U . -43.07 -9.44 -15.59
C311 POV U . -29.26 -12.42 -15.36
C12 POV U . -46.82 -11.08 -17.46
O12 POV U . -44.69 -10.03 -17.63
C13 POV U . -48.65 -10.29 -18.73
O13 POV U . -42.64 -8.51 -17.95
C14 POV U . -48.59 -9.93 -16.39
O14 POV U . -44.57 -7.64 -16.68
C15 POV U . -48.93 -12.11 -17.24
C21 POV U . -42.45 -11.77 -12.72
O21 POV U . -42.29 -10.75 -13.66
C22 POV U . -42.23 -13.23 -13.13
O22 POV U . -42.75 -11.52 -11.60
C23 POV U . -41.85 -14.05 -11.91
C24 POV U . -40.39 -13.81 -11.53
C25 POV U . -40.05 -14.68 -10.33
C26 POV U . -38.75 -14.21 -9.68
C31 POV U . -39.29 -9.28 -12.72
O31 POV U . -40.43 -9.06 -13.49
C32 POV U . -38.46 -10.53 -12.96
O32 POV U . -38.97 -8.51 -11.87
C33 POV U . -36.97 -10.23 -12.79
C34 POV U . -36.20 -11.52 -13.02
C35 POV U . -34.84 -11.20 -13.65
C36 POV U . -34.06 -12.50 -13.79
C37 POV U . -32.75 -12.23 -14.54
C38 POV U . -31.78 -11.51 -13.61
C39 POV U . -30.60 -12.40 -13.25
C1 CLR V . -47.57 -13.85 -12.44
C2 CLR V . -48.24 -13.19 -13.64
C3 CLR V . -49.42 -12.32 -13.12
C4 CLR V . -48.93 -11.24 -12.13
C5 CLR V . -47.98 -11.77 -11.05
C6 CLR V . -48.08 -11.29 -9.79
C7 CLR V . -47.20 -11.74 -8.63
C8 CLR V . -46.00 -12.62 -9.08
C9 CLR V . -46.39 -13.57 -10.25
C10 CLR V . -46.93 -12.80 -11.50
C11 CLR V . -45.27 -14.56 -10.62
C12 CLR V . -44.59 -15.25 -9.42
C13 CLR V . -44.23 -14.27 -8.26
C14 CLR V . -45.53 -13.50 -7.95
C15 CLR V . -45.20 -12.89 -6.57
C16 CLR V . -44.66 -14.11 -5.82
C17 CLR V . -43.89 -14.93 -6.88
C18 CLR V . -43.11 -13.32 -8.70
C19 CLR V . -45.79 -12.08 -12.26
C20 CLR V . -42.41 -15.10 -6.50
C21 CLR V . -41.94 -16.58 -6.54
C22 CLR V . -42.09 -14.44 -5.10
C23 CLR V . -41.92 -15.47 -3.97
C24 CLR V . -42.29 -14.89 -2.55
C25 CLR V . -41.90 -15.94 -1.48
C26 CLR V . -43.04 -16.99 -1.45
C27 CLR V . -40.49 -16.53 -1.65
O1 CLR V . -50.22 -11.77 -14.16
C1 NAG W . 47.34 -47.94 -2.84
C2 NAG W . 48.08 -48.19 -4.14
C3 NAG W . 48.48 -49.66 -4.23
C4 NAG W . 49.25 -50.08 -2.99
C5 NAG W . 48.45 -49.75 -1.73
C6 NAG W . 49.20 -50.03 -0.46
C7 NAG W . 46.06 -48.29 -5.53
C8 NAG W . 45.37 -47.78 -6.76
N2 NAG W . 47.28 -47.80 -5.28
O3 NAG W . 49.28 -49.86 -5.39
O4 NAG W . 49.49 -51.49 -3.02
O5 NAG W . 48.13 -48.35 -1.73
O6 NAG W . 49.01 -48.99 0.49
O7 NAG W . 45.53 -49.11 -4.77
N POV X . -39.56 8.67 -36.45
P POV X . -39.21 7.25 -31.87
C1 POV X . -38.87 5.98 -29.60
C2 POV X . -37.38 5.74 -29.42
C3 POV X . -37.13 4.29 -29.04
C11 POV X . -40.11 8.08 -34.16
O11 POV X . -39.19 5.88 -30.96
C12 POV X . -39.89 7.56 -35.58
O12 POV X . -40.09 7.02 -33.24
C13 POV X . -38.36 9.34 -35.96
O13 POV X . -37.81 7.60 -32.30
C14 POV X . -40.66 9.62 -36.49
O14 POV X . -39.80 8.40 -31.07
C15 POV X . -39.31 8.18 -37.79
C21 POV X . -36.29 7.74 -28.90
O21 POV X . -36.85 6.56 -28.40
C22 POV X . -35.07 8.37 -28.23
O22 POV X . -36.76 8.26 -29.85
C23 POV X . -33.86 7.47 -28.44
C24 POV X . -33.61 7.30 -29.93
C31 POV X . -35.27 2.89 -28.74
O31 POV X . -35.80 4.17 -28.58
C32 POV X . -33.76 2.68 -28.62
O32 POV X . -35.98 1.96 -28.97
C33 POV X . -33.50 1.59 -27.60
C34 POV X . -32.60 2.15 -26.50
C35 POV X . -31.24 2.48 -27.11
C36 POV X . -30.26 2.82 -26.00
C37 POV X . -29.69 1.54 -25.41
C38 POV X . -28.75 0.89 -26.41
C39 POV X . -27.51 1.77 -26.54
#